data_3ZNL
#
_entry.id   3ZNL
#
_cell.length_a   175.980
_cell.length_b   101.600
_cell.length_c   161.370
_cell.angle_alpha   90.00
_cell.angle_beta   111.32
_cell.angle_gamma   90.00
#
_symmetry.space_group_name_H-M   'C 1 2 1'
#
loop_
_entity.id
_entity.type
_entity.pdbx_description
1 polymer HAEMAGGLUTININ
2 polymer HAEMAGGLUTININ
3 branched 'N-acetyl-alpha-neuraminic acid-(2-3)-alpha-D-galactopyranose-(1-4)-[alpha-L-fucopyranose-(1-3)]2-acetamido-2-deoxy-6-O-sulfo-beta-D-glucopyranose'
4 non-polymer 2-acetamido-2-deoxy-beta-D-glucopyranose
5 non-polymer '4-(2-HYDROXYETHYL)-1-PIPERAZINE ETHANESULFONIC ACID'
6 water water
#
loop_
_entity_poly.entity_id
_entity_poly.type
_entity_poly.pdbx_seq_one_letter_code
_entity_poly.pdbx_strand_id
1 'polypeptide(L)'
;DQICIGYHANNSTEQVDTIMEKNVTVTHAQDILEKTHNGKLCDLDGVKPLILRDCSVAGWLLGNPMCDEFINVPEWSYIV
EKANPVNDLCYPGDFNDYEELKHLLSRINHFEKIQIIPKSSWSSHEASLGVSSACPYQGKSSFFRNVVWLIKKNSTYPTI
KRSYNNTNQEDLLVLWGIHHPNDAAEQTKLYQNPTTYISVGTSTLNQRLVPRIATRSKVNGQSGRMEFFWTILKPNDAIN
FESNGNFIAPEYAYKIVKKGDSTIMKSELEYGNCNTKCQTPMGAINSSMPFHNIHPLTIGECPKYVKSNRLVLATGLRNS
PQRETR
;
A,C,E
2 'polypeptide(L)'
;GLFGAIAGFIEGGWQGMVDGWYGYHHSNEQGSGYAADKESTQKAIDGVTNKVNSIIDKMNTQFEAVGREFNNLERRIENL
NKKMEDGFLDVWTYNAELLVLMENERTLDFHDSNVKNLYDKVRLQLRDNAKELGNGCFEFYHKCDNECMESVRNGTYDYP
QYSEEA
;
B,D,F
#
# COMPACT_ATOMS: atom_id res chain seq x y z
N ASP A 1 3.01 66.28 1.83
CA ASP A 1 2.68 65.20 2.79
C ASP A 1 2.22 63.94 2.06
N GLN A 2 2.56 62.77 2.60
CA GLN A 2 2.19 61.50 1.99
C GLN A 2 2.08 60.35 2.98
N ILE A 3 1.22 59.39 2.64
CA ILE A 3 1.09 58.15 3.39
C ILE A 3 1.34 56.98 2.45
N CYS A 4 2.10 55.99 2.91
CA CYS A 4 2.45 54.84 2.08
C CYS A 4 1.96 53.56 2.72
N ILE A 5 1.72 52.55 1.89
CA ILE A 5 1.42 51.21 2.38
C ILE A 5 2.60 50.32 2.05
N GLY A 6 2.97 49.47 3.01
CA GLY A 6 4.14 48.62 2.86
C GLY A 6 4.13 47.45 3.80
N TYR A 7 5.20 46.67 3.76
CA TYR A 7 5.24 45.40 4.45
C TYR A 7 6.57 45.17 5.14
N HIS A 8 6.59 44.18 6.03
CA HIS A 8 7.72 43.92 6.92
C HIS A 8 8.91 43.33 6.16
N ALA A 9 10.11 43.72 6.57
CA ALA A 9 11.35 43.05 6.16
C ALA A 9 12.21 42.89 7.39
N ASN A 10 13.21 42.01 7.31
CA ASN A 10 14.10 41.78 8.43
C ASN A 10 15.42 41.15 8.00
N ASN A 11 16.28 40.82 8.96
CA ASN A 11 17.59 40.27 8.69
C ASN A 11 17.61 38.73 8.59
N SER A 12 16.45 38.13 8.35
CA SER A 12 16.31 36.67 8.22
C SER A 12 16.90 36.18 6.90
N THR A 13 17.51 35.00 6.93
CA THR A 13 18.02 34.32 5.73
C THR A 13 17.36 32.97 5.50
N GLU A 14 16.32 32.66 6.29
CA GLU A 14 15.59 31.40 6.12
C GLU A 14 14.92 31.35 4.75
N GLN A 15 15.05 30.21 4.07
CA GLN A 15 14.49 30.04 2.74
C GLN A 15 13.46 28.92 2.72
N VAL A 16 12.52 29.00 1.79
CA VAL A 16 11.55 27.94 1.58
C VAL A 16 11.42 27.68 0.09
N ASP A 17 10.98 26.47 -0.26
CA ASP A 17 10.73 26.12 -1.66
C ASP A 17 9.24 26.21 -1.97
N THR A 18 8.95 26.51 -3.23
CA THR A 18 7.60 26.50 -3.78
C THR A 18 7.67 25.77 -5.11
N ILE A 19 6.52 25.61 -5.77
CA ILE A 19 6.48 24.91 -7.05
C ILE A 19 7.31 25.65 -8.12
N MET A 20 7.07 26.96 -8.24
CA MET A 20 7.69 27.75 -9.31
C MET A 20 9.06 28.32 -8.96
N GLU A 21 9.39 28.38 -7.68
CA GLU A 21 10.64 28.99 -7.25
C GLU A 21 11.21 28.29 -6.02
N LYS A 22 12.52 28.08 -6.03
CA LYS A 22 13.20 27.44 -4.92
C LYS A 22 14.11 28.44 -4.23
N ASN A 23 14.42 28.16 -2.96
CA ASN A 23 15.31 29.00 -2.16
C ASN A 23 14.82 30.45 -2.06
N VAL A 24 13.53 30.60 -1.77
CA VAL A 24 12.91 31.92 -1.56
C VAL A 24 13.13 32.38 -0.12
N THR A 25 13.84 33.50 0.07
CA THR A 25 14.13 34.00 1.41
C THR A 25 12.89 34.64 2.02
N VAL A 26 12.52 34.19 3.22
CA VAL A 26 11.32 34.69 3.91
C VAL A 26 11.66 35.28 5.26
N THR A 27 10.75 36.08 5.79
CA THR A 27 10.96 36.75 7.07
C THR A 27 10.77 35.80 8.23
N HIS A 28 9.86 34.86 8.10
CA HIS A 28 9.62 33.86 9.15
C HIS A 28 9.31 32.50 8.53
N ALA A 29 9.73 31.45 9.20
CA ALA A 29 9.50 30.10 8.72
C ALA A 29 9.32 29.16 9.90
N GLN A 30 8.95 27.92 9.62
CA GLN A 30 8.82 26.90 10.66
C GLN A 30 9.27 25.54 10.14
N ASP A 31 10.42 25.09 10.63
CA ASP A 31 10.90 23.74 10.36
C ASP A 31 9.97 22.75 11.08
N ILE A 32 9.53 21.74 10.35
CA ILE A 32 8.63 20.72 10.89
C ILE A 32 9.22 19.29 10.85
N LEU A 33 10.48 19.18 10.43
CA LEU A 33 11.16 17.91 10.32
C LEU A 33 12.22 17.79 11.41
N GLU A 34 12.09 16.77 12.27
CA GLU A 34 13.11 16.49 13.28
C GLU A 34 14.24 15.68 12.65
N LYS A 35 15.45 16.23 12.71
CA LYS A 35 16.60 15.65 12.01
C LYS A 35 17.64 15.01 12.93
N THR A 36 17.50 15.16 14.24
CA THR A 36 18.54 14.69 15.20
C THR A 36 18.06 13.64 16.19
N HIS A 37 19.02 12.90 16.74
CA HIS A 37 18.79 11.92 17.81
C HIS A 37 20.03 11.88 18.71
N ASN A 38 19.89 11.29 19.90
CA ASN A 38 21.02 11.21 20.86
C ASN A 38 22.01 10.08 20.54
N GLY A 39 21.62 9.16 19.67
CA GLY A 39 22.51 8.09 19.19
C GLY A 39 22.58 6.89 20.12
N LYS A 40 21.60 6.77 21.01
CA LYS A 40 21.64 5.78 22.08
C LYS A 40 20.34 4.98 22.18
N LEU A 41 20.49 3.73 22.66
CA LEU A 41 19.35 2.88 23.00
C LEU A 41 18.99 3.16 24.46
N CYS A 42 17.70 3.31 24.74
CA CYS A 42 17.26 3.97 25.97
C CYS A 42 15.97 3.44 26.55
N ASP A 43 15.78 3.71 27.85
CA ASP A 43 14.56 3.35 28.55
C ASP A 43 13.39 4.10 27.95
N LEU A 44 12.29 3.40 27.72
CA LEU A 44 11.08 4.00 27.16
C LEU A 44 10.07 4.25 28.28
N ASP A 45 9.79 5.52 28.53
CA ASP A 45 8.83 5.91 29.57
C ASP A 45 9.26 5.39 30.94
N GLY A 46 10.58 5.34 31.16
CA GLY A 46 11.17 4.78 32.38
C GLY A 46 11.47 3.29 32.31
N VAL A 47 10.72 2.55 31.48
CA VAL A 47 10.80 1.09 31.42
C VAL A 47 11.95 0.63 30.52
N LYS A 48 12.88 -0.13 31.08
CA LYS A 48 14.10 -0.52 30.37
C LYS A 48 13.85 -1.54 29.27
N PRO A 49 14.59 -1.41 28.14
CA PRO A 49 14.51 -2.45 27.11
C PRO A 49 15.24 -3.73 27.51
N LEU A 50 14.76 -4.86 27.04
CA LEU A 50 15.46 -6.12 27.18
C LEU A 50 16.55 -6.17 26.11
N ILE A 51 17.79 -5.90 26.51
CA ILE A 51 18.91 -5.93 25.58
C ILE A 51 19.58 -7.31 25.65
N LEU A 52 19.37 -8.12 24.63
CA LEU A 52 19.92 -9.48 24.58
C LEU A 52 21.43 -9.51 24.32
N ARG A 53 21.99 -8.35 23.98
CA ARG A 53 23.42 -8.23 23.66
C ARG A 53 23.77 -9.20 22.52
N ASP A 54 24.61 -10.20 22.77
CA ASP A 54 25.03 -11.16 21.73
C ASP A 54 24.17 -12.42 21.69
N CYS A 55 23.25 -12.58 22.65
CA CYS A 55 22.30 -13.68 22.62
C CYS A 55 21.14 -13.37 21.68
N SER A 56 20.57 -14.41 21.07
CA SER A 56 19.36 -14.28 20.25
C SER A 56 18.13 -14.57 21.11
N VAL A 57 16.96 -14.51 20.49
CA VAL A 57 15.70 -14.79 21.18
C VAL A 57 15.62 -16.29 21.50
N ALA A 58 16.03 -17.12 20.53
CA ALA A 58 16.08 -18.56 20.71
C ALA A 58 16.99 -18.95 21.88
N GLY A 59 18.21 -18.41 21.87
CA GLY A 59 19.17 -18.68 22.93
C GLY A 59 18.65 -18.30 24.30
N TRP A 60 18.03 -17.13 24.40
CA TRP A 60 17.42 -16.69 25.65
C TRP A 60 16.33 -17.66 26.10
N LEU A 61 15.38 -17.93 25.21
CA LEU A 61 14.21 -18.74 25.56
C LEU A 61 14.52 -20.21 25.81
N LEU A 62 15.43 -20.78 25.02
CA LEU A 62 15.88 -22.17 25.27
C LEU A 62 16.81 -22.27 26.48
N GLY A 63 17.33 -21.13 26.93
CA GLY A 63 18.21 -21.11 28.09
C GLY A 63 19.62 -21.55 27.74
N ASN A 64 20.13 -21.04 26.62
CA ASN A 64 21.53 -21.25 26.24
C ASN A 64 22.43 -20.78 27.39
N PRO A 65 23.43 -21.60 27.78
CA PRO A 65 24.26 -21.31 28.96
C PRO A 65 25.04 -19.99 28.89
N MET A 66 25.28 -19.48 27.68
CA MET A 66 25.91 -18.17 27.50
C MET A 66 24.91 -17.02 27.77
N CYS A 67 23.63 -17.35 27.81
CA CYS A 67 22.57 -16.38 28.06
C CYS A 67 22.08 -16.46 29.51
N ASP A 68 23.02 -16.69 30.42
CA ASP A 68 22.74 -16.73 31.85
C ASP A 68 22.26 -15.39 32.40
N GLU A 69 22.63 -14.30 31.74
CA GLU A 69 22.13 -12.98 32.12
C GLU A 69 20.60 -12.94 32.05
N PHE A 70 20.04 -13.66 31.08
CA PHE A 70 18.61 -13.56 30.77
C PHE A 70 17.76 -14.69 31.36
N ILE A 71 18.23 -15.28 32.46
CA ILE A 71 17.39 -16.12 33.31
C ILE A 71 16.51 -15.22 34.20
N ASN A 72 15.21 -15.49 34.23
CA ASN A 72 14.24 -14.67 34.99
C ASN A 72 14.33 -13.17 34.71
N VAL A 73 14.23 -12.79 33.45
CA VAL A 73 14.31 -11.37 33.05
C VAL A 73 13.13 -10.55 33.59
N PRO A 74 13.39 -9.29 33.99
CA PRO A 74 12.30 -8.41 34.39
C PRO A 74 11.53 -7.93 33.15
N GLU A 75 10.39 -7.27 33.37
CA GLU A 75 9.56 -6.81 32.26
C GLU A 75 10.30 -5.74 31.44
N TRP A 76 9.98 -5.69 30.16
CA TRP A 76 10.67 -4.83 29.20
C TRP A 76 9.69 -3.95 28.44
N SER A 77 10.15 -2.77 28.05
CA SER A 77 9.39 -1.88 27.17
C SER A 77 9.44 -2.42 25.75
N TYR A 78 10.65 -2.71 25.28
CA TYR A 78 10.88 -3.33 23.98
C TYR A 78 12.12 -4.21 24.05
N ILE A 79 12.34 -5.02 23.01
CA ILE A 79 13.49 -5.94 22.97
C ILE A 79 14.49 -5.48 21.91
N VAL A 80 15.77 -5.65 22.21
CA VAL A 80 16.84 -5.30 21.28
C VAL A 80 17.71 -6.51 20.95
N GLU A 81 17.71 -6.89 19.67
CA GLU A 81 18.44 -8.04 19.17
C GLU A 81 19.36 -7.58 18.04
N LYS A 82 20.59 -8.05 18.02
CA LYS A 82 21.52 -7.77 16.93
C LYS A 82 21.10 -8.47 15.63
N ALA A 83 21.72 -8.09 14.52
CA ALA A 83 21.44 -8.67 13.22
C ALA A 83 21.90 -10.13 13.14
N ASN A 84 23.15 -10.38 13.57
CA ASN A 84 23.72 -11.74 13.55
C ASN A 84 24.32 -12.13 14.92
N PRO A 85 23.47 -12.32 15.94
CA PRO A 85 23.98 -12.66 17.28
C PRO A 85 24.72 -13.99 17.29
N VAL A 86 25.91 -14.03 17.89
CA VAL A 86 26.75 -15.23 17.90
C VAL A 86 26.17 -16.36 18.78
N ASN A 87 25.63 -16.00 19.94
CA ASN A 87 25.05 -16.98 20.88
C ASN A 87 23.61 -17.30 20.52
N ASP A 88 23.42 -18.10 19.46
CA ASP A 88 22.10 -18.53 19.05
C ASP A 88 21.90 -19.99 19.48
N LEU A 89 21.79 -20.91 18.52
CA LEU A 89 21.66 -22.33 18.82
C LEU A 89 23.06 -22.93 18.98
N CYS A 90 23.51 -23.07 20.23
CA CYS A 90 24.83 -23.64 20.51
C CYS A 90 24.94 -25.03 19.90
N TYR A 91 23.95 -25.89 20.16
CA TYR A 91 23.84 -27.16 19.45
C TYR A 91 23.06 -26.94 18.15
N PRO A 92 23.65 -27.32 17.00
CA PRO A 92 23.03 -27.07 15.68
C PRO A 92 21.60 -27.57 15.58
N GLY A 93 20.79 -26.87 14.79
CA GLY A 93 19.40 -27.28 14.59
C GLY A 93 18.52 -26.21 13.97
N ASP A 94 17.22 -26.41 14.10
CA ASP A 94 16.21 -25.47 13.64
C ASP A 94 15.26 -25.15 14.77
N PHE A 95 14.68 -23.96 14.71
CA PHE A 95 13.62 -23.58 15.62
C PHE A 95 12.35 -23.52 14.79
N ASN A 96 11.39 -24.40 15.11
CA ASN A 96 10.16 -24.49 14.36
C ASN A 96 9.25 -23.28 14.59
N ASP A 97 8.77 -22.68 13.49
CA ASP A 97 7.94 -21.46 13.53
C ASP A 97 8.56 -20.40 14.43
N TYR A 98 9.84 -20.12 14.20
CA TYR A 98 10.60 -19.16 14.99
C TYR A 98 10.08 -17.73 14.78
N GLU A 99 9.74 -17.41 13.53
CA GLU A 99 9.30 -16.08 13.17
C GLU A 99 7.91 -15.81 13.74
N GLU A 100 7.05 -16.81 13.67
CA GLU A 100 5.71 -16.71 14.26
C GLU A 100 5.80 -16.51 15.78
N LEU A 101 6.76 -17.16 16.43
CA LEU A 101 6.96 -16.99 17.87
C LEU A 101 7.49 -15.60 18.15
N LYS A 102 8.48 -15.18 17.38
CA LYS A 102 9.00 -13.81 17.49
C LYS A 102 7.91 -12.75 17.33
N HIS A 103 6.97 -13.02 16.44
CA HIS A 103 5.84 -12.11 16.26
C HIS A 103 4.96 -12.08 17.51
N LEU A 104 4.83 -13.22 18.17
CA LEU A 104 4.05 -13.31 19.41
C LEU A 104 4.65 -12.43 20.52
N LEU A 105 5.98 -12.31 20.51
CA LEU A 105 6.70 -11.45 21.46
C LEU A 105 6.45 -9.96 21.31
N SER A 106 5.98 -9.55 20.12
CA SER A 106 5.61 -8.15 19.91
C SER A 106 4.37 -7.78 20.73
N ARG A 107 3.58 -8.76 21.15
CA ARG A 107 2.42 -8.56 22.03
C ARG A 107 2.72 -8.86 23.50
N ILE A 108 3.99 -9.08 23.84
CA ILE A 108 4.37 -9.52 25.19
C ILE A 108 5.38 -8.57 25.84
N ASN A 109 5.07 -8.15 27.08
CA ASN A 109 5.95 -7.28 27.86
C ASN A 109 6.68 -8.00 29.00
N HIS A 110 6.13 -9.12 29.49
CA HIS A 110 6.80 -9.87 30.56
C HIS A 110 6.50 -11.36 30.60
N PHE A 111 7.56 -12.14 30.71
CA PHE A 111 7.48 -13.57 30.99
C PHE A 111 7.86 -13.81 32.45
N GLU A 112 7.21 -14.79 33.08
CA GLU A 112 7.66 -15.32 34.37
C GLU A 112 7.95 -16.81 34.21
N LYS A 113 9.15 -17.22 34.55
CA LYS A 113 9.57 -18.62 34.36
C LYS A 113 9.02 -19.50 35.49
N ILE A 114 8.57 -20.71 35.14
CA ILE A 114 8.16 -21.70 36.15
C ILE A 114 8.57 -23.10 35.74
N GLN A 115 8.75 -23.96 36.74
CA GLN A 115 9.11 -25.36 36.51
C GLN A 115 7.84 -26.20 36.44
N ILE A 116 7.69 -26.96 35.34
CA ILE A 116 6.54 -27.86 35.17
C ILE A 116 6.96 -29.33 35.34
N ILE A 117 8.11 -29.70 34.78
CA ILE A 117 8.70 -31.02 34.99
C ILE A 117 10.03 -30.85 35.74
N PRO A 118 10.09 -31.35 36.99
CA PRO A 118 11.38 -31.32 37.70
C PRO A 118 12.42 -32.24 37.06
N LYS A 119 13.68 -31.82 37.06
CA LYS A 119 14.77 -32.60 36.48
C LYS A 119 15.02 -33.87 37.29
N SER A 120 14.87 -33.76 38.61
CA SER A 120 14.96 -34.91 39.52
C SER A 120 13.88 -35.94 39.24
N SER A 121 12.70 -35.46 38.87
CA SER A 121 11.53 -36.31 38.68
C SER A 121 11.67 -37.45 37.66
N TRP A 122 12.70 -37.40 36.82
CA TRP A 122 12.99 -38.49 35.89
C TRP A 122 13.72 -39.62 36.60
N SER A 123 12.96 -40.38 37.39
CA SER A 123 13.51 -41.45 38.22
C SER A 123 13.81 -42.72 37.41
N SER A 124 13.09 -42.91 36.31
CA SER A 124 13.26 -44.08 35.44
C SER A 124 14.19 -43.82 34.25
N HIS A 125 14.70 -42.59 34.13
CA HIS A 125 15.61 -42.21 33.03
C HIS A 125 16.80 -41.41 33.56
N GLU A 126 17.90 -41.43 32.80
CA GLU A 126 19.07 -40.63 33.14
C GLU A 126 18.90 -39.24 32.56
N ALA A 127 19.07 -38.21 33.40
CA ALA A 127 18.78 -36.82 33.02
C ALA A 127 19.96 -35.85 33.12
N SER A 128 21.04 -36.25 33.80
CA SER A 128 22.14 -35.33 34.11
C SER A 128 23.37 -35.50 33.22
N LEU A 129 23.30 -36.40 32.25
CA LEU A 129 24.39 -36.59 31.28
C LEU A 129 23.94 -36.21 29.87
N GLY A 130 22.94 -35.34 29.78
CA GLY A 130 22.44 -34.84 28.49
C GLY A 130 23.11 -33.54 28.10
N VAL A 131 24.41 -33.59 27.84
CA VAL A 131 25.21 -32.40 27.52
C VAL A 131 26.01 -32.60 26.22
N SER A 132 26.59 -31.49 25.75
CA SER A 132 27.45 -31.51 24.56
C SER A 132 28.54 -30.45 24.67
N SER A 133 29.62 -30.64 23.91
CA SER A 133 30.71 -29.68 23.85
C SER A 133 30.32 -28.40 23.10
N ALA A 134 29.26 -28.48 22.29
CA ALA A 134 28.77 -27.32 21.53
C ALA A 134 28.20 -26.22 22.42
N CYS A 135 27.61 -26.59 23.57
CA CYS A 135 27.17 -25.63 24.58
C CYS A 135 28.05 -25.73 25.83
N PRO A 136 29.18 -25.00 25.87
CA PRO A 136 30.06 -25.03 27.05
C PRO A 136 29.76 -23.92 28.07
N TYR A 137 29.85 -24.28 29.36
CA TYR A 137 29.69 -23.33 30.47
C TYR A 137 30.83 -23.51 31.48
N GLN A 138 31.60 -22.45 31.71
CA GLN A 138 32.74 -22.46 32.63
C GLN A 138 33.72 -23.60 32.33
N GLY A 139 33.94 -23.88 31.05
CA GLY A 139 34.91 -24.90 30.62
C GLY A 139 34.33 -26.29 30.42
N LYS A 140 33.24 -26.60 31.12
CA LYS A 140 32.62 -27.92 31.03
C LYS A 140 31.48 -27.92 30.02
N SER A 141 31.18 -29.11 29.50
CA SER A 141 30.08 -29.31 28.57
C SER A 141 28.73 -29.13 29.27
N SER A 142 27.84 -28.36 28.66
CA SER A 142 26.56 -28.00 29.25
C SER A 142 25.46 -28.11 28.19
N PHE A 143 24.28 -27.55 28.46
CA PHE A 143 23.16 -27.59 27.53
C PHE A 143 22.15 -26.48 27.80
N PHE A 144 21.20 -26.30 26.86
CA PHE A 144 20.06 -25.42 27.06
C PHE A 144 19.41 -25.69 28.42
N ARG A 145 19.49 -24.72 29.33
CA ARG A 145 19.07 -24.91 30.72
C ARG A 145 17.59 -25.18 30.95
N ASN A 146 16.74 -24.80 30.01
CA ASN A 146 15.29 -24.91 30.18
C ASN A 146 14.72 -26.26 29.77
N VAL A 147 15.50 -27.06 29.07
CA VAL A 147 15.06 -28.38 28.62
C VAL A 147 16.06 -29.48 29.01
N VAL A 148 15.52 -30.69 29.22
CA VAL A 148 16.33 -31.85 29.66
C VAL A 148 16.57 -32.82 28.51
N TRP A 149 17.85 -33.04 28.18
CA TRP A 149 18.22 -34.06 27.19
C TRP A 149 18.27 -35.44 27.88
N LEU A 150 17.23 -36.24 27.66
CA LEU A 150 17.08 -37.52 28.34
C LEU A 150 17.80 -38.65 27.60
N ILE A 151 18.45 -39.53 28.38
CA ILE A 151 19.11 -40.73 27.84
C ILE A 151 18.73 -41.98 28.67
N LYS A 152 19.08 -43.14 28.13
CA LYS A 152 18.78 -44.44 28.76
C LYS A 152 19.51 -44.65 30.09
N LYS A 153 18.87 -45.37 31.01
CA LYS A 153 19.48 -45.76 32.29
C LYS A 153 19.72 -47.27 32.30
N ASN A 154 20.98 -47.67 32.49
CA ASN A 154 21.40 -49.07 32.45
C ASN A 154 20.92 -49.82 31.20
N SER A 155 21.19 -49.22 30.03
CA SER A 155 20.91 -49.83 28.73
C SER A 155 19.43 -50.13 28.46
N THR A 156 18.54 -49.28 28.96
CA THR A 156 17.10 -49.39 28.65
C THR A 156 16.49 -48.00 28.63
N TYR A 157 15.79 -47.68 27.54
CA TYR A 157 15.04 -46.42 27.46
C TYR A 157 13.54 -46.74 27.44
N PRO A 158 12.92 -46.82 28.64
CA PRO A 158 11.49 -47.13 28.71
C PRO A 158 10.62 -45.98 28.22
N THR A 159 9.40 -46.30 27.83
CA THR A 159 8.48 -45.30 27.30
C THR A 159 8.16 -44.25 28.35
N ILE A 160 8.12 -42.99 27.91
CA ILE A 160 7.80 -41.84 28.75
C ILE A 160 6.33 -41.47 28.52
N LYS A 161 5.57 -41.30 29.60
CA LYS A 161 4.18 -40.83 29.52
C LYS A 161 3.95 -39.75 30.57
N ARG A 162 4.19 -38.50 30.17
CA ARG A 162 4.14 -37.37 31.09
C ARG A 162 3.07 -36.35 30.65
N SER A 163 2.29 -35.87 31.62
CA SER A 163 1.22 -34.90 31.38
C SER A 163 1.35 -33.73 32.35
N TYR A 164 1.10 -32.52 31.86
CA TYR A 164 1.04 -31.32 32.73
C TYR A 164 -0.25 -30.54 32.53
N ASN A 165 -0.95 -30.28 33.63
CA ASN A 165 -2.18 -29.50 33.64
C ASN A 165 -1.89 -28.04 33.95
N ASN A 166 -2.31 -27.13 33.07
CA ASN A 166 -2.12 -25.70 33.29
C ASN A 166 -3.13 -25.12 34.29
N THR A 167 -2.77 -25.17 35.57
CA THR A 167 -3.63 -24.67 36.64
C THR A 167 -3.55 -23.16 36.86
N ASN A 168 -2.51 -22.51 36.31
CA ASN A 168 -2.40 -21.04 36.37
C ASN A 168 -3.48 -20.45 35.48
N GLN A 169 -3.98 -19.26 35.83
CA GLN A 169 -4.94 -18.58 34.97
C GLN A 169 -4.21 -17.68 33.96
N GLU A 170 -3.28 -18.29 33.21
CA GLU A 170 -2.50 -17.61 32.18
C GLU A 170 -2.26 -18.57 31.01
N ASP A 171 -1.97 -18.01 29.85
CA ASP A 171 -1.41 -18.78 28.74
C ASP A 171 0.01 -19.17 29.15
N LEU A 172 0.50 -20.28 28.61
CA LEU A 172 1.81 -20.79 28.96
C LEU A 172 2.59 -21.19 27.71
N LEU A 173 3.76 -20.58 27.53
CA LEU A 173 4.66 -20.93 26.44
C LEU A 173 5.49 -22.14 26.84
N VAL A 174 5.20 -23.28 26.21
CA VAL A 174 5.94 -24.51 26.44
C VAL A 174 6.91 -24.75 25.28
N LEU A 175 8.12 -25.20 25.63
CA LEU A 175 9.15 -25.53 24.64
C LEU A 175 9.63 -26.96 24.85
N TRP A 176 9.83 -27.69 23.76
CA TRP A 176 10.45 -29.01 23.80
C TRP A 176 11.24 -29.25 22.53
N GLY A 177 11.88 -30.41 22.42
CA GLY A 177 12.70 -30.72 21.26
C GLY A 177 12.87 -32.19 20.95
N ILE A 178 13.37 -32.47 19.75
CA ILE A 178 13.72 -33.81 19.31
C ILE A 178 15.18 -33.81 18.89
N HIS A 179 15.89 -34.89 19.16
CA HIS A 179 17.27 -35.04 18.70
C HIS A 179 17.37 -35.93 17.47
N HIS A 180 18.11 -35.45 16.48
CA HIS A 180 18.36 -36.20 15.25
C HIS A 180 19.81 -36.69 15.27
N PRO A 181 20.02 -38.01 15.47
CA PRO A 181 21.37 -38.56 15.57
C PRO A 181 22.03 -38.75 14.19
N ASN A 182 23.33 -39.01 14.20
CA ASN A 182 24.11 -39.10 12.96
C ASN A 182 23.88 -40.40 12.17
N ASP A 183 23.89 -41.52 12.88
CA ASP A 183 23.68 -42.84 12.27
C ASP A 183 22.91 -43.79 13.21
N ALA A 184 22.53 -44.95 12.69
CA ALA A 184 21.79 -45.95 13.46
C ALA A 184 22.57 -46.46 14.69
N ALA A 185 23.90 -46.42 14.61
CA ALA A 185 24.77 -46.80 15.72
C ALA A 185 24.68 -45.83 16.90
N GLU A 186 24.58 -44.53 16.60
CA GLU A 186 24.42 -43.51 17.66
C GLU A 186 23.02 -43.52 18.25
N GLN A 187 22.02 -43.78 17.40
CA GLN A 187 20.63 -43.93 17.85
C GLN A 187 20.53 -44.99 18.95
N THR A 188 21.07 -46.18 18.67
CA THR A 188 21.08 -47.27 19.64
C THR A 188 21.96 -46.94 20.85
N LYS A 189 23.09 -46.31 20.61
CA LYS A 189 23.99 -45.91 21.70
C LYS A 189 23.32 -44.98 22.71
N LEU A 190 22.50 -44.06 22.21
CA LEU A 190 21.85 -43.05 23.06
C LEU A 190 20.54 -43.54 23.67
N TYR A 191 19.69 -44.13 22.82
CA TYR A 191 18.32 -44.47 23.21
C TYR A 191 17.97 -45.96 23.05
N GLN A 192 18.90 -46.74 22.49
CA GLN A 192 18.71 -48.17 22.19
C GLN A 192 17.62 -48.49 21.17
N ASN A 193 16.38 -48.12 21.48
CA ASN A 193 15.25 -48.39 20.57
C ASN A 193 15.57 -47.86 19.17
N PRO A 194 15.54 -48.73 18.15
CA PRO A 194 15.96 -48.32 16.81
C PRO A 194 14.99 -47.34 16.16
N THR A 195 13.70 -47.62 16.29
CA THR A 195 12.65 -46.75 15.78
C THR A 195 12.01 -46.05 16.98
N THR A 196 11.98 -44.72 16.95
CA THR A 196 11.47 -43.93 18.08
C THR A 196 10.54 -42.82 17.63
N TYR A 197 9.81 -42.24 18.60
CA TYR A 197 8.85 -41.20 18.32
C TYR A 197 8.62 -40.31 19.53
N ILE A 198 7.99 -39.15 19.29
CA ILE A 198 7.52 -38.27 20.35
C ILE A 198 6.13 -37.75 19.98
N SER A 199 5.12 -38.14 20.76
CA SER A 199 3.76 -37.66 20.53
C SER A 199 3.39 -36.62 21.58
N VAL A 200 2.97 -35.45 21.10
CA VAL A 200 2.56 -34.34 21.97
C VAL A 200 1.11 -33.97 21.66
N GLY A 201 0.28 -33.89 22.70
CA GLY A 201 -1.13 -33.60 22.55
C GLY A 201 -1.60 -32.51 23.51
N THR A 202 -2.53 -31.69 23.03
CA THR A 202 -3.26 -30.74 23.88
C THR A 202 -4.71 -30.78 23.41
N SER A 203 -5.50 -29.78 23.74
CA SER A 203 -6.84 -29.68 23.18
C SER A 203 -6.77 -29.43 21.68
N THR A 204 -5.75 -28.70 21.25
CA THR A 204 -5.59 -28.38 19.83
C THR A 204 -4.46 -29.17 19.19
N LEU A 205 -3.32 -29.27 19.88
CA LEU A 205 -2.13 -29.90 19.30
C LEU A 205 -2.28 -31.42 19.14
N ASN A 206 -1.97 -31.91 17.95
CA ASN A 206 -1.93 -33.34 17.66
C ASN A 206 -0.68 -33.68 16.85
N GLN A 207 0.44 -33.81 17.55
CA GLN A 207 1.74 -33.92 16.92
C GLN A 207 2.37 -35.30 17.20
N ARG A 208 3.15 -35.78 16.23
CA ARG A 208 3.98 -36.97 16.41
C ARG A 208 5.26 -36.83 15.61
N LEU A 209 6.38 -36.63 16.32
CA LEU A 209 7.67 -36.43 15.68
C LEU A 209 8.45 -37.73 15.61
N VAL A 210 9.21 -37.90 14.54
CA VAL A 210 10.13 -39.03 14.38
C VAL A 210 11.51 -38.50 14.01
N PRO A 211 12.59 -39.12 14.55
CA PRO A 211 13.92 -38.64 14.19
C PRO A 211 14.33 -39.00 12.77
N ARG A 212 14.87 -38.01 12.05
CA ARG A 212 15.37 -38.19 10.69
C ARG A 212 16.89 -38.30 10.71
N ILE A 213 17.42 -39.43 10.23
CA ILE A 213 18.85 -39.67 10.22
C ILE A 213 19.45 -39.23 8.88
N ALA A 214 20.61 -38.56 8.95
CA ALA A 214 21.33 -38.12 7.76
C ALA A 214 22.77 -37.77 8.10
N THR A 215 23.66 -37.92 7.12
CA THR A 215 25.04 -37.50 7.25
C THR A 215 25.09 -36.00 7.03
N ARG A 216 25.49 -35.25 8.05
CA ARG A 216 25.45 -33.79 8.00
C ARG A 216 26.83 -33.21 8.29
N SER A 217 27.05 -31.98 7.82
CA SER A 217 28.30 -31.27 8.06
C SER A 217 28.39 -30.86 9.53
N LYS A 218 29.60 -30.78 10.04
CA LYS A 218 29.81 -30.35 11.42
C LYS A 218 29.53 -28.87 11.56
N VAL A 219 28.58 -28.54 12.42
CA VAL A 219 28.32 -27.16 12.82
C VAL A 219 28.58 -27.11 14.32
N ASN A 220 29.39 -26.14 14.75
CA ASN A 220 29.85 -26.07 16.16
C ASN A 220 30.46 -27.40 16.65
N GLY A 221 31.18 -28.08 15.76
CA GLY A 221 31.86 -29.33 16.08
C GLY A 221 30.97 -30.55 16.21
N GLN A 222 29.72 -30.44 15.76
CA GLN A 222 28.76 -31.55 15.84
C GLN A 222 27.94 -31.66 14.56
N SER A 223 27.72 -32.90 14.13
CA SER A 223 26.91 -33.18 12.93
C SER A 223 25.49 -33.65 13.29
N GLY A 224 25.21 -33.79 14.58
CA GLY A 224 23.86 -34.05 15.06
C GLY A 224 23.02 -32.79 15.07
N ARG A 225 21.70 -32.94 15.07
CA ARG A 225 20.78 -31.81 15.02
C ARG A 225 19.69 -31.88 16.11
N MET A 226 19.23 -30.71 16.54
CA MET A 226 18.13 -30.58 17.48
C MET A 226 17.05 -29.72 16.85
N GLU A 227 15.81 -30.22 16.84
CA GLU A 227 14.70 -29.47 16.25
C GLU A 227 13.71 -29.10 17.34
N PHE A 228 13.58 -27.81 17.60
CA PHE A 228 12.80 -27.33 18.74
C PHE A 228 11.40 -26.86 18.31
N PHE A 229 10.41 -27.27 19.09
CA PHE A 229 9.01 -26.96 18.83
C PHE A 229 8.40 -26.26 20.04
N TRP A 230 7.28 -25.58 19.81
CA TRP A 230 6.63 -24.83 20.86
C TRP A 230 5.12 -24.80 20.71
N THR A 231 4.44 -24.47 21.79
CA THR A 231 3.00 -24.24 21.77
C THR A 231 2.61 -23.27 22.88
N ILE A 232 1.42 -22.68 22.76
CA ILE A 232 0.83 -21.93 23.86
C ILE A 232 -0.23 -22.82 24.50
N LEU A 233 -0.02 -23.16 25.76
CA LEU A 233 -0.95 -23.99 26.51
C LEU A 233 -1.91 -23.09 27.25
N LYS A 234 -3.19 -23.16 26.90
CA LYS A 234 -4.21 -22.30 27.49
C LYS A 234 -4.55 -22.77 28.90
N PRO A 235 -5.12 -21.88 29.74
CA PRO A 235 -5.41 -22.29 31.12
C PRO A 235 -6.41 -23.43 31.18
N ASN A 236 -6.24 -24.30 32.18
CA ASN A 236 -7.15 -25.42 32.40
C ASN A 236 -7.04 -26.50 31.33
N ASP A 237 -5.98 -26.45 30.53
CA ASP A 237 -5.72 -27.45 29.48
C ASP A 237 -4.43 -28.19 29.83
N ALA A 238 -4.40 -29.47 29.47
CA ALA A 238 -3.26 -30.33 29.77
C ALA A 238 -2.46 -30.63 28.49
N ILE A 239 -1.14 -30.67 28.62
CA ILE A 239 -0.26 -31.14 27.54
C ILE A 239 0.24 -32.55 27.90
N ASN A 240 0.23 -33.45 26.90
CA ASN A 240 0.62 -34.84 27.12
C ASN A 240 1.78 -35.25 26.21
N PHE A 241 2.84 -35.79 26.82
CA PHE A 241 4.00 -36.30 26.09
C PHE A 241 4.07 -37.82 26.18
N GLU A 242 4.36 -38.46 25.05
CA GLU A 242 4.70 -39.88 25.03
C GLU A 242 5.88 -40.10 24.09
N SER A 243 6.94 -40.74 24.59
CA SER A 243 8.13 -40.98 23.77
C SER A 243 8.95 -42.20 24.21
N ASN A 244 9.45 -42.95 23.24
CA ASN A 244 10.36 -44.08 23.47
C ASN A 244 11.78 -43.79 22.96
N GLY A 245 12.08 -42.51 22.72
CA GLY A 245 13.42 -42.12 22.27
C GLY A 245 13.53 -40.71 21.72
N ASN A 246 14.74 -40.15 21.83
CA ASN A 246 15.14 -38.89 21.17
C ASN A 246 14.41 -37.63 21.64
N PHE A 247 13.96 -37.64 22.90
CA PHE A 247 13.08 -36.59 23.44
C PHE A 247 13.83 -35.57 24.28
N ILE A 248 13.61 -34.29 24.00
CA ILE A 248 14.15 -33.21 24.81
C ILE A 248 13.01 -32.66 25.65
N ALA A 249 12.98 -33.03 26.92
CA ALA A 249 11.85 -32.72 27.79
C ALA A 249 11.90 -31.26 28.28
N PRO A 250 10.72 -30.66 28.52
CA PRO A 250 10.66 -29.34 29.14
C PRO A 250 10.87 -29.39 30.66
N GLU A 251 11.89 -28.71 31.16
CA GLU A 251 12.04 -28.48 32.60
C GLU A 251 11.21 -27.25 32.99
N TYR A 252 11.46 -26.14 32.29
CA TYR A 252 10.78 -24.87 32.53
C TYR A 252 9.94 -24.43 31.32
N ALA A 253 8.84 -23.74 31.62
CA ALA A 253 7.99 -23.13 30.60
C ALA A 253 7.68 -21.69 31.03
N TYR A 254 7.81 -20.76 30.10
CA TYR A 254 7.60 -19.34 30.39
C TYR A 254 6.12 -19.01 30.51
N LYS A 255 5.80 -18.23 31.53
CA LYS A 255 4.42 -17.84 31.82
C LYS A 255 4.22 -16.39 31.38
N ILE A 256 3.13 -16.14 30.65
CA ILE A 256 2.91 -14.83 30.03
C ILE A 256 2.05 -13.96 30.95
N VAL A 257 2.68 -13.21 31.84
CA VAL A 257 1.95 -12.42 32.83
C VAL A 257 1.36 -11.13 32.24
N LYS A 258 2.16 -10.41 31.44
CA LYS A 258 1.71 -9.16 30.84
C LYS A 258 1.75 -9.18 29.32
N LYS A 259 0.66 -8.74 28.70
CA LYS A 259 0.58 -8.54 27.25
C LYS A 259 0.40 -7.06 26.95
N GLY A 260 1.37 -6.47 26.26
CA GLY A 260 1.30 -5.06 25.89
C GLY A 260 1.97 -4.77 24.57
N ASP A 261 2.04 -3.49 24.21
CA ASP A 261 2.74 -3.07 23.01
C ASP A 261 4.23 -3.23 23.22
N SER A 262 4.86 -4.03 22.37
CA SER A 262 6.29 -4.25 22.41
C SER A 262 6.80 -4.40 20.97
N THR A 263 8.11 -4.56 20.81
CA THR A 263 8.69 -4.75 19.48
C THR A 263 10.09 -5.31 19.61
N ILE A 264 10.48 -6.15 18.65
CA ILE A 264 11.85 -6.64 18.57
C ILE A 264 12.64 -5.73 17.63
N MET A 265 13.42 -4.84 18.23
CA MET A 265 14.24 -3.88 17.52
C MET A 265 15.55 -4.54 17.08
N LYS A 266 15.97 -4.24 15.85
CA LYS A 266 17.20 -4.77 15.30
C LYS A 266 18.27 -3.69 15.34
N SER A 267 19.28 -3.88 16.17
CA SER A 267 20.32 -2.88 16.37
C SER A 267 21.61 -3.46 16.95
N GLU A 268 22.73 -2.97 16.44
CA GLU A 268 24.06 -3.35 16.94
C GLU A 268 24.43 -2.54 18.18
N LEU A 269 23.72 -1.43 18.40
CA LEU A 269 24.02 -0.52 19.50
C LEU A 269 23.72 -1.14 20.86
N GLU A 270 24.37 -0.60 21.89
CA GLU A 270 24.29 -1.16 23.25
C GLU A 270 23.29 -0.37 24.12
N TYR A 271 23.74 0.31 25.17
CA TYR A 271 22.83 0.94 26.14
C TYR A 271 23.40 2.28 26.62
N GLY A 272 22.67 3.37 26.38
CA GLY A 272 23.12 4.70 26.78
C GLY A 272 22.80 5.10 28.22
N ASN A 273 21.96 4.31 28.88
CA ASN A 273 21.46 4.62 30.22
C ASN A 273 20.71 5.96 30.23
N CYS A 274 19.93 6.17 29.18
CA CYS A 274 19.15 7.39 29.02
C CYS A 274 17.67 7.01 29.02
N ASN A 275 16.80 8.02 29.17
CA ASN A 275 15.35 7.83 29.13
C ASN A 275 14.75 8.61 27.97
N THR A 276 13.70 8.06 27.36
CA THR A 276 13.05 8.72 26.23
C THR A 276 11.56 8.37 26.18
N LYS A 277 10.84 8.98 25.25
CA LYS A 277 9.45 8.64 24.99
C LYS A 277 9.21 8.25 23.53
N CYS A 278 10.30 8.20 22.76
CA CYS A 278 10.27 7.79 21.36
C CYS A 278 11.63 7.21 21.03
N GLN A 279 11.66 5.93 20.67
CA GLN A 279 12.94 5.24 20.44
C GLN A 279 13.04 4.71 19.03
N THR A 280 14.25 4.81 18.47
CA THR A 280 14.59 4.21 17.17
C THR A 280 15.80 3.29 17.36
N PRO A 281 16.04 2.38 16.38
CA PRO A 281 17.27 1.57 16.37
C PRO A 281 18.57 2.38 16.25
N MET A 282 18.46 3.60 15.72
CA MET A 282 19.61 4.51 15.54
C MET A 282 19.88 5.32 16.81
N GLY A 283 18.82 5.56 17.58
CA GLY A 283 18.90 6.37 18.80
C GLY A 283 17.52 6.81 19.27
N ALA A 284 17.48 7.70 20.25
CA ALA A 284 16.21 8.18 20.80
C ALA A 284 15.86 9.57 20.26
N ILE A 285 14.57 9.89 20.31
CA ILE A 285 14.05 11.16 19.80
C ILE A 285 13.34 11.96 20.91
N ASN A 286 13.67 13.24 20.98
CA ASN A 286 13.02 14.18 21.88
C ASN A 286 12.74 15.48 21.14
N SER A 287 11.56 15.57 20.54
CA SER A 287 11.16 16.78 19.84
C SER A 287 9.65 16.95 19.80
N SER A 288 9.21 18.15 19.44
CA SER A 288 7.80 18.45 19.26
C SER A 288 7.42 18.56 17.78
N MET A 289 8.40 18.32 16.90
CA MET A 289 8.18 18.36 15.45
C MET A 289 7.11 17.34 15.07
N PRO A 290 6.31 17.64 14.05
CA PRO A 290 5.34 16.65 13.55
C PRO A 290 5.96 15.52 12.73
N PHE A 291 7.21 15.71 12.28
CA PHE A 291 7.91 14.74 11.44
C PHE A 291 9.34 14.50 11.89
N HIS A 292 9.89 13.37 11.45
CA HIS A 292 11.32 13.08 11.57
C HIS A 292 11.78 12.26 10.38
N ASN A 293 13.09 12.12 10.22
CA ASN A 293 13.65 11.34 9.12
C ASN A 293 14.76 10.39 9.56
N ILE A 294 14.68 9.94 10.81
CA ILE A 294 15.74 9.14 11.42
C ILE A 294 15.67 7.68 10.95
N HIS A 295 14.54 7.01 11.22
CA HIS A 295 14.38 5.60 10.92
C HIS A 295 12.89 5.20 10.99
N PRO A 296 12.39 4.43 10.00
CA PRO A 296 10.96 4.09 9.93
C PRO A 296 10.42 3.32 11.14
N LEU A 297 11.16 2.32 11.59
CA LEU A 297 10.74 1.48 12.72
C LEU A 297 11.00 2.17 14.07
N THR A 298 9.95 2.74 14.65
CA THR A 298 10.05 3.37 15.96
C THR A 298 9.04 2.76 16.92
N ILE A 299 9.24 3.06 18.20
CA ILE A 299 8.34 2.60 19.26
C ILE A 299 8.07 3.79 20.17
N GLY A 300 6.81 3.94 20.58
CA GLY A 300 6.40 4.98 21.50
C GLY A 300 5.66 6.13 20.84
N GLU A 301 5.57 7.25 21.55
CA GLU A 301 4.92 8.46 21.07
C GLU A 301 5.88 9.23 20.16
N CYS A 302 5.76 9.01 18.86
CA CYS A 302 6.71 9.55 17.89
C CYS A 302 6.07 10.43 16.82
N PRO A 303 6.86 11.36 16.26
CA PRO A 303 6.43 12.04 15.04
C PRO A 303 6.45 11.06 13.87
N LYS A 304 5.85 11.45 12.74
CA LYS A 304 5.76 10.55 11.60
C LYS A 304 7.06 10.55 10.82
N TYR A 305 7.44 9.37 10.34
CA TYR A 305 8.65 9.22 9.57
C TYR A 305 8.42 9.62 8.11
N VAL A 306 9.34 10.41 7.57
CA VAL A 306 9.38 10.68 6.15
C VAL A 306 10.83 10.59 5.69
N LYS A 307 11.01 10.37 4.38
CA LYS A 307 12.35 10.27 3.80
C LYS A 307 12.99 11.62 3.47
N SER A 308 12.28 12.72 3.75
CA SER A 308 12.76 14.05 3.37
C SER A 308 14.04 14.43 4.13
N ASN A 309 14.88 15.22 3.46
CA ASN A 309 15.99 15.90 4.11
C ASN A 309 15.56 17.23 4.69
N ARG A 310 14.46 17.78 4.15
CA ARG A 310 14.04 19.14 4.48
C ARG A 310 12.54 19.37 4.33
N LEU A 311 11.90 19.84 5.40
CA LEU A 311 10.50 20.30 5.37
C LEU A 311 10.36 21.60 6.18
N VAL A 312 10.25 22.72 5.47
CA VAL A 312 10.15 24.04 6.09
C VAL A 312 8.95 24.78 5.52
N LEU A 313 8.05 25.22 6.41
CA LEU A 313 6.88 25.99 6.02
C LEU A 313 7.14 27.48 6.14
N ALA A 314 6.80 28.23 5.10
CA ALA A 314 6.78 29.69 5.19
C ALA A 314 5.66 30.09 6.11
N THR A 315 5.98 30.92 7.10
CA THR A 315 4.99 31.56 7.93
C THR A 315 4.92 33.06 7.60
N GLY A 316 6.09 33.67 7.43
CA GLY A 316 6.16 35.07 7.05
C GLY A 316 6.07 35.26 5.55
N LEU A 317 6.55 36.41 5.09
CA LEU A 317 6.40 36.79 3.69
C LEU A 317 7.77 36.92 3.04
N ARG A 318 7.78 37.12 1.72
CA ARG A 318 9.01 37.22 0.96
C ARG A 318 9.86 38.36 1.52
N ASN A 319 11.08 38.01 1.95
CA ASN A 319 11.97 38.97 2.56
C ASN A 319 12.83 39.67 1.51
N SER A 320 13.12 40.94 1.75
CA SER A 320 13.71 41.83 0.73
C SER A 320 15.26 41.85 0.77
N PRO A 321 15.90 41.98 -0.40
CA PRO A 321 17.36 42.14 -0.48
C PRO A 321 17.80 43.58 -0.30
N GLY B 1 4.81 38.13 -7.43
CA GLY B 1 3.65 37.47 -6.77
C GLY B 1 2.36 37.72 -7.51
N LEU B 2 1.37 36.88 -7.26
CA LEU B 2 0.11 36.90 -8.01
C LEU B 2 -0.62 38.23 -7.94
N PHE B 3 -0.51 38.93 -6.81
CA PHE B 3 -1.33 40.12 -6.56
C PHE B 3 -0.59 41.43 -6.82
N GLY B 4 0.69 41.32 -7.18
CA GLY B 4 1.45 42.43 -7.75
C GLY B 4 1.94 43.49 -6.79
N ALA B 5 1.71 43.31 -5.49
CA ALA B 5 2.06 44.30 -4.48
C ALA B 5 3.46 44.07 -3.95
N ILE B 6 3.66 42.93 -3.30
CA ILE B 6 4.97 42.57 -2.74
C ILE B 6 5.98 42.35 -3.85
N ALA B 7 7.11 43.04 -3.76
CA ALA B 7 8.13 42.97 -4.80
C ALA B 7 7.57 43.33 -6.16
N GLY B 8 6.56 44.20 -6.17
CA GLY B 8 5.85 44.54 -7.40
C GLY B 8 5.81 46.04 -7.56
N PHE B 9 4.66 46.64 -7.33
CA PHE B 9 4.55 48.09 -7.35
C PHE B 9 5.05 48.66 -6.02
N ILE B 10 5.06 47.84 -4.98
CA ILE B 10 5.79 48.15 -3.75
C ILE B 10 7.10 47.38 -3.79
N GLU B 11 8.17 48.08 -4.18
CA GLU B 11 9.41 47.40 -4.56
C GLU B 11 10.08 46.58 -3.47
N GLY B 12 9.92 47.01 -2.21
CA GLY B 12 10.58 46.33 -1.08
C GLY B 12 9.91 46.55 0.27
N GLY B 13 10.27 45.71 1.23
CA GLY B 13 9.72 45.77 2.58
C GLY B 13 10.40 46.83 3.45
N TRP B 14 9.93 46.94 4.69
CA TRP B 14 10.42 47.93 5.63
C TRP B 14 11.06 47.29 6.86
N GLN B 15 12.38 47.39 6.94
CA GLN B 15 13.12 46.99 8.14
C GLN B 15 12.61 47.77 9.35
N GLY B 16 12.20 49.02 9.14
CA GLY B 16 11.74 49.90 10.20
C GLY B 16 10.37 49.63 10.79
N MET B 17 9.59 48.74 10.17
CA MET B 17 8.30 48.33 10.74
C MET B 17 8.40 46.97 11.41
N VAL B 18 8.46 46.97 12.74
CA VAL B 18 8.75 45.75 13.51
C VAL B 18 7.53 45.18 14.26
N ASP B 19 6.50 46.00 14.44
CA ASP B 19 5.34 45.61 15.26
C ASP B 19 4.17 45.03 14.43
N GLY B 20 4.43 44.71 13.17
CA GLY B 20 3.42 44.09 12.34
C GLY B 20 3.93 43.67 10.97
N TRP B 21 3.09 42.92 10.25
CA TRP B 21 3.43 42.43 8.90
C TRP B 21 3.11 43.46 7.83
N TYR B 22 1.98 44.13 7.96
CA TYR B 22 1.55 45.16 7.01
C TYR B 22 1.25 46.44 7.77
N GLY B 23 1.49 47.58 7.14
CA GLY B 23 1.16 48.84 7.77
C GLY B 23 1.44 50.05 6.90
N TYR B 24 1.51 51.21 7.56
CA TYR B 24 1.64 52.50 6.89
C TYR B 24 2.92 53.21 7.31
N HIS B 25 3.46 54.01 6.39
CA HIS B 25 4.48 54.98 6.72
C HIS B 25 4.06 56.36 6.25
N HIS B 26 4.03 57.31 7.18
CA HIS B 26 3.59 58.68 6.89
C HIS B 26 4.78 59.63 6.94
N SER B 27 4.69 60.74 6.22
CA SER B 27 5.69 61.80 6.32
C SER B 27 5.04 63.17 6.07
N ASN B 28 5.16 64.06 7.07
CA ASN B 28 4.57 65.39 7.01
C ASN B 28 5.47 66.40 7.73
N GLU B 29 4.98 67.61 7.96
CA GLU B 29 5.77 68.65 8.62
C GLU B 29 6.23 68.24 10.03
N GLN B 30 5.35 67.57 10.77
CA GLN B 30 5.63 67.15 12.15
C GLN B 30 6.63 66.00 12.26
N GLY B 31 6.71 65.15 11.23
CA GLY B 31 7.67 64.06 11.23
C GLY B 31 7.25 62.90 10.34
N SER B 32 7.88 61.75 10.55
CA SER B 32 7.53 60.53 9.84
C SER B 32 7.54 59.34 10.78
N GLY B 33 6.92 58.23 10.37
CA GLY B 33 6.92 57.03 11.19
C GLY B 33 6.17 55.85 10.63
N TYR B 34 6.46 54.67 11.18
CA TYR B 34 5.79 53.43 10.80
C TYR B 34 4.69 53.09 11.79
N ALA B 35 3.55 52.67 11.27
CA ALA B 35 2.44 52.19 12.11
C ALA B 35 1.88 50.91 11.52
N ALA B 36 1.95 49.82 12.27
CA ALA B 36 1.46 48.55 11.80
C ALA B 36 -0.07 48.53 11.81
N ASP B 37 -0.66 48.00 10.74
CA ASP B 37 -2.09 47.76 10.68
C ASP B 37 -2.41 46.45 11.42
N LYS B 38 -3.07 46.58 12.57
CA LYS B 38 -3.34 45.43 13.45
C LYS B 38 -4.33 44.44 12.85
N GLU B 39 -5.45 44.94 12.33
CA GLU B 39 -6.50 44.10 11.78
C GLU B 39 -6.00 43.13 10.71
N SER B 40 -5.39 43.66 9.66
CA SER B 40 -4.88 42.83 8.56
C SER B 40 -3.77 41.90 9.04
N THR B 41 -2.95 42.37 9.99
CA THR B 41 -1.86 41.57 10.53
C THR B 41 -2.37 40.39 11.36
N GLN B 42 -3.32 40.64 12.25
CA GLN B 42 -3.88 39.59 13.10
C GLN B 42 -4.62 38.56 12.28
N LYS B 43 -5.27 39.02 11.21
CA LYS B 43 -5.98 38.14 10.28
C LYS B 43 -5.00 37.20 9.56
N ALA B 44 -3.83 37.73 9.21
CA ALA B 44 -2.78 36.92 8.59
C ALA B 44 -2.19 35.93 9.57
N ILE B 45 -1.97 36.37 10.80
CA ILE B 45 -1.46 35.48 11.84
C ILE B 45 -2.40 34.30 12.08
N ASP B 46 -3.71 34.57 12.08
CA ASP B 46 -4.71 33.51 12.29
C ASP B 46 -4.74 32.54 11.12
N GLY B 47 -4.72 33.05 9.91
CA GLY B 47 -4.75 32.21 8.72
C GLY B 47 -3.56 31.27 8.62
N VAL B 48 -2.38 31.78 8.95
CA VAL B 48 -1.14 30.98 8.88
C VAL B 48 -1.07 29.96 10.02
N THR B 49 -1.51 30.35 11.21
CA THR B 49 -1.52 29.44 12.35
C THR B 49 -2.42 28.24 12.07
N ASN B 50 -3.66 28.51 11.65
CA ASN B 50 -4.60 27.45 11.30
C ASN B 50 -4.05 26.52 10.23
N LYS B 51 -3.44 27.12 9.22
CA LYS B 51 -2.82 26.38 8.12
C LYS B 51 -1.75 25.41 8.60
N VAL B 52 -0.91 25.85 9.51
CA VAL B 52 0.17 25.02 10.03
C VAL B 52 -0.43 23.85 10.82
N ASN B 53 -1.43 24.15 11.65
CA ASN B 53 -2.10 23.12 12.45
C ASN B 53 -2.90 22.16 11.58
N SER B 54 -3.55 22.71 10.55
CA SER B 54 -4.29 21.91 9.57
C SER B 54 -3.38 20.93 8.88
N ILE B 55 -2.20 21.41 8.49
CA ILE B 55 -1.19 20.57 7.85
C ILE B 55 -0.68 19.50 8.81
N ILE B 56 -0.29 19.90 10.01
CA ILE B 56 0.15 18.95 11.04
C ILE B 56 -0.87 17.83 11.25
N ASP B 57 -2.14 18.21 11.42
CA ASP B 57 -3.20 17.25 11.77
C ASP B 57 -3.55 16.26 10.65
N LYS B 58 -3.52 16.72 9.41
CA LYS B 58 -3.78 15.83 8.28
C LYS B 58 -2.71 14.75 8.14
N MET B 59 -1.47 15.08 8.54
CA MET B 59 -0.37 14.11 8.49
C MET B 59 -0.30 13.26 9.76
N ASN B 60 -0.91 13.74 10.84
CA ASN B 60 -0.89 13.07 12.16
C ASN B 60 -1.25 11.57 12.13
N THR B 61 -2.26 11.17 11.35
CA THR B 61 -2.52 9.74 11.12
C THR B 61 -1.94 9.37 9.75
N GLN B 62 -0.93 8.50 9.78
CA GLN B 62 -0.26 8.07 8.55
C GLN B 62 0.45 6.74 8.82
N PHE B 63 0.91 6.10 7.74
CA PHE B 63 1.47 4.75 7.83
C PHE B 63 2.62 4.65 8.86
N GLU B 64 2.63 3.55 9.61
CA GLU B 64 3.71 3.25 10.54
C GLU B 64 4.29 1.89 10.19
N ALA B 65 5.62 1.84 10.08
CA ALA B 65 6.31 0.59 9.77
C ALA B 65 6.33 -0.32 11.02
N VAL B 66 6.28 -1.63 10.79
CA VAL B 66 6.43 -2.63 11.85
C VAL B 66 7.42 -3.70 11.41
N GLY B 67 8.19 -4.21 12.37
CA GLY B 67 9.20 -5.21 12.10
C GLY B 67 8.60 -6.60 12.00
N ARG B 68 8.89 -7.28 10.89
CA ARG B 68 8.38 -8.61 10.64
C ARG B 68 9.50 -9.46 10.03
N GLU B 69 9.66 -10.67 10.56
CA GLU B 69 10.79 -11.54 10.22
C GLU B 69 10.34 -12.70 9.36
N PHE B 70 11.18 -13.09 8.41
CA PHE B 70 10.88 -14.21 7.51
C PHE B 70 12.12 -15.09 7.32
N ASN B 71 11.90 -16.40 7.23
CA ASN B 71 13.02 -17.33 7.05
C ASN B 71 13.50 -17.38 5.60
N ASN B 72 14.41 -18.31 5.31
CA ASN B 72 15.12 -18.35 4.03
C ASN B 72 14.28 -18.84 2.83
N LEU B 73 13.20 -19.55 3.12
CA LEU B 73 12.26 -19.98 2.09
C LEU B 73 10.92 -19.26 2.23
N GLU B 74 11.00 -18.00 2.64
CA GLU B 74 9.85 -17.09 2.67
C GLU B 74 10.26 -15.76 2.04
N ARG B 75 11.05 -15.83 0.97
CA ARG B 75 11.65 -14.65 0.36
C ARG B 75 10.64 -13.82 -0.39
N ARG B 76 9.64 -14.47 -0.99
CA ARG B 76 8.59 -13.77 -1.73
C ARG B 76 7.79 -12.84 -0.82
N ILE B 77 7.30 -13.38 0.30
CA ILE B 77 6.53 -12.56 1.25
C ILE B 77 7.38 -11.55 1.99
N GLU B 78 8.66 -11.86 2.21
CA GLU B 78 9.60 -10.90 2.75
C GLU B 78 9.72 -9.71 1.81
N ASN B 79 9.79 -10.00 0.51
CA ASN B 79 9.94 -8.96 -0.49
C ASN B 79 8.65 -8.17 -0.68
N LEU B 80 7.52 -8.87 -0.64
CA LEU B 80 6.20 -8.23 -0.67
C LEU B 80 6.10 -7.27 0.49
N ASN B 81 6.47 -7.75 1.67
CA ASN B 81 6.47 -6.94 2.87
C ASN B 81 7.32 -5.68 2.74
N LYS B 82 8.52 -5.81 2.19
CA LYS B 82 9.43 -4.68 2.04
C LYS B 82 8.83 -3.64 1.12
N LYS B 83 8.37 -4.08 -0.05
CA LYS B 83 7.74 -3.19 -1.03
C LYS B 83 6.50 -2.50 -0.48
N MET B 84 5.73 -3.20 0.32
CA MET B 84 4.56 -2.61 0.94
C MET B 84 4.97 -1.47 1.88
N GLU B 85 5.92 -1.75 2.77
CA GLU B 85 6.37 -0.74 3.74
C GLU B 85 7.03 0.44 3.04
N ASP B 86 7.95 0.15 2.13
CA ASP B 86 8.60 1.19 1.33
C ASP B 86 7.64 2.00 0.48
N GLY B 87 6.67 1.32 -0.11
CA GLY B 87 5.69 1.97 -0.97
C GLY B 87 4.89 3.03 -0.26
N PHE B 88 4.47 2.75 0.97
CA PHE B 88 3.73 3.70 1.79
C PHE B 88 4.59 4.88 2.23
N LEU B 89 5.88 4.63 2.50
CA LEU B 89 6.80 5.72 2.83
C LEU B 89 6.97 6.71 1.69
N ASP B 90 7.00 6.21 0.45
CA ASP B 90 7.10 7.07 -0.72
C ASP B 90 5.84 7.89 -0.91
N VAL B 91 4.69 7.26 -0.66
CA VAL B 91 3.41 7.96 -0.75
C VAL B 91 3.32 9.07 0.29
N TRP B 92 3.66 8.76 1.54
CA TRP B 92 3.58 9.76 2.60
C TRP B 92 4.68 10.82 2.52
N THR B 93 5.86 10.42 2.04
CA THR B 93 6.93 11.38 1.78
C THR B 93 6.48 12.37 0.70
N TYR B 94 5.91 11.83 -0.38
CA TYR B 94 5.43 12.65 -1.48
C TYR B 94 4.35 13.64 -1.04
N ASN B 95 3.40 13.16 -0.24
CA ASN B 95 2.32 13.99 0.28
C ASN B 95 2.82 15.17 1.08
N ALA B 96 3.75 14.89 1.99
CA ALA B 96 4.34 15.90 2.85
C ALA B 96 5.09 16.96 2.04
N GLU B 97 5.96 16.52 1.14
CA GLU B 97 6.80 17.45 0.37
C GLU B 97 5.98 18.28 -0.60
N LEU B 98 4.95 17.67 -1.21
CA LEU B 98 4.07 18.38 -2.13
C LEU B 98 3.21 19.39 -1.40
N LEU B 99 2.63 18.99 -0.28
CA LEU B 99 1.77 19.88 0.49
C LEU B 99 2.54 21.12 0.94
N VAL B 100 3.75 20.92 1.43
CA VAL B 100 4.61 22.04 1.83
C VAL B 100 4.86 22.98 0.63
N LEU B 101 5.30 22.42 -0.49
CA LEU B 101 5.52 23.18 -1.72
C LEU B 101 4.30 24.00 -2.18
N MET B 102 3.14 23.35 -2.22
CA MET B 102 1.92 23.97 -2.69
C MET B 102 1.43 25.04 -1.73
N GLU B 103 1.47 24.74 -0.43
CA GLU B 103 0.96 25.66 0.57
C GLU B 103 1.93 26.79 0.89
N ASN B 104 3.24 26.55 0.74
CA ASN B 104 4.21 27.63 0.80
C ASN B 104 3.94 28.68 -0.26
N GLU B 105 3.64 28.23 -1.48
CA GLU B 105 3.36 29.14 -2.57
C GLU B 105 2.09 29.93 -2.30
N ARG B 106 1.11 29.27 -1.72
CA ARG B 106 -0.14 29.94 -1.38
C ARG B 106 0.06 30.92 -0.24
N THR B 107 0.94 30.59 0.71
CA THR B 107 1.23 31.47 1.84
C THR B 107 1.85 32.80 1.39
N LEU B 108 2.78 32.74 0.45
CA LEU B 108 3.43 33.96 -0.03
C LEU B 108 2.46 34.84 -0.82
N ASP B 109 1.62 34.20 -1.62
CA ASP B 109 0.58 34.91 -2.36
C ASP B 109 -0.51 35.47 -1.42
N PHE B 110 -0.75 34.80 -0.31
CA PHE B 110 -1.69 35.27 0.72
C PHE B 110 -1.20 36.61 1.28
N HIS B 111 0.08 36.68 1.63
CA HIS B 111 0.69 37.91 2.11
C HIS B 111 0.62 39.01 1.07
N ASP B 112 0.87 38.65 -0.18
CA ASP B 112 0.79 39.58 -1.30
C ASP B 112 -0.63 40.14 -1.44
N SER B 113 -1.61 39.25 -1.30
CA SER B 113 -3.02 39.61 -1.32
C SER B 113 -3.40 40.59 -0.22
N ASN B 114 -2.93 40.34 1.00
CA ASN B 114 -3.26 41.16 2.16
C ASN B 114 -2.73 42.59 2.05
N VAL B 115 -1.55 42.73 1.48
CA VAL B 115 -0.93 44.03 1.25
C VAL B 115 -1.73 44.82 0.22
N LYS B 116 -2.12 44.13 -0.84
CA LYS B 116 -2.86 44.74 -1.94
C LYS B 116 -4.24 45.20 -1.52
N ASN B 117 -4.90 44.38 -0.70
CA ASN B 117 -6.23 44.72 -0.22
C ASN B 117 -6.17 45.90 0.75
N LEU B 118 -5.10 45.98 1.52
CA LEU B 118 -4.88 47.11 2.42
C LEU B 118 -4.57 48.37 1.63
N TYR B 119 -3.80 48.23 0.55
CA TYR B 119 -3.48 49.36 -0.30
C TYR B 119 -4.72 49.89 -1.00
N ASP B 120 -5.55 48.98 -1.49
CA ASP B 120 -6.79 49.37 -2.16
C ASP B 120 -7.77 50.01 -1.17
N LYS B 121 -7.82 49.49 0.05
CA LYS B 121 -8.65 50.04 1.12
C LYS B 121 -8.39 51.52 1.32
N VAL B 122 -7.10 51.88 1.39
CA VAL B 122 -6.69 53.26 1.53
C VAL B 122 -7.01 54.04 0.27
N ARG B 123 -6.72 53.46 -0.88
CA ARG B 123 -6.97 54.10 -2.17
C ARG B 123 -8.43 54.50 -2.29
N LEU B 124 -9.33 53.60 -1.89
CA LEU B 124 -10.77 53.83 -1.99
C LEU B 124 -11.29 54.91 -1.04
N GLN B 125 -10.59 55.13 0.08
CA GLN B 125 -10.91 56.21 1.01
C GLN B 125 -10.49 57.55 0.43
N LEU B 126 -9.23 57.63 0.04
CA LEU B 126 -8.65 58.89 -0.42
C LEU B 126 -9.30 59.38 -1.70
N ARG B 127 -9.63 58.46 -2.61
CA ARG B 127 -10.27 58.83 -3.88
C ARG B 127 -9.41 59.89 -4.62
N ASP B 128 -10.01 60.96 -5.12
CA ASP B 128 -9.25 61.97 -5.86
C ASP B 128 -8.68 63.09 -4.99
N ASN B 129 -8.66 62.89 -3.66
CA ASN B 129 -8.05 63.85 -2.72
C ASN B 129 -6.53 63.68 -2.53
N ALA B 130 -5.92 62.71 -3.20
CA ALA B 130 -4.47 62.51 -3.16
C ALA B 130 -3.94 61.98 -4.49
N LYS B 131 -2.64 62.13 -4.75
CA LYS B 131 -2.01 61.59 -5.95
C LYS B 131 -1.54 60.15 -5.74
N GLU B 132 -2.01 59.24 -6.59
CA GLU B 132 -1.51 57.87 -6.58
C GLU B 132 -0.13 57.84 -7.25
N LEU B 133 0.92 57.81 -6.44
CA LEU B 133 2.30 57.92 -6.96
C LEU B 133 2.78 56.71 -7.77
N GLY B 134 2.25 55.53 -7.46
CA GLY B 134 2.60 54.31 -8.19
C GLY B 134 3.54 53.36 -7.45
N ASN B 135 3.94 53.75 -6.24
CA ASN B 135 4.93 52.99 -5.47
C ASN B 135 4.43 52.51 -4.11
N GLY B 136 3.13 52.61 -3.90
CA GLY B 136 2.52 52.30 -2.62
C GLY B 136 2.17 53.54 -1.83
N CYS B 137 2.59 54.71 -2.32
CA CYS B 137 2.41 55.96 -1.61
C CYS B 137 1.32 56.82 -2.23
N PHE B 138 0.64 57.56 -1.36
CA PHE B 138 -0.36 58.53 -1.76
C PHE B 138 0.08 59.88 -1.26
N GLU B 139 0.17 60.85 -2.17
CA GLU B 139 0.63 62.20 -1.84
C GLU B 139 -0.55 63.15 -1.81
N PHE B 140 -0.78 63.78 -0.66
CA PHE B 140 -2.00 64.56 -0.42
C PHE B 140 -1.97 65.94 -1.08
N TYR B 141 -3.13 66.37 -1.58
CA TYR B 141 -3.26 67.73 -2.11
C TYR B 141 -3.34 68.74 -0.99
N HIS B 142 -3.97 68.34 0.12
CA HIS B 142 -4.05 69.15 1.32
C HIS B 142 -2.93 68.76 2.28
N LYS B 143 -2.64 69.65 3.22
CA LYS B 143 -1.70 69.34 4.29
C LYS B 143 -2.38 68.33 5.21
N CYS B 144 -1.66 67.27 5.56
CA CYS B 144 -2.22 66.17 6.34
C CYS B 144 -1.41 65.94 7.62
N ASP B 145 -1.91 66.48 8.73
CA ASP B 145 -1.23 66.36 10.04
C ASP B 145 -1.39 64.93 10.61
N ASN B 146 -0.89 64.71 11.83
CA ASN B 146 -0.90 63.37 12.43
C ASN B 146 -2.31 62.86 12.76
N GLU B 147 -3.25 63.76 12.96
CA GLU B 147 -4.66 63.37 13.13
C GLU B 147 -5.25 62.98 11.78
N CYS B 148 -4.94 63.77 10.76
CA CYS B 148 -5.31 63.46 9.39
C CYS B 148 -4.75 62.11 8.94
N MET B 149 -3.48 61.86 9.28
CA MET B 149 -2.86 60.57 8.98
C MET B 149 -3.56 59.45 9.74
N GLU B 150 -3.93 59.73 10.99
CA GLU B 150 -4.60 58.75 11.83
C GLU B 150 -6.00 58.39 11.29
N SER B 151 -6.69 59.37 10.70
CA SER B 151 -8.02 59.12 10.13
C SER B 151 -7.96 58.13 8.95
N VAL B 152 -6.86 58.17 8.22
CA VAL B 152 -6.64 57.26 7.10
C VAL B 152 -6.42 55.84 7.64
N ARG B 153 -5.62 55.71 8.70
CA ARG B 153 -5.42 54.41 9.33
C ARG B 153 -6.68 53.95 10.07
N ASN B 154 -7.36 54.89 10.72
CA ASN B 154 -8.69 54.67 11.32
C ASN B 154 -9.66 53.95 10.38
N GLY B 155 -9.68 54.38 9.12
CA GLY B 155 -10.76 54.06 8.19
C GLY B 155 -11.77 55.21 8.12
N THR B 156 -11.46 56.30 8.82
CA THR B 156 -12.39 57.41 9.05
C THR B 156 -12.00 58.67 8.29
N TYR B 157 -11.19 58.54 7.25
CA TYR B 157 -10.74 59.71 6.48
C TYR B 157 -11.94 60.45 5.91
N ASP B 158 -12.18 61.66 6.42
CA ASP B 158 -13.36 62.43 6.02
C ASP B 158 -13.14 63.11 4.67
N TYR B 159 -13.43 62.37 3.59
CA TYR B 159 -13.25 62.86 2.22
C TYR B 159 -13.94 64.22 1.99
N PRO B 160 -15.24 64.36 2.33
CA PRO B 160 -15.94 65.64 2.12
C PRO B 160 -15.31 66.89 2.78
N GLN B 161 -14.55 66.71 3.86
CA GLN B 161 -13.89 67.84 4.54
C GLN B 161 -12.71 68.38 3.72
N TYR B 162 -11.89 67.47 3.21
CA TYR B 162 -10.70 67.83 2.45
C TYR B 162 -10.96 67.97 0.94
N SER B 163 -12.23 67.90 0.53
CA SER B 163 -12.61 68.05 -0.87
C SER B 163 -13.27 69.41 -1.10
N ASP C 1 -28.38 59.49 -7.83
CA ASP C 1 -28.59 58.12 -8.38
C ASP C 1 -27.30 57.30 -8.29
N GLN C 2 -27.45 56.00 -8.05
CA GLN C 2 -26.29 55.10 -7.93
C GLN C 2 -26.58 53.66 -8.30
N ILE C 3 -25.55 52.97 -8.77
CA ILE C 3 -25.61 51.54 -9.03
C ILE C 3 -24.52 50.85 -8.22
N CYS C 4 -24.86 49.72 -7.61
CA CYS C 4 -23.93 48.98 -6.78
C CYS C 4 -23.73 47.57 -7.31
N ILE C 5 -22.57 47.01 -7.01
CA ILE C 5 -22.29 45.61 -7.29
C ILE C 5 -22.25 44.86 -5.97
N GLY C 6 -22.87 43.68 -5.96
CA GLY C 6 -22.96 42.90 -4.73
C GLY C 6 -23.26 41.44 -4.99
N TYR C 7 -23.43 40.70 -3.92
CA TYR C 7 -23.50 39.25 -4.00
C TYR C 7 -24.59 38.68 -3.11
N HIS C 8 -24.92 37.42 -3.34
CA HIS C 8 -26.04 36.76 -2.70
C HIS C 8 -25.76 36.46 -1.21
N ALA C 9 -26.79 36.59 -0.39
CA ALA C 9 -26.77 36.07 0.98
C ALA C 9 -28.10 35.37 1.22
N ASN C 10 -28.16 34.55 2.26
CA ASN C 10 -29.39 33.84 2.58
C ASN C 10 -29.41 33.37 4.04
N ASN C 11 -30.45 32.63 4.41
CA ASN C 11 -30.63 32.17 5.79
C ASN C 11 -29.96 30.80 6.08
N SER C 12 -29.00 30.42 5.24
CA SER C 12 -28.27 29.16 5.39
C SER C 12 -27.31 29.22 6.57
N THR C 13 -27.15 28.09 7.26
CA THR C 13 -26.18 27.95 8.35
C THR C 13 -25.16 26.85 8.06
N GLU C 14 -25.17 26.30 6.85
CA GLU C 14 -24.22 25.27 6.46
C GLU C 14 -22.79 25.81 6.48
N GLN C 15 -21.88 25.05 7.07
CA GLN C 15 -20.50 25.46 7.19
C GLN C 15 -19.57 24.50 6.46
N VAL C 16 -18.42 25.01 6.04
CA VAL C 16 -17.40 24.18 5.42
C VAL C 16 -16.05 24.56 6.01
N ASP C 17 -15.10 23.63 5.96
CA ASP C 17 -13.74 23.88 6.41
C ASP C 17 -12.83 24.16 5.22
N THR C 18 -11.80 24.98 5.48
CA THR C 18 -10.73 25.26 4.53
C THR C 18 -9.41 25.13 5.29
N ILE C 19 -8.30 25.33 4.59
CA ILE C 19 -6.98 25.23 5.22
C ILE C 19 -6.81 26.28 6.33
N MET C 20 -7.11 27.54 5.99
CA MET C 20 -6.85 28.66 6.89
C MET C 20 -7.98 28.96 7.87
N GLU C 21 -9.18 28.47 7.57
CA GLU C 21 -10.34 28.78 8.39
C GLU C 21 -11.32 27.62 8.45
N LYS C 22 -11.84 27.36 9.64
CA LYS C 22 -12.80 26.30 9.85
C LYS C 22 -14.16 26.86 10.20
N ASN C 23 -15.20 26.08 9.96
CA ASN C 23 -16.57 26.47 10.26
C ASN C 23 -16.99 27.78 9.56
N VAL C 24 -16.68 27.87 8.27
CA VAL C 24 -17.06 29.01 7.44
C VAL C 24 -18.49 28.83 6.92
N THR C 25 -19.40 29.73 7.30
CA THR C 25 -20.79 29.64 6.88
C THR C 25 -20.95 30.03 5.43
N VAL C 26 -21.57 29.15 4.63
CA VAL C 26 -21.74 29.40 3.19
C VAL C 26 -23.22 29.36 2.80
N THR C 27 -23.51 29.92 1.64
CA THR C 27 -24.89 30.00 1.16
C THR C 27 -25.37 28.65 0.61
N HIS C 28 -24.46 27.90 0.00
CA HIS C 28 -24.80 26.58 -0.53
C HIS C 28 -23.64 25.61 -0.33
N ALA C 29 -23.97 24.36 -0.10
CA ALA C 29 -22.96 23.33 0.11
C ALA C 29 -23.46 22.02 -0.43
N GLN C 30 -22.58 21.02 -0.45
CA GLN C 30 -22.95 19.68 -0.87
C GLN C 30 -22.21 18.63 -0.05
N ASP C 31 -22.97 17.95 0.82
CA ASP C 31 -22.45 16.81 1.55
C ASP C 31 -22.22 15.67 0.56
N ILE C 32 -21.04 15.06 0.64
CA ILE C 32 -20.66 13.95 -0.25
C ILE C 32 -20.36 12.65 0.50
N LEU C 33 -20.56 12.65 1.81
CA LEU C 33 -20.30 11.49 2.66
C LEU C 33 -21.61 10.88 3.12
N GLU C 34 -21.84 9.62 2.77
CA GLU C 34 -23.01 8.88 3.26
C GLU C 34 -22.73 8.34 4.65
N LYS C 35 -23.55 8.74 5.62
CA LYS C 35 -23.30 8.44 7.03
C LYS C 35 -24.27 7.41 7.64
N THR C 36 -25.30 7.02 6.91
CA THR C 36 -26.36 6.16 7.45
C THR C 36 -26.53 4.81 6.75
N HIS C 37 -27.13 3.86 7.46
CA HIS C 37 -27.49 2.55 6.93
C HIS C 37 -28.77 2.06 7.63
N ASN C 38 -29.44 1.05 7.06
CA ASN C 38 -30.68 0.53 7.64
C ASN C 38 -30.47 -0.43 8.83
N GLY C 39 -29.23 -0.88 9.00
CA GLY C 39 -28.85 -1.71 10.15
C GLY C 39 -29.16 -3.19 9.98
N LYS C 40 -29.36 -3.61 8.72
CA LYS C 40 -29.85 -4.95 8.43
C LYS C 40 -29.03 -5.66 7.36
N LEU C 41 -29.00 -6.99 7.45
CA LEU C 41 -28.41 -7.84 6.42
C LEU C 41 -29.52 -8.15 5.41
N CYS C 42 -29.19 -8.05 4.12
CA CYS C 42 -30.22 -7.93 3.09
C CYS C 42 -29.89 -8.58 1.76
N ASP C 43 -30.93 -8.85 0.98
CA ASP C 43 -30.78 -9.40 -0.37
C ASP C 43 -30.05 -8.40 -1.24
N LEU C 44 -29.08 -8.90 -2.01
CA LEU C 44 -28.30 -8.04 -2.92
C LEU C 44 -28.81 -8.22 -4.33
N ASP C 45 -29.38 -7.15 -4.89
CA ASP C 45 -29.91 -7.16 -6.25
C ASP C 45 -31.01 -8.21 -6.40
N GLY C 46 -31.77 -8.42 -5.33
CA GLY C 46 -32.80 -9.47 -5.28
C GLY C 46 -32.31 -10.82 -4.77
N VAL C 47 -31.02 -11.11 -4.95
CA VAL C 47 -30.45 -12.42 -4.64
C VAL C 47 -30.08 -12.54 -3.16
N LYS C 48 -30.68 -13.50 -2.47
CA LYS C 48 -30.54 -13.64 -1.01
C LYS C 48 -29.14 -14.10 -0.60
N PRO C 49 -28.63 -13.57 0.53
CA PRO C 49 -27.38 -14.10 1.08
C PRO C 49 -27.55 -15.46 1.74
N LEU C 50 -26.51 -16.28 1.68
CA LEU C 50 -26.47 -17.52 2.44
C LEU C 50 -26.09 -17.19 3.87
N ILE C 51 -27.10 -17.18 4.75
CA ILE C 51 -26.87 -16.90 6.17
C ILE C 51 -26.72 -18.21 6.92
N LEU C 52 -25.49 -18.52 7.31
CA LEU C 52 -25.18 -19.77 8.00
C LEU C 52 -25.67 -19.77 9.46
N ARG C 53 -26.10 -18.62 9.95
CA ARG C 53 -26.56 -18.45 11.33
C ARG C 53 -25.44 -18.89 12.29
N ASP C 54 -25.65 -19.96 13.07
CA ASP C 54 -24.63 -20.42 14.03
C ASP C 54 -23.72 -21.52 13.48
N CYS C 55 -24.00 -21.99 12.26
CA CYS C 55 -23.11 -22.94 11.59
C CYS C 55 -21.94 -22.21 10.95
N SER C 56 -20.79 -22.87 10.85
CA SER C 56 -19.62 -22.35 10.14
C SER C 56 -19.62 -22.90 8.71
N VAL C 57 -18.61 -22.52 7.94
CA VAL C 57 -18.45 -23.00 6.56
C VAL C 57 -18.10 -24.48 6.57
N ALA C 58 -17.21 -24.86 7.48
CA ALA C 58 -16.81 -26.26 7.65
C ALA C 58 -18.03 -27.13 8.00
N GLY C 59 -18.79 -26.71 9.00
CA GLY C 59 -19.97 -27.44 9.42
C GLY C 59 -20.97 -27.62 8.29
N TRP C 60 -21.21 -26.57 7.53
CA TRP C 60 -22.11 -26.64 6.37
C TRP C 60 -21.58 -27.64 5.34
N LEU C 61 -20.32 -27.47 4.94
CA LEU C 61 -19.74 -28.28 3.87
C LEU C 61 -19.51 -29.75 4.25
N LEU C 62 -19.10 -30.01 5.49
CA LEU C 62 -18.96 -31.39 5.98
C LEU C 62 -20.32 -32.03 6.27
N GLY C 63 -21.37 -31.20 6.36
CA GLY C 63 -22.70 -31.70 6.63
C GLY C 63 -22.91 -32.04 8.09
N ASN C 64 -22.46 -31.15 8.96
CA ASN C 64 -22.73 -31.26 10.39
C ASN C 64 -24.24 -31.36 10.61
N PRO C 65 -24.69 -32.33 11.43
CA PRO C 65 -26.14 -32.58 11.60
C PRO C 65 -26.95 -31.39 12.13
N MET C 66 -26.31 -30.44 12.81
CA MET C 66 -26.95 -29.21 13.25
C MET C 66 -27.15 -28.22 12.09
N CYS C 67 -26.45 -28.46 10.98
CA CYS C 67 -26.53 -27.63 9.79
C CYS C 67 -27.42 -28.26 8.72
N ASP C 68 -28.50 -28.90 9.19
CA ASP C 68 -29.50 -29.51 8.30
C ASP C 68 -30.22 -28.48 7.45
N GLU C 69 -30.29 -27.23 7.91
CA GLU C 69 -30.87 -26.16 7.11
C GLU C 69 -30.13 -26.01 5.78
N PHE C 70 -28.81 -26.24 5.82
CA PHE C 70 -27.94 -25.93 4.68
C PHE C 70 -27.57 -27.16 3.83
N ILE C 71 -28.45 -28.17 3.84
CA ILE C 71 -28.41 -29.24 2.83
C ILE C 71 -29.05 -28.73 1.54
N ASN C 72 -28.36 -28.92 0.42
CA ASN C 72 -28.84 -28.43 -0.90
C ASN C 72 -29.24 -26.95 -0.91
N VAL C 73 -28.32 -26.09 -0.49
CA VAL C 73 -28.59 -24.65 -0.44
C VAL C 73 -28.79 -24.05 -1.85
N PRO C 74 -29.71 -23.08 -1.98
CA PRO C 74 -29.86 -22.37 -3.25
C PRO C 74 -28.71 -21.39 -3.45
N GLU C 75 -28.61 -20.82 -4.64
CA GLU C 75 -27.52 -19.90 -4.94
C GLU C 75 -27.61 -18.63 -4.09
N TRP C 76 -26.46 -18.03 -3.80
CA TRP C 76 -26.35 -16.90 -2.89
C TRP C 76 -25.62 -15.74 -3.55
N SER C 77 -25.98 -14.52 -3.15
CA SER C 77 -25.26 -13.32 -3.55
C SER C 77 -23.94 -13.23 -2.79
N TYR C 78 -24.04 -13.37 -1.48
CA TYR C 78 -22.86 -13.41 -0.61
C TYR C 78 -23.15 -14.33 0.59
N ILE C 79 -22.11 -14.65 1.37
CA ILE C 79 -22.26 -15.53 2.53
C ILE C 79 -22.07 -14.74 3.82
N VAL C 80 -22.84 -15.09 4.85
CA VAL C 80 -22.72 -14.44 6.16
C VAL C 80 -22.40 -15.46 7.25
N GLU C 81 -21.24 -15.28 7.87
CA GLU C 81 -20.74 -16.17 8.92
C GLU C 81 -20.43 -15.34 10.15
N LYS C 82 -20.82 -15.85 11.32
CA LYS C 82 -20.48 -15.18 12.59
C LYS C 82 -18.98 -15.28 12.89
N ALA C 83 -18.54 -14.52 13.87
CA ALA C 83 -17.13 -14.50 14.28
C ALA C 83 -16.74 -15.83 14.94
N ASN C 84 -17.56 -16.29 15.88
CA ASN C 84 -17.29 -17.55 16.60
C ASN C 84 -18.51 -18.49 16.58
N PRO C 85 -18.86 -19.03 15.40
CA PRO C 85 -20.03 -19.92 15.31
C PRO C 85 -19.87 -21.18 16.15
N VAL C 86 -20.89 -21.53 16.94
CA VAL C 86 -20.82 -22.68 17.85
C VAL C 86 -20.82 -24.03 17.12
N ASN C 87 -21.64 -24.15 16.07
CA ASN C 87 -21.73 -25.38 15.28
C ASN C 87 -20.64 -25.44 14.21
N ASP C 88 -19.42 -25.73 14.63
CA ASP C 88 -18.30 -25.88 13.71
C ASP C 88 -18.00 -27.38 13.56
N LEU C 89 -16.83 -27.83 14.02
CA LEU C 89 -16.46 -29.23 13.98
C LEU C 89 -17.01 -29.92 15.24
N CYS C 90 -18.16 -30.59 15.09
CA CYS C 90 -18.78 -31.29 16.21
C CYS C 90 -17.81 -32.31 16.79
N TYR C 91 -17.22 -33.14 15.93
CA TYR C 91 -16.11 -34.02 16.32
C TYR C 91 -14.80 -33.24 16.19
N PRO C 92 -14.01 -33.15 17.28
CA PRO C 92 -12.77 -32.34 17.29
C PRO C 92 -11.83 -32.68 16.15
N GLY C 93 -11.08 -31.68 15.68
CA GLY C 93 -10.13 -31.89 14.59
C GLY C 93 -9.63 -30.61 13.95
N ASP C 94 -9.06 -30.78 12.77
CA ASP C 94 -8.58 -29.67 11.95
C ASP C 94 -9.17 -29.79 10.56
N PHE C 95 -9.30 -28.66 9.89
CA PHE C 95 -9.69 -28.61 8.49
C PHE C 95 -8.45 -28.15 7.72
N ASN C 96 -7.93 -29.02 6.87
CA ASN C 96 -6.71 -28.74 6.13
C ASN C 96 -6.94 -27.68 5.05
N ASP C 97 -6.07 -26.66 5.03
CA ASP C 97 -6.18 -25.52 4.10
C ASP C 97 -7.60 -24.95 4.09
N TYR C 98 -8.11 -24.66 5.28
CA TYR C 98 -9.48 -24.15 5.46
C TYR C 98 -9.62 -22.74 4.88
N GLU C 99 -8.59 -21.93 5.09
CA GLU C 99 -8.60 -20.54 4.68
C GLU C 99 -8.51 -20.44 3.16
N GLU C 100 -7.67 -21.28 2.57
CA GLU C 100 -7.57 -21.35 1.11
C GLU C 100 -8.89 -21.81 0.48
N LEU C 101 -9.60 -22.72 1.14
CA LEU C 101 -10.90 -23.15 0.65
C LEU C 101 -11.92 -22.04 0.78
N LYS C 102 -11.93 -21.39 1.94
CA LYS C 102 -12.78 -20.22 2.16
C LYS C 102 -12.56 -19.14 1.11
N HIS C 103 -11.30 -18.96 0.71
CA HIS C 103 -10.98 -18.00 -0.33
C HIS C 103 -11.59 -18.42 -1.67
N LEU C 104 -11.61 -19.73 -1.93
CA LEU C 104 -12.19 -20.27 -3.15
C LEU C 104 -13.69 -19.96 -3.24
N LEU C 105 -14.36 -19.91 -2.08
CA LEU C 105 -15.79 -19.57 -1.99
C LEU C 105 -16.12 -18.12 -2.36
N SER C 106 -15.12 -17.25 -2.31
CA SER C 106 -15.31 -15.87 -2.74
C SER C 106 -15.53 -15.78 -4.27
N ARG C 107 -15.11 -16.81 -4.99
CA ARG C 107 -15.36 -16.91 -6.44
C ARG C 107 -16.56 -17.81 -6.79
N ILE C 108 -17.34 -18.21 -5.79
CA ILE C 108 -18.42 -19.19 -6.00
C ILE C 108 -19.77 -18.65 -5.53
N ASN C 109 -20.77 -18.76 -6.42
CA ASN C 109 -22.14 -18.34 -6.11
C ASN C 109 -23.11 -19.49 -5.87
N HIS C 110 -22.82 -20.68 -6.41
CA HIS C 110 -23.69 -21.83 -6.20
C HIS C 110 -23.01 -23.20 -6.27
N PHE C 111 -23.30 -24.01 -5.26
CA PHE C 111 -22.93 -25.43 -5.25
C PHE C 111 -24.18 -26.25 -5.52
N GLU C 112 -24.01 -27.37 -6.24
CA GLU C 112 -25.04 -28.40 -6.33
C GLU C 112 -24.46 -29.71 -5.81
N LYS C 113 -25.14 -30.31 -4.82
CA LYS C 113 -24.64 -31.51 -4.18
C LYS C 113 -24.95 -32.75 -5.02
N ILE C 114 -24.00 -33.68 -5.10
CA ILE C 114 -24.21 -34.97 -5.77
C ILE C 114 -23.54 -36.12 -5.02
N GLN C 115 -24.10 -37.31 -5.18
CA GLN C 115 -23.54 -38.51 -4.55
C GLN C 115 -22.56 -39.19 -5.52
N ILE C 116 -21.34 -39.42 -5.05
CA ILE C 116 -20.32 -40.11 -5.86
C ILE C 116 -20.07 -41.54 -5.35
N ILE C 117 -20.03 -41.70 -4.04
CA ILE C 117 -19.95 -43.03 -3.41
C ILE C 117 -21.23 -43.25 -2.61
N PRO C 118 -22.07 -44.22 -3.03
CA PRO C 118 -23.24 -44.55 -2.21
C PRO C 118 -22.86 -45.18 -0.86
N LYS C 119 -23.61 -44.87 0.18
CA LYS C 119 -23.36 -45.42 1.51
C LYS C 119 -23.64 -46.92 1.55
N SER C 120 -24.64 -47.35 0.81
CA SER C 120 -24.97 -48.76 0.65
C SER C 120 -23.84 -49.53 -0.02
N SER C 121 -23.17 -48.87 -0.98
CA SER C 121 -22.14 -49.52 -1.81
C SER C 121 -20.97 -50.16 -1.04
N TRP C 122 -20.80 -49.81 0.24
CA TRP C 122 -19.78 -50.43 1.07
C TRP C 122 -20.26 -51.79 1.56
N SER C 123 -20.24 -52.78 0.66
CA SER C 123 -20.75 -54.12 0.94
C SER C 123 -19.76 -54.96 1.75
N SER C 124 -18.48 -54.64 1.62
CA SER C 124 -17.40 -55.36 2.33
C SER C 124 -16.98 -54.68 3.64
N HIS C 125 -17.60 -53.55 3.97
CA HIS C 125 -17.30 -52.80 5.19
C HIS C 125 -18.58 -52.36 5.90
N GLU C 126 -18.49 -52.13 7.20
CA GLU C 126 -19.61 -51.61 7.97
C GLU C 126 -19.61 -50.08 7.88
N ALA C 127 -20.75 -49.50 7.51
CA ALA C 127 -20.84 -48.06 7.21
C ALA C 127 -21.85 -47.28 8.06
N SER C 128 -22.73 -47.99 8.77
CA SER C 128 -23.86 -47.34 9.47
C SER C 128 -23.65 -47.20 10.99
N LEU C 129 -22.49 -47.63 11.49
CA LEU C 129 -22.17 -47.46 12.91
C LEU C 129 -20.98 -46.51 13.09
N GLY C 130 -20.78 -45.62 12.12
CA GLY C 130 -19.71 -44.63 12.18
C GLY C 130 -20.21 -43.30 12.76
N VAL C 131 -20.60 -43.33 14.03
CA VAL C 131 -21.17 -42.16 14.70
C VAL C 131 -20.44 -41.85 16.01
N SER C 132 -20.76 -40.68 16.59
CA SER C 132 -20.20 -40.26 17.87
C SER C 132 -21.21 -39.40 18.63
N SER C 133 -21.02 -39.32 19.95
CA SER C 133 -21.86 -38.48 20.79
C SER C 133 -21.57 -36.99 20.60
N ALA C 134 -20.40 -36.67 20.03
CA ALA C 134 -20.02 -35.28 19.78
C ALA C 134 -20.88 -34.60 18.71
N CYS C 135 -21.38 -35.38 17.74
CA CYS C 135 -22.34 -34.90 16.76
C CYS C 135 -23.71 -35.55 16.98
N PRO C 136 -24.55 -34.96 17.87
CA PRO C 136 -25.89 -35.50 18.12
C PRO C 136 -26.99 -34.91 17.23
N TYR C 137 -27.92 -35.76 16.79
CA TYR C 137 -29.10 -35.33 16.03
C TYR C 137 -30.36 -35.97 16.60
N GLN C 138 -31.32 -35.13 17.02
CA GLN C 138 -32.57 -35.58 17.62
C GLN C 138 -32.36 -36.56 18.78
N GLY C 139 -31.33 -36.31 19.59
CA GLY C 139 -31.05 -37.12 20.78
C GLY C 139 -30.09 -38.28 20.57
N LYS C 140 -30.02 -38.78 19.33
CA LYS C 140 -29.16 -39.91 19.01
C LYS C 140 -27.81 -39.45 18.46
N SER C 141 -26.80 -40.30 18.60
CA SER C 141 -25.47 -40.03 18.08
C SER C 141 -25.47 -40.08 16.55
N SER C 142 -24.87 -39.07 15.93
CA SER C 142 -24.87 -38.92 14.47
C SER C 142 -23.46 -38.53 13.99
N PHE C 143 -23.36 -38.07 12.75
CA PHE C 143 -22.06 -37.66 12.20
C PHE C 143 -22.23 -36.70 11.01
N PHE C 144 -21.12 -36.10 10.57
CA PHE C 144 -21.09 -35.31 9.34
C PHE C 144 -21.76 -36.08 8.20
N ARG C 145 -22.89 -35.56 7.72
CA ARG C 145 -23.73 -36.28 6.76
C ARG C 145 -23.12 -36.54 5.38
N ASN C 146 -22.12 -35.76 5.01
CA ASN C 146 -21.55 -35.86 3.66
C ASN C 146 -20.43 -36.89 3.53
N VAL C 147 -19.93 -37.37 4.67
CA VAL C 147 -18.86 -38.37 4.66
C VAL C 147 -19.20 -39.59 5.53
N VAL C 148 -18.66 -40.75 5.15
CA VAL C 148 -18.95 -42.02 5.82
C VAL C 148 -17.77 -42.46 6.70
N TRP C 149 -18.01 -42.60 8.00
CA TRP C 149 -17.00 -43.14 8.91
C TRP C 149 -17.05 -44.68 8.85
N LEU C 150 -16.08 -45.27 8.15
CA LEU C 150 -16.05 -46.71 7.89
C LEU C 150 -15.37 -47.47 9.03
N ILE C 151 -15.94 -48.62 9.39
CA ILE C 151 -15.36 -49.53 10.38
C ILE C 151 -15.37 -50.97 9.86
N LYS C 152 -14.66 -51.84 10.59
CA LYS C 152 -14.52 -53.26 10.23
C LYS C 152 -15.83 -54.04 10.31
N LYS C 153 -15.99 -55.04 9.43
CA LYS C 153 -17.14 -55.95 9.46
C LYS C 153 -16.68 -57.35 9.89
N ASN C 154 -17.26 -57.86 10.97
CA ASN C 154 -16.89 -59.14 11.57
C ASN C 154 -15.38 -59.28 11.81
N SER C 155 -14.81 -58.28 12.48
CA SER C 155 -13.41 -58.29 12.90
C SER C 155 -12.39 -58.37 11.76
N THR C 156 -12.70 -57.73 10.63
CA THR C 156 -11.75 -57.64 9.51
C THR C 156 -11.97 -56.32 8.78
N TYR C 157 -10.90 -55.55 8.60
CA TYR C 157 -10.97 -54.33 7.78
C TYR C 157 -10.13 -54.53 6.52
N PRO C 158 -10.76 -55.07 5.45
CA PRO C 158 -10.04 -55.29 4.20
C PRO C 158 -9.69 -54.00 3.49
N THR C 159 -8.69 -54.05 2.63
CA THR C 159 -8.21 -52.88 1.91
C THR C 159 -9.32 -52.33 1.00
N ILE C 160 -9.43 -51.00 0.98
CA ILE C 160 -10.39 -50.28 0.15
C ILE C 160 -9.67 -49.77 -1.09
N LYS C 161 -10.24 -50.02 -2.27
CA LYS C 161 -9.71 -49.48 -3.53
C LYS C 161 -10.86 -48.90 -4.36
N ARG C 162 -11.14 -47.62 -4.16
CA ARG C 162 -12.28 -46.96 -4.78
C ARG C 162 -11.83 -45.80 -5.67
N SER C 163 -12.42 -45.71 -6.86
CA SER C 163 -12.11 -44.68 -7.83
C SER C 163 -13.39 -44.01 -8.33
N TYR C 164 -13.36 -42.68 -8.50
CA TYR C 164 -14.47 -41.96 -9.12
C TYR C 164 -14.02 -41.07 -10.29
N ASN C 165 -14.67 -41.26 -11.44
CA ASN C 165 -14.40 -40.47 -12.64
C ASN C 165 -15.36 -39.29 -12.75
N ASN C 166 -14.81 -38.08 -12.86
CA ASN C 166 -15.63 -36.87 -12.98
C ASN C 166 -16.17 -36.71 -14.41
N THR C 167 -17.34 -37.29 -14.65
CA THR C 167 -18.00 -37.23 -15.97
C THR C 167 -18.79 -35.94 -16.20
N ASN C 168 -19.08 -35.19 -15.14
CA ASN C 168 -19.73 -33.88 -15.29
C ASN C 168 -18.75 -32.91 -15.93
N GLN C 169 -19.26 -31.95 -16.69
CA GLN C 169 -18.40 -30.92 -17.26
C GLN C 169 -18.28 -29.72 -16.29
N GLU C 170 -17.88 -30.02 -15.06
CA GLU C 170 -17.69 -29.04 -14.00
C GLU C 170 -16.48 -29.44 -13.14
N ASP C 171 -15.91 -28.47 -12.44
CA ASP C 171 -15.00 -28.76 -11.34
C ASP C 171 -15.84 -29.35 -10.21
N LEU C 172 -15.20 -30.17 -9.37
CA LEU C 172 -15.89 -30.86 -8.30
C LEU C 172 -15.10 -30.75 -7.00
N LEU C 173 -15.74 -30.20 -5.97
CA LEU C 173 -15.15 -30.12 -4.64
C LEU C 173 -15.38 -31.43 -3.90
N VAL C 174 -14.31 -32.19 -3.72
CA VAL C 174 -14.36 -33.46 -2.98
C VAL C 174 -13.81 -33.25 -1.58
N LEU C 175 -14.47 -33.86 -0.59
CA LEU C 175 -14.04 -33.82 0.80
C LEU C 175 -13.88 -35.24 1.34
N TRP C 176 -12.82 -35.47 2.10
CA TRP C 176 -12.64 -36.72 2.84
C TRP C 176 -11.89 -36.46 4.14
N GLY C 177 -11.66 -37.51 4.92
CA GLY C 177 -10.99 -37.36 6.21
C GLY C 177 -10.25 -38.60 6.70
N ILE C 178 -9.43 -38.38 7.73
CA ILE C 178 -8.72 -39.44 8.42
C ILE C 178 -9.07 -39.35 9.91
N HIS C 179 -9.20 -40.50 10.58
CA HIS C 179 -9.42 -40.52 12.01
C HIS C 179 -8.13 -40.83 12.78
N HIS C 180 -7.88 -40.04 13.81
CA HIS C 180 -6.74 -40.22 14.69
C HIS C 180 -7.25 -40.76 16.03
N PRO C 181 -6.98 -42.05 16.32
CA PRO C 181 -7.48 -42.67 17.55
C PRO C 181 -6.62 -42.33 18.77
N ASN C 182 -7.13 -42.63 19.96
CA ASN C 182 -6.48 -42.25 21.21
C ASN C 182 -5.24 -43.10 21.54
N ASP C 183 -5.38 -44.43 21.40
CA ASP C 183 -4.28 -45.37 21.68
C ASP C 183 -4.31 -46.56 20.72
N ALA C 184 -3.26 -47.39 20.79
CA ALA C 184 -3.15 -48.58 19.93
C ALA C 184 -4.30 -49.58 20.15
N ALA C 185 -4.86 -49.58 21.35
CA ALA C 185 -6.01 -50.44 21.67
C ALA C 185 -7.28 -50.03 20.93
N GLU C 186 -7.50 -48.72 20.78
CA GLU C 186 -8.65 -48.22 20.03
C GLU C 186 -8.47 -48.39 18.52
N GLN C 187 -7.23 -48.22 18.05
CA GLN C 187 -6.88 -48.46 16.65
C GLN C 187 -7.30 -49.87 16.22
N THR C 188 -6.88 -50.86 17.00
CA THR C 188 -7.23 -52.25 16.73
C THR C 188 -8.73 -52.50 16.92
N LYS C 189 -9.32 -51.89 17.94
CA LYS C 189 -10.75 -52.03 18.19
C LYS C 189 -11.60 -51.55 17.00
N LEU C 190 -11.18 -50.46 16.37
CA LEU C 190 -11.93 -49.86 15.28
C LEU C 190 -11.62 -50.47 13.93
N TYR C 191 -10.33 -50.61 13.64
CA TYR C 191 -9.87 -51.00 12.30
C TYR C 191 -9.00 -52.27 12.29
N GLN C 192 -8.69 -52.81 13.48
CA GLN C 192 -7.81 -53.98 13.64
C GLN C 192 -6.38 -53.79 13.17
N ASN C 193 -6.18 -53.52 11.89
CA ASN C 193 -4.83 -53.33 11.33
C ASN C 193 -4.07 -52.29 12.17
N PRO C 194 -2.90 -52.68 12.72
CA PRO C 194 -2.18 -51.78 13.64
C PRO C 194 -1.60 -50.56 12.92
N THR C 195 -0.99 -50.80 11.76
CA THR C 195 -0.43 -49.74 10.94
C THR C 195 -1.35 -49.55 9.74
N THR C 196 -1.83 -48.32 9.53
CA THR C 196 -2.80 -48.04 8.46
C THR C 196 -2.43 -46.79 7.68
N TYR C 197 -3.08 -46.61 6.53
CA TYR C 197 -2.81 -45.50 5.64
C TYR C 197 -4.03 -45.16 4.77
N ILE C 198 -3.98 -43.98 4.15
CA ILE C 198 -4.94 -43.58 3.14
C ILE C 198 -4.21 -42.88 2.00
N SER C 199 -4.21 -43.50 0.82
CA SER C 199 -3.58 -42.90 -0.36
C SER C 199 -4.64 -42.35 -1.30
N VAL C 200 -4.52 -41.07 -1.64
CA VAL C 200 -5.44 -40.39 -2.54
C VAL C 200 -4.67 -39.84 -3.74
N GLY C 201 -5.15 -40.16 -4.94
CA GLY C 201 -4.48 -39.75 -6.17
C GLY C 201 -5.45 -39.12 -7.16
N THR C 202 -4.95 -38.13 -7.90
CA THR C 202 -5.65 -37.57 -9.06
C THR C 202 -4.58 -37.34 -10.13
N SER C 203 -4.88 -36.52 -11.12
CA SER C 203 -3.84 -36.12 -12.08
C SER C 203 -2.76 -35.29 -11.38
N THR C 204 -3.17 -34.49 -10.40
CA THR C 204 -2.25 -33.63 -9.67
C THR C 204 -1.96 -34.16 -8.27
N LEU C 205 -3.00 -34.60 -7.56
CA LEU C 205 -2.85 -34.99 -6.15
C LEU C 205 -2.07 -36.30 -5.99
N ASN C 206 -1.07 -36.28 -5.12
CA ASN C 206 -0.31 -37.48 -4.74
C ASN C 206 -0.12 -37.52 -3.22
N GLN C 207 -1.15 -37.97 -2.52
CA GLN C 207 -1.21 -37.90 -1.06
C GLN C 207 -1.20 -39.29 -0.44
N ARG C 208 -0.60 -39.39 0.75
CA ARG C 208 -0.66 -40.60 1.57
C ARG C 208 -0.69 -40.21 3.05
N LEU C 209 -1.84 -40.38 3.68
CA LEU C 209 -2.02 -40.01 5.09
C LEU C 209 -1.82 -41.21 6.00
N VAL C 210 -1.25 -40.97 7.18
CA VAL C 210 -1.11 -41.99 8.22
C VAL C 210 -1.67 -41.43 9.53
N PRO C 211 -2.36 -42.27 10.33
CA PRO C 211 -2.89 -41.76 11.60
C PRO C 211 -1.80 -41.53 12.65
N ARG C 212 -1.86 -40.38 13.30
CA ARG C 212 -0.93 -40.02 14.37
C ARG C 212 -1.63 -40.20 15.72
N ILE C 213 -1.05 -41.06 16.57
CA ILE C 213 -1.62 -41.36 17.88
C ILE C 213 -1.01 -40.44 18.95
N ALA C 214 -1.86 -39.93 19.83
CA ALA C 214 -1.42 -39.08 20.93
C ALA C 214 -2.50 -38.98 22.01
N THR C 215 -2.07 -38.76 23.25
CA THR C 215 -2.99 -38.52 24.35
C THR C 215 -3.41 -37.07 24.29
N ARG C 216 -4.70 -36.83 24.06
CA ARG C 216 -5.21 -35.48 23.85
C ARG C 216 -6.30 -35.14 24.85
N SER C 217 -6.50 -33.85 25.07
CA SER C 217 -7.55 -33.37 25.96
C SER C 217 -8.91 -33.59 25.32
N LYS C 218 -9.93 -33.78 26.16
CA LYS C 218 -11.28 -33.98 25.65
C LYS C 218 -11.84 -32.66 25.13
N VAL C 219 -12.21 -32.66 23.85
CA VAL C 219 -12.93 -31.56 23.25
C VAL C 219 -14.26 -32.13 22.80
N ASN C 220 -15.36 -31.48 23.18
CA ASN C 220 -16.71 -32.02 22.95
C ASN C 220 -16.88 -33.45 23.46
N GLY C 221 -16.25 -33.75 24.60
CA GLY C 221 -16.35 -35.06 25.23
C GLY C 221 -15.56 -36.18 24.57
N GLN C 222 -14.67 -35.82 23.64
CA GLN C 222 -13.86 -36.81 22.93
C GLN C 222 -12.41 -36.34 22.80
N SER C 223 -11.48 -37.28 22.97
CA SER C 223 -10.05 -37.01 22.83
C SER C 223 -9.49 -37.50 21.50
N GLY C 224 -10.34 -38.13 20.69
CA GLY C 224 -9.98 -38.50 19.31
C GLY C 224 -10.08 -37.30 18.39
N ARG C 225 -9.41 -37.38 17.24
CA ARG C 225 -9.38 -36.26 16.28
C ARG C 225 -9.71 -36.71 14.85
N MET C 226 -10.29 -35.79 14.09
CA MET C 226 -10.57 -36.01 12.68
C MET C 226 -9.89 -34.91 11.87
N GLU C 227 -9.12 -35.28 10.86
CA GLU C 227 -8.42 -34.31 10.03
C GLU C 227 -8.97 -34.36 8.61
N PHE C 228 -9.61 -33.28 8.19
CA PHE C 228 -10.33 -33.26 6.92
C PHE C 228 -9.53 -32.59 5.81
N PHE C 229 -9.53 -33.22 4.64
CA PHE C 229 -8.80 -32.74 3.48
C PHE C 229 -9.74 -32.58 2.30
N TRP C 230 -9.29 -31.80 1.31
CA TRP C 230 -10.12 -31.50 0.15
C TRP C 230 -9.30 -31.32 -1.11
N THR C 231 -9.98 -31.42 -2.25
CA THR C 231 -9.38 -31.13 -3.53
C THR C 231 -10.46 -30.67 -4.51
N ILE C 232 -10.04 -30.03 -5.60
CA ILE C 232 -10.93 -29.76 -6.72
C ILE C 232 -10.60 -30.77 -7.81
N LEU C 233 -11.58 -31.60 -8.15
CA LEU C 233 -11.42 -32.61 -9.17
C LEU C 233 -11.92 -32.04 -10.50
N LYS C 234 -11.01 -31.89 -11.45
CA LYS C 234 -11.34 -31.30 -12.74
C LYS C 234 -12.12 -32.28 -13.61
N PRO C 235 -12.87 -31.78 -14.61
CA PRO C 235 -13.67 -32.70 -15.42
C PRO C 235 -12.82 -33.71 -16.17
N ASN C 236 -13.36 -34.92 -16.33
CA ASN C 236 -12.69 -35.98 -17.08
C ASN C 236 -11.46 -36.53 -16.35
N ASP C 237 -11.34 -36.22 -15.05
CA ASP C 237 -10.25 -36.72 -14.21
C ASP C 237 -10.82 -37.62 -13.13
N ALA C 238 -10.06 -38.64 -12.75
CA ALA C 238 -10.50 -39.59 -11.74
C ALA C 238 -9.73 -39.39 -10.44
N ILE C 239 -10.44 -39.56 -9.31
CA ILE C 239 -9.81 -39.60 -7.99
C ILE C 239 -9.77 -41.05 -7.50
N ASN C 240 -8.64 -41.46 -6.93
CA ASN C 240 -8.46 -42.84 -6.47
C ASN C 240 -8.11 -42.90 -4.99
N PHE C 241 -8.89 -43.71 -4.25
CA PHE C 241 -8.65 -43.94 -2.82
C PHE C 241 -8.15 -45.36 -2.58
N GLU C 242 -7.16 -45.50 -1.72
CA GLU C 242 -6.74 -46.81 -1.21
C GLU C 242 -6.45 -46.68 0.29
N SER C 243 -7.09 -47.53 1.10
CA SER C 243 -6.91 -47.49 2.55
C SER C 243 -7.18 -48.83 3.24
N ASN C 244 -6.34 -49.13 4.23
CA ASN C 244 -6.51 -50.31 5.09
C ASN C 244 -6.89 -49.92 6.53
N GLY C 245 -7.32 -48.67 6.73
CA GLY C 245 -7.74 -48.21 8.05
C GLY C 245 -7.89 -46.70 8.19
N ASN C 246 -8.76 -46.30 9.12
CA ASN C 246 -8.91 -44.91 9.59
C ASN C 246 -9.43 -43.92 8.55
N PHE C 247 -10.22 -44.41 7.59
CA PHE C 247 -10.65 -43.62 6.43
C PHE C 247 -12.07 -43.08 6.57
N ILE C 248 -12.23 -41.79 6.31
CA ILE C 248 -13.54 -41.16 6.27
C ILE C 248 -13.89 -40.94 4.80
N ALA C 249 -14.75 -41.80 4.26
CA ALA C 249 -15.04 -41.80 2.83
C ALA C 249 -16.00 -40.68 2.44
N PRO C 250 -15.88 -40.16 1.21
CA PRO C 250 -16.86 -39.21 0.68
C PRO C 250 -18.14 -39.89 0.19
N GLU C 251 -19.28 -39.52 0.77
CA GLU C 251 -20.59 -39.90 0.23
C GLU C 251 -20.98 -38.91 -0.85
N TYR C 252 -20.97 -37.63 -0.48
CA TYR C 252 -21.33 -36.53 -1.38
C TYR C 252 -20.15 -35.59 -1.65
N ALA C 253 -20.14 -35.02 -2.85
CA ALA C 253 -19.17 -34.00 -3.24
C ALA C 253 -19.92 -32.86 -3.91
N TYR C 254 -19.60 -31.63 -3.52
CA TYR C 254 -20.29 -30.44 -4.03
C TYR C 254 -19.82 -30.10 -5.44
N LYS C 255 -20.78 -29.79 -6.30
CA LYS C 255 -20.53 -29.48 -7.70
C LYS C 255 -20.63 -27.96 -7.88
N ILE C 256 -19.65 -27.38 -8.56
CA ILE C 256 -19.56 -25.92 -8.68
C ILE C 256 -20.21 -25.45 -9.97
N VAL C 257 -21.51 -25.17 -9.91
CA VAL C 257 -22.27 -24.81 -11.12
C VAL C 257 -22.02 -23.37 -11.56
N LYS C 258 -22.02 -22.43 -10.61
CA LYS C 258 -21.82 -21.01 -10.91
C LYS C 258 -20.62 -20.42 -10.19
N LYS C 259 -19.79 -19.70 -10.95
CA LYS C 259 -18.67 -18.93 -10.41
C LYS C 259 -18.92 -17.44 -10.64
N GLY C 260 -19.05 -16.68 -9.57
CA GLY C 260 -19.27 -15.24 -9.67
C GLY C 260 -18.63 -14.47 -8.53
N ASP C 261 -18.87 -13.16 -8.50
CA ASP C 261 -18.40 -12.33 -7.40
C ASP C 261 -19.21 -12.64 -6.14
N SER C 262 -18.51 -13.06 -5.10
CA SER C 262 -19.12 -13.36 -3.82
C SER C 262 -18.15 -12.93 -2.71
N THR C 263 -18.57 -13.09 -1.46
CA THR C 263 -17.71 -12.75 -0.33
C THR C 263 -18.25 -13.40 0.94
N ILE C 264 -17.34 -13.79 1.83
CA ILE C 264 -17.73 -14.29 3.15
C ILE C 264 -17.69 -13.12 4.13
N MET C 265 -18.87 -12.59 4.42
CA MET C 265 -19.05 -11.48 5.33
C MET C 265 -19.06 -11.98 6.77
N LYS C 266 -18.41 -11.23 7.65
CA LYS C 266 -18.33 -11.56 9.07
C LYS C 266 -19.27 -10.65 9.84
N SER C 267 -20.33 -11.22 10.38
CA SER C 267 -21.36 -10.44 11.06
C SER C 267 -22.20 -11.27 12.03
N GLU C 268 -22.51 -10.68 13.18
CA GLU C 268 -23.37 -11.30 14.18
C GLU C 268 -24.85 -11.10 13.83
N LEU C 269 -25.12 -10.14 12.95
CA LEU C 269 -26.49 -9.77 12.60
C LEU C 269 -27.19 -10.87 11.81
N GLU C 270 -28.53 -10.83 11.85
CA GLU C 270 -29.36 -11.89 11.25
C GLU C 270 -29.88 -11.48 9.86
N TYR C 271 -31.19 -11.31 9.69
CA TYR C 271 -31.78 -11.07 8.38
C TYR C 271 -32.96 -10.09 8.46
N GLY C 272 -32.83 -8.96 7.77
CA GLY C 272 -33.87 -7.93 7.79
C GLY C 272 -35.03 -8.14 6.81
N ASN C 273 -34.87 -9.09 5.89
CA ASN C 273 -35.83 -9.31 4.79
C ASN C 273 -36.00 -8.06 3.94
N CYS C 274 -34.87 -7.39 3.68
CA CYS C 274 -34.84 -6.17 2.90
C CYS C 274 -34.01 -6.42 1.64
N ASN C 275 -34.11 -5.53 0.67
CA ASN C 275 -33.33 -5.61 -0.56
C ASN C 275 -32.43 -4.38 -0.69
N THR C 276 -31.24 -4.57 -1.27
CA THR C 276 -30.29 -3.48 -1.44
C THR C 276 -29.43 -3.69 -2.68
N LYS C 277 -28.59 -2.71 -2.99
CA LYS C 277 -27.60 -2.83 -4.06
C LYS C 277 -26.18 -2.59 -3.55
N CYS C 278 -26.05 -2.39 -2.24
CA CYS C 278 -24.76 -2.18 -1.59
C CYS C 278 -24.90 -2.65 -0.15
N GLN C 279 -24.15 -3.68 0.22
CA GLN C 279 -24.29 -4.27 1.55
C GLN C 279 -23.01 -4.19 2.35
N THR C 280 -23.16 -3.93 3.65
CA THR C 280 -22.07 -3.98 4.61
C THR C 280 -22.42 -4.95 5.74
N PRO C 281 -21.41 -5.41 6.51
CA PRO C 281 -21.65 -6.21 7.72
C PRO C 281 -22.46 -5.49 8.81
N MET C 282 -22.46 -4.16 8.78
CA MET C 282 -23.21 -3.32 9.73
C MET C 282 -24.66 -3.10 9.28
N GLY C 283 -24.88 -3.15 7.97
CA GLY C 283 -26.20 -2.91 7.39
C GLY C 283 -26.09 -2.63 5.90
N ALA C 284 -27.20 -2.22 5.29
CA ALA C 284 -27.23 -1.93 3.85
C ALA C 284 -27.18 -0.43 3.58
N ILE C 285 -26.75 -0.08 2.37
CA ILE C 285 -26.59 1.32 1.96
C ILE C 285 -27.44 1.63 0.73
N ASN C 286 -28.15 2.76 0.78
CA ASN C 286 -28.93 3.27 -0.32
C ASN C 286 -28.73 4.78 -0.43
N SER C 287 -27.73 5.17 -1.22
CA SER C 287 -27.45 6.59 -1.43
C SER C 287 -26.77 6.83 -2.78
N SER C 288 -26.75 8.10 -3.16
CA SER C 288 -26.07 8.53 -4.39
C SER C 288 -24.76 9.25 -4.06
N MET C 289 -24.42 9.34 -2.77
CA MET C 289 -23.18 9.97 -2.33
C MET C 289 -21.99 9.26 -2.96
N PRO C 290 -20.91 10.00 -3.27
CA PRO C 290 -19.68 9.35 -3.76
C PRO C 290 -18.89 8.63 -2.67
N PHE C 291 -19.18 8.91 -1.40
CA PHE C 291 -18.46 8.32 -0.26
C PHE C 291 -19.39 7.84 0.83
N HIS C 292 -18.86 6.96 1.67
CA HIS C 292 -19.51 6.58 2.92
C HIS C 292 -18.45 6.29 3.99
N ASN C 293 -18.88 6.16 5.24
CA ASN C 293 -17.96 5.86 6.33
C ASN C 293 -18.47 4.75 7.26
N ILE C 294 -19.25 3.83 6.69
CA ILE C 294 -19.91 2.79 7.48
C ILE C 294 -18.95 1.66 7.83
N HIS C 295 -18.38 1.01 6.81
CA HIS C 295 -17.52 -0.16 7.01
C HIS C 295 -16.74 -0.46 5.72
N PRO C 296 -15.42 -0.74 5.84
CA PRO C 296 -14.56 -0.93 4.65
C PRO C 296 -14.97 -2.09 3.75
N LEU C 297 -15.30 -3.23 4.34
CA LEU C 297 -15.69 -4.42 3.60
C LEU C 297 -17.14 -4.36 3.12
N THR C 298 -17.33 -4.02 1.86
CA THR C 298 -18.67 -3.99 1.26
C THR C 298 -18.72 -4.89 0.04
N ILE C 299 -19.95 -5.16 -0.40
CA ILE C 299 -20.20 -5.96 -1.59
C ILE C 299 -21.25 -5.23 -2.42
N GLY C 300 -21.05 -5.19 -3.74
CA GLY C 300 -22.00 -4.59 -4.66
C GLY C 300 -21.57 -3.23 -5.17
N GLU C 301 -22.52 -2.50 -5.73
CA GLU C 301 -22.31 -1.16 -6.28
C GLU C 301 -22.33 -0.15 -5.14
N CYS C 302 -21.15 0.20 -4.64
CA CYS C 302 -21.03 1.03 -3.45
C CYS C 302 -20.22 2.30 -3.65
N PRO C 303 -20.51 3.34 -2.85
CA PRO C 303 -19.60 4.48 -2.78
C PRO C 303 -18.30 4.07 -2.11
N LYS C 304 -17.27 4.91 -2.20
CA LYS C 304 -15.97 4.57 -1.63
C LYS C 304 -15.94 4.80 -0.13
N TYR C 305 -15.28 3.90 0.59
CA TYR C 305 -15.17 4.03 2.02
C TYR C 305 -14.06 5.00 2.40
N VAL C 306 -14.37 5.89 3.34
CA VAL C 306 -13.37 6.71 3.97
C VAL C 306 -13.63 6.73 5.47
N LYS C 307 -12.60 7.04 6.25
CA LYS C 307 -12.71 7.12 7.71
C LYS C 307 -13.27 8.45 8.21
N SER C 308 -13.58 9.38 7.32
CA SER C 308 -14.02 10.71 7.72
C SER C 308 -15.35 10.67 8.46
N ASN C 309 -15.52 11.62 9.39
CA ASN C 309 -16.82 11.92 9.98
C ASN C 309 -17.59 12.92 9.14
N ARG C 310 -16.87 13.70 8.33
CA ARG C 310 -17.46 14.83 7.62
C ARG C 310 -16.72 15.19 6.32
N LEU C 311 -17.47 15.22 5.21
CA LEU C 311 -16.98 15.74 3.92
C LEU C 311 -18.04 16.59 3.25
N VAL C 312 -17.87 17.91 3.30
CA VAL C 312 -18.82 18.86 2.74
C VAL C 312 -18.09 19.83 1.82
N LEU C 313 -18.55 19.92 0.58
CA LEU C 313 -18.00 20.84 -0.40
C LEU C 313 -18.79 22.14 -0.44
N ALA C 314 -18.09 23.27 -0.39
CA ALA C 314 -18.71 24.57 -0.66
C ALA C 314 -19.09 24.61 -2.13
N THR C 315 -20.34 24.95 -2.40
CA THR C 315 -20.79 25.25 -3.76
C THR C 315 -21.07 26.74 -3.87
N GLY C 316 -21.72 27.31 -2.87
CA GLY C 316 -21.99 28.73 -2.83
C GLY C 316 -20.83 29.52 -2.26
N LEU C 317 -21.13 30.73 -1.81
CA LEU C 317 -20.09 31.67 -1.37
C LEU C 317 -20.26 31.97 0.11
N ARG C 318 -19.29 32.70 0.67
CA ARG C 318 -19.31 33.01 2.08
C ARG C 318 -20.58 33.78 2.43
N ASN C 319 -21.35 33.23 3.35
CA ASN C 319 -22.63 33.81 3.73
C ASN C 319 -22.45 34.83 4.85
N SER C 320 -23.27 35.87 4.82
CA SER C 320 -23.07 37.05 5.66
C SER C 320 -23.81 36.98 7.00
N PRO C 321 -23.22 37.55 8.06
CA PRO C 321 -23.89 37.66 9.36
C PRO C 321 -24.78 38.90 9.43
N GLY D 1 -11.00 37.52 1.99
CA GLY D 1 -10.72 36.70 0.76
C GLY D 1 -9.64 37.32 -0.08
N LEU D 2 -9.05 36.50 -0.95
CA LEU D 2 -7.88 36.90 -1.73
C LEU D 2 -8.11 38.12 -2.60
N PHE D 3 -9.33 38.29 -3.11
CA PHE D 3 -9.61 39.32 -4.10
C PHE D 3 -10.25 40.57 -3.53
N GLY D 4 -10.51 40.55 -2.24
CA GLY D 4 -10.85 41.75 -1.48
C GLY D 4 -12.26 42.29 -1.62
N ALA D 5 -13.10 41.60 -2.38
CA ALA D 5 -14.45 42.09 -2.66
C ALA D 5 -15.44 41.57 -1.62
N ILE D 6 -15.61 40.26 -1.56
CA ILE D 6 -16.53 39.63 -0.63
C ILE D 6 -16.03 39.81 0.80
N ALA D 7 -16.89 40.34 1.66
CA ALA D 7 -16.53 40.66 3.05
C ALA D 7 -15.31 41.56 3.10
N GLY D 8 -15.17 42.43 2.09
CA GLY D 8 -14.00 43.27 1.95
C GLY D 8 -14.42 44.71 1.78
N PHE D 9 -14.30 45.23 0.56
CA PHE D 9 -14.79 46.56 0.28
C PHE D 9 -16.31 46.51 0.04
N ILE D 10 -16.83 45.34 -0.30
CA ILE D 10 -18.27 45.07 -0.25
C ILE D 10 -18.53 44.32 1.04
N GLU D 11 -19.00 45.04 2.07
CA GLU D 11 -19.01 44.52 3.43
C GLU D 11 -19.88 43.28 3.64
N GLY D 12 -20.97 43.17 2.89
CA GLY D 12 -21.92 42.07 3.06
C GLY D 12 -22.77 41.76 1.85
N GLY D 13 -23.39 40.58 1.86
CA GLY D 13 -24.23 40.12 0.77
C GLY D 13 -25.64 40.69 0.82
N TRP D 14 -26.45 40.31 -0.16
CA TRP D 14 -27.82 40.80 -0.30
C TRP D 14 -28.83 39.68 -0.19
N GLN D 15 -29.55 39.64 0.93
CA GLN D 15 -30.69 38.74 1.10
C GLN D 15 -31.73 38.99 0.01
N GLY D 16 -31.85 40.25 -0.43
CA GLY D 16 -32.83 40.65 -1.45
C GLY D 16 -32.55 40.25 -2.89
N MET D 17 -31.36 39.72 -3.16
CA MET D 17 -31.05 39.20 -4.51
C MET D 17 -31.11 37.68 -4.52
N VAL D 18 -32.20 37.14 -5.05
CA VAL D 18 -32.48 35.69 -4.98
C VAL D 18 -32.30 34.94 -6.30
N ASP D 19 -32.27 35.66 -7.42
CA ASP D 19 -32.23 35.04 -8.73
C ASP D 19 -30.81 34.91 -9.31
N GLY D 20 -29.79 35.13 -8.48
CA GLY D 20 -28.41 34.96 -8.92
C GLY D 20 -27.39 35.09 -7.79
N TRP D 21 -26.14 34.76 -8.10
CA TRP D 21 -25.05 34.84 -7.13
C TRP D 21 -24.44 36.24 -7.07
N TYR D 22 -24.27 36.85 -8.24
CA TYR D 22 -23.71 38.20 -8.34
C TYR D 22 -24.67 39.08 -9.14
N GLY D 23 -24.71 40.36 -8.81
CA GLY D 23 -25.55 41.28 -9.57
C GLY D 23 -25.47 42.71 -9.10
N TYR D 24 -26.47 43.49 -9.50
CA TYR D 24 -26.49 44.93 -9.28
C TYR D 24 -27.70 45.35 -8.44
N HIS D 25 -27.52 46.42 -7.68
CA HIS D 25 -28.64 47.11 -7.05
C HIS D 25 -28.60 48.58 -7.42
N HIS D 26 -29.70 49.07 -8.00
CA HIS D 26 -29.80 50.46 -8.46
C HIS D 26 -30.75 51.23 -7.56
N SER D 27 -30.57 52.54 -7.49
CA SER D 27 -31.52 53.42 -6.80
C SER D 27 -31.55 54.80 -7.47
N ASN D 28 -32.73 55.20 -7.93
CA ASN D 28 -32.93 56.48 -8.62
C ASN D 28 -34.31 57.04 -8.29
N GLU D 29 -34.74 58.09 -9.00
CA GLU D 29 -36.04 58.71 -8.76
C GLU D 29 -37.21 57.73 -8.91
N GLN D 30 -37.14 56.87 -9.92
CA GLN D 30 -38.21 55.92 -10.22
C GLN D 30 -38.31 54.77 -9.21
N GLY D 31 -37.20 54.41 -8.57
CA GLY D 31 -37.21 53.36 -7.56
C GLY D 31 -35.86 52.69 -7.37
N SER D 32 -35.89 51.52 -6.74
CA SER D 32 -34.68 50.72 -6.56
C SER D 32 -34.98 49.25 -6.79
N GLY D 33 -33.93 48.44 -6.99
CA GLY D 33 -34.13 47.01 -7.19
C GLY D 33 -32.86 46.20 -7.43
N TYR D 34 -32.98 44.89 -7.25
CA TYR D 34 -31.90 43.95 -7.48
C TYR D 34 -32.05 43.31 -8.85
N ALA D 35 -30.94 43.19 -9.57
CA ALA D 35 -30.91 42.49 -10.85
C ALA D 35 -29.68 41.59 -10.90
N ALA D 36 -29.90 40.28 -11.02
CA ALA D 36 -28.79 39.33 -11.07
C ALA D 36 -28.09 39.40 -12.41
N ASP D 37 -26.76 39.39 -12.37
CA ASP D 37 -25.94 39.28 -13.58
C ASP D 37 -25.89 37.80 -14.00
N LYS D 38 -26.54 37.49 -15.11
CA LYS D 38 -26.67 36.10 -15.58
C LYS D 38 -25.35 35.49 -16.04
N GLU D 39 -24.61 36.23 -16.86
CA GLU D 39 -23.35 35.75 -17.43
C GLU D 39 -22.36 35.27 -16.36
N SER D 40 -22.01 36.16 -15.43
CA SER D 40 -21.06 35.80 -14.38
C SER D 40 -21.60 34.71 -13.47
N THR D 41 -22.91 34.70 -13.25
CA THR D 41 -23.55 33.68 -12.40
C THR D 41 -23.52 32.30 -13.05
N GLN D 42 -23.88 32.22 -14.33
CA GLN D 42 -23.90 30.95 -15.04
C GLN D 42 -22.50 30.39 -15.18
N LYS D 43 -21.53 31.28 -15.34
CA LYS D 43 -20.11 30.90 -15.43
C LYS D 43 -19.63 30.28 -14.12
N ALA D 44 -20.12 30.83 -13.00
CA ALA D 44 -19.78 30.30 -11.68
C ALA D 44 -20.46 28.95 -11.45
N ILE D 45 -21.72 28.84 -11.87
CA ILE D 45 -22.44 27.58 -11.76
C ILE D 45 -21.74 26.46 -12.52
N ASP D 46 -21.24 26.77 -13.71
CA ASP D 46 -20.53 25.79 -14.53
C ASP D 46 -19.20 25.38 -13.90
N GLY D 47 -18.44 26.35 -13.42
CA GLY D 47 -17.17 26.06 -12.79
C GLY D 47 -17.27 25.18 -11.55
N VAL D 48 -18.29 25.44 -10.73
CA VAL D 48 -18.49 24.67 -9.50
C VAL D 48 -19.04 23.27 -9.80
N THR D 49 -19.93 23.17 -10.77
CA THR D 49 -20.49 21.87 -11.15
C THR D 49 -19.38 20.95 -11.65
N ASN D 50 -18.57 21.43 -12.60
CA ASN D 50 -17.44 20.66 -13.12
C ASN D 50 -16.48 20.22 -12.02
N LYS D 51 -16.20 21.15 -11.11
CA LYS D 51 -15.33 20.89 -9.96
C LYS D 51 -15.83 19.76 -9.09
N VAL D 52 -17.12 19.74 -8.81
CA VAL D 52 -17.71 18.70 -7.98
C VAL D 52 -17.62 17.35 -8.69
N ASN D 53 -17.93 17.33 -9.99
CA ASN D 53 -17.85 16.11 -10.78
C ASN D 53 -16.40 15.64 -10.97
N SER D 54 -15.49 16.60 -11.16
CA SER D 54 -14.07 16.30 -11.27
C SER D 54 -13.55 15.65 -10.00
N ILE D 55 -13.99 16.17 -8.86
CA ILE D 55 -13.64 15.62 -7.55
C ILE D 55 -14.21 14.22 -7.38
N ILE D 56 -15.51 14.07 -7.63
CA ILE D 56 -16.17 12.77 -7.56
C ILE D 56 -15.41 11.72 -8.39
N ASP D 57 -15.11 12.06 -9.65
CA ASP D 57 -14.51 11.10 -10.60
C ASP D 57 -13.09 10.69 -10.26
N LYS D 58 -12.29 11.61 -9.74
CA LYS D 58 -10.93 11.27 -9.32
C LYS D 58 -10.90 10.28 -8.16
N MET D 59 -11.92 10.36 -7.30
CA MET D 59 -12.03 9.44 -6.17
C MET D 59 -12.74 8.13 -6.55
N ASN D 60 -13.50 8.17 -7.65
CA ASN D 60 -14.29 7.01 -8.12
C ASN D 60 -13.52 5.68 -8.22
N THR D 61 -12.27 5.70 -8.68
CA THR D 61 -11.41 4.50 -8.60
C THR D 61 -10.46 4.67 -7.43
N GLN D 62 -10.62 3.83 -6.42
CA GLN D 62 -9.81 3.89 -5.22
C GLN D 62 -9.83 2.53 -4.51
N PHE D 63 -8.95 2.35 -3.53
CA PHE D 63 -8.77 1.06 -2.88
C PHE D 63 -10.07 0.49 -2.32
N GLU D 64 -10.25 -0.83 -2.47
CA GLU D 64 -11.38 -1.55 -1.91
C GLU D 64 -10.86 -2.68 -1.03
N ALA D 65 -11.36 -2.76 0.20
CA ALA D 65 -10.95 -3.82 1.12
C ALA D 65 -11.59 -5.15 0.73
N VAL D 66 -10.88 -6.25 0.99
CA VAL D 66 -11.41 -7.60 0.79
C VAL D 66 -11.12 -8.44 2.03
N GLY D 67 -12.04 -9.35 2.35
CA GLY D 67 -11.92 -10.21 3.50
C GLY D 67 -11.01 -11.39 3.22
N ARG D 68 -10.01 -11.57 4.08
CA ARG D 68 -9.05 -12.66 3.94
C ARG D 68 -8.76 -13.25 5.32
N GLU D 69 -8.79 -14.57 5.39
CA GLU D 69 -8.69 -15.30 6.66
C GLU D 69 -7.33 -15.97 6.81
N PHE D 70 -6.81 -15.98 8.03
CA PHE D 70 -5.52 -16.61 8.32
C PHE D 70 -5.61 -17.41 9.62
N ASN D 71 -4.92 -18.55 9.67
CA ASN D 71 -4.95 -19.39 10.86
C ASN D 71 -3.99 -18.87 11.95
N ASN D 72 -3.83 -19.65 13.02
CA ASN D 72 -3.13 -19.19 14.22
C ASN D 72 -1.61 -19.11 14.08
N LEU D 73 -1.04 -19.81 13.10
CA LEU D 73 0.38 -19.73 12.80
C LEU D 73 0.61 -19.04 11.44
N GLU D 74 -0.24 -18.07 11.14
CA GLU D 74 -0.08 -17.18 10.00
C GLU D 74 -0.30 -15.74 10.44
N ARG D 75 0.22 -15.42 11.63
CA ARG D 75 -0.03 -14.12 12.26
C ARG D 75 0.71 -12.99 11.58
N ARG D 76 1.90 -13.28 11.07
CA ARG D 76 2.70 -12.28 10.37
C ARG D 76 1.99 -11.76 9.12
N ILE D 77 1.55 -12.68 8.26
CA ILE D 77 0.84 -12.28 7.03
C ILE D 77 -0.55 -11.71 7.31
N GLU D 78 -1.19 -12.17 8.38
CA GLU D 78 -2.44 -11.57 8.83
C GLU D 78 -2.21 -10.11 9.20
N ASN D 79 -1.11 -9.84 9.87
CA ASN D 79 -0.77 -8.50 10.31
C ASN D 79 -0.32 -7.62 9.13
N LEU D 80 0.44 -8.21 8.21
CA LEU D 80 0.83 -7.54 6.96
C LEU D 80 -0.42 -7.14 6.22
N ASN D 81 -1.34 -8.09 6.08
CA ASN D 81 -2.62 -7.84 5.44
C ASN D 81 -3.39 -6.68 6.06
N LYS D 82 -3.46 -6.65 7.39
CA LYS D 82 -4.20 -5.60 8.10
C LYS D 82 -3.60 -4.24 7.82
N LYS D 83 -2.29 -4.14 8.00
CA LYS D 83 -1.56 -2.90 7.76
C LYS D 83 -1.68 -2.42 6.32
N MET D 84 -1.69 -3.35 5.38
CA MET D 84 -1.87 -3.01 3.98
C MET D 84 -3.24 -2.37 3.77
N GLU D 85 -4.29 -3.04 4.25
CA GLU D 85 -5.66 -2.55 4.07
C GLU D 85 -5.87 -1.22 4.79
N ASP D 86 -5.45 -1.16 6.06
CA ASP D 86 -5.53 0.08 6.84
C ASP D 86 -4.71 1.21 6.25
N GLY D 87 -3.53 0.89 5.75
CA GLY D 87 -2.63 1.88 5.17
C GLY D 87 -3.24 2.62 3.98
N PHE D 88 -3.91 1.87 3.12
CA PHE D 88 -4.59 2.44 1.96
C PHE D 88 -5.81 3.29 2.36
N LEU D 89 -6.53 2.88 3.41
CA LEU D 89 -7.64 3.69 3.91
C LEU D 89 -7.18 5.05 4.43
N ASP D 90 -6.02 5.09 5.07
CA ASP D 90 -5.47 6.35 5.56
C ASP D 90 -5.05 7.24 4.42
N VAL D 91 -4.47 6.64 3.37
CA VAL D 91 -4.07 7.37 2.19
C VAL D 91 -5.28 7.97 1.49
N TRP D 92 -6.32 7.16 1.27
CA TRP D 92 -7.51 7.64 0.57
C TRP D 92 -8.37 8.58 1.44
N THR D 93 -8.39 8.34 2.75
CA THR D 93 -9.05 9.27 3.67
C THR D 93 -8.35 10.63 3.62
N TYR D 94 -7.02 10.61 3.67
CA TYR D 94 -6.23 11.84 3.62
C TYR D 94 -6.46 12.62 2.32
N ASN D 95 -6.47 11.91 1.20
CA ASN D 95 -6.71 12.51 -0.11
C ASN D 95 -8.03 13.23 -0.21
N ALA D 96 -9.08 12.55 0.26
CA ALA D 96 -10.44 13.09 0.26
C ALA D 96 -10.55 14.35 1.12
N GLU D 97 -10.07 14.26 2.36
CA GLU D 97 -10.19 15.38 3.29
C GLU D 97 -9.36 16.59 2.87
N LEU D 98 -8.17 16.33 2.33
CA LEU D 98 -7.29 17.40 1.87
C LEU D 98 -7.87 18.07 0.64
N LEU D 99 -8.33 17.28 -0.32
CA LEU D 99 -8.89 17.83 -1.55
C LEU D 99 -10.08 18.73 -1.25
N VAL D 100 -10.96 18.28 -0.36
CA VAL D 100 -12.10 19.10 0.04
C VAL D 100 -11.62 20.42 0.66
N LEU D 101 -10.72 20.35 1.63
CA LEU D 101 -10.13 21.53 2.26
C LEU D 101 -9.52 22.53 1.26
N MET D 102 -8.70 22.01 0.34
CA MET D 102 -7.99 22.84 -0.62
C MET D 102 -8.93 23.45 -1.64
N GLU D 103 -9.86 22.64 -2.13
CA GLU D 103 -10.78 23.09 -3.16
C GLU D 103 -11.93 23.95 -2.61
N ASN D 104 -12.32 23.72 -1.36
CA ASN D 104 -13.24 24.63 -0.67
C ASN D 104 -12.67 26.04 -0.60
N GLU D 105 -11.39 26.13 -0.26
CA GLU D 105 -10.74 27.42 -0.16
C GLU D 105 -10.67 28.10 -1.51
N ARG D 106 -10.42 27.32 -2.55
CA ARG D 106 -10.37 27.86 -3.90
C ARG D 106 -11.75 28.27 -4.38
N THR D 107 -12.78 27.54 -3.97
CA THR D 107 -14.15 27.87 -4.35
C THR D 107 -14.60 29.21 -3.79
N LEU D 108 -14.27 29.50 -2.55
CA LEU D 108 -14.65 30.77 -1.94
C LEU D 108 -13.90 31.95 -2.57
N ASP D 109 -12.63 31.73 -2.87
CA ASP D 109 -11.84 32.74 -3.56
C ASP D 109 -12.28 32.94 -5.02
N PHE D 110 -12.81 31.88 -5.63
CA PHE D 110 -13.38 31.95 -6.98
C PHE D 110 -14.57 32.91 -6.99
N HIS D 111 -15.47 32.74 -6.03
CA HIS D 111 -16.61 33.64 -5.88
C HIS D 111 -16.16 35.07 -5.64
N ASP D 112 -15.14 35.24 -4.82
CA ASP D 112 -14.59 36.56 -4.52
C ASP D 112 -14.03 37.20 -5.79
N SER D 113 -13.33 36.39 -6.58
CA SER D 113 -12.80 36.81 -7.88
C SER D 113 -13.89 37.27 -8.85
N ASN D 114 -14.98 36.52 -8.93
CA ASN D 114 -16.07 36.83 -9.87
C ASN D 114 -16.77 38.13 -9.55
N VAL D 115 -16.92 38.43 -8.27
CA VAL D 115 -17.54 39.67 -7.82
C VAL D 115 -16.65 40.85 -8.18
N LYS D 116 -15.34 40.67 -7.96
CA LYS D 116 -14.37 41.73 -8.20
C LYS D 116 -14.24 42.05 -9.68
N ASN D 117 -14.26 41.00 -10.51
CA ASN D 117 -14.18 41.19 -11.94
C ASN D 117 -15.42 41.87 -12.50
N LEU D 118 -16.57 41.56 -11.91
CA LEU D 118 -17.82 42.21 -12.27
C LEU D 118 -17.83 43.67 -11.83
N TYR D 119 -17.27 43.94 -10.64
CA TYR D 119 -17.17 45.30 -10.15
C TYR D 119 -16.25 46.13 -11.02
N ASP D 120 -15.12 45.56 -11.40
CA ASP D 120 -14.16 46.26 -12.26
C ASP D 120 -14.74 46.50 -13.64
N LYS D 121 -15.50 45.53 -14.15
CA LYS D 121 -16.16 45.63 -15.45
C LYS D 121 -17.02 46.89 -15.52
N VAL D 122 -17.81 47.10 -14.47
CA VAL D 122 -18.66 48.28 -14.37
C VAL D 122 -17.80 49.54 -14.20
N ARG D 123 -16.79 49.45 -13.34
CA ARG D 123 -15.90 50.58 -13.09
C ARG D 123 -15.28 51.08 -14.38
N LEU D 124 -14.83 50.14 -15.22
CA LEU D 124 -14.17 50.47 -16.49
C LEU D 124 -15.10 51.10 -17.53
N GLN D 125 -16.40 50.81 -17.43
CA GLN D 125 -17.40 51.44 -18.29
C GLN D 125 -17.67 52.86 -17.86
N LEU D 126 -17.97 53.03 -16.58
CA LEU D 126 -18.36 54.33 -16.05
C LEU D 126 -17.22 55.34 -16.11
N ARG D 127 -15.99 54.89 -15.87
CA ARG D 127 -14.83 55.78 -15.93
C ARG D 127 -15.05 56.99 -14.99
N ASP D 128 -14.79 58.22 -15.45
CA ASP D 128 -14.94 59.40 -14.58
C ASP D 128 -16.34 60.02 -14.63
N ASN D 129 -17.32 59.30 -15.19
CA ASN D 129 -18.72 59.76 -15.20
C ASN D 129 -19.52 59.44 -13.93
N ALA D 130 -18.89 58.79 -12.95
CA ALA D 130 -19.52 58.51 -11.65
C ALA D 130 -18.50 58.53 -10.52
N LYS D 131 -18.97 58.71 -9.28
CA LYS D 131 -18.10 58.67 -8.09
C LYS D 131 -17.92 57.24 -7.58
N GLU D 132 -16.67 56.78 -7.47
CA GLU D 132 -16.38 55.49 -6.84
C GLU D 132 -16.48 55.67 -5.32
N LEU D 133 -17.60 55.26 -4.74
CA LEU D 133 -17.87 55.48 -3.31
C LEU D 133 -16.98 54.68 -2.36
N GLY D 134 -16.52 53.52 -2.79
CA GLY D 134 -15.63 52.68 -1.98
C GLY D 134 -16.30 51.47 -1.33
N ASN D 135 -17.59 51.30 -1.58
CA ASN D 135 -18.37 50.24 -0.93
C ASN D 135 -19.03 49.27 -1.91
N GLY D 136 -18.62 49.36 -3.18
CA GLY D 136 -19.25 48.58 -4.24
C GLY D 136 -20.19 49.41 -5.09
N CYS D 137 -20.45 50.65 -4.65
CA CYS D 137 -21.41 51.51 -5.32
C CYS D 137 -20.75 52.61 -6.13
N PHE D 138 -21.42 52.97 -7.23
CA PHE D 138 -21.01 54.08 -8.07
C PHE D 138 -22.13 55.08 -8.10
N GLU D 139 -21.82 56.33 -7.75
CA GLU D 139 -22.82 57.39 -7.68
C GLU D 139 -22.66 58.32 -8.89
N PHE D 140 -23.72 58.44 -9.68
CA PHE D 140 -23.65 59.11 -10.98
C PHE D 140 -23.66 60.63 -10.86
N TYR D 141 -22.90 61.30 -11.72
CA TYR D 141 -22.93 62.77 -11.80
C TYR D 141 -24.19 63.23 -12.52
N HIS D 142 -24.61 62.45 -13.50
CA HIS D 142 -25.86 62.70 -14.24
C HIS D 142 -26.99 61.89 -13.63
N LYS D 143 -28.22 62.31 -13.91
CA LYS D 143 -29.38 61.53 -13.53
C LYS D 143 -29.41 60.28 -14.39
N CYS D 144 -29.61 59.12 -13.76
CA CYS D 144 -29.54 57.83 -14.44
C CYS D 144 -30.85 57.06 -14.26
N ASP D 145 -31.72 57.12 -15.27
CA ASP D 145 -33.02 56.43 -15.23
C ASP D 145 -32.86 54.92 -15.42
N ASN D 146 -33.98 54.19 -15.49
CA ASN D 146 -33.93 52.73 -15.58
C ASN D 146 -33.34 52.20 -16.89
N GLU D 147 -33.41 53.00 -17.95
CA GLU D 147 -32.73 52.64 -19.20
C GLU D 147 -31.24 52.88 -19.07
N CYS D 148 -30.87 53.99 -18.45
CA CYS D 148 -29.48 54.29 -18.13
C CYS D 148 -28.88 53.21 -17.24
N MET D 149 -29.63 52.78 -16.23
CA MET D 149 -29.19 51.69 -15.36
C MET D 149 -29.03 50.40 -16.16
N GLU D 150 -29.97 50.17 -17.07
CA GLU D 150 -29.94 48.97 -17.91
C GLU D 150 -28.72 48.94 -18.84
N SER D 151 -28.30 50.11 -19.33
CA SER D 151 -27.13 50.19 -20.23
C SER D 151 -25.85 49.78 -19.51
N VAL D 152 -25.79 50.04 -18.20
CA VAL D 152 -24.66 49.66 -17.38
C VAL D 152 -24.63 48.14 -17.21
N ARG D 153 -25.80 47.54 -16.97
CA ARG D 153 -25.90 46.08 -16.88
C ARG D 153 -25.71 45.44 -18.25
N ASN D 154 -26.28 46.06 -19.29
CA ASN D 154 -26.06 45.69 -20.69
C ASN D 154 -24.58 45.48 -21.04
N GLY D 155 -23.73 46.39 -20.56
CA GLY D 155 -22.37 46.53 -21.05
C GLY D 155 -22.30 47.65 -22.08
N THR D 156 -23.42 48.36 -22.26
CA THR D 156 -23.59 49.31 -23.35
C THR D 156 -23.67 50.76 -22.85
N TYR D 157 -23.15 51.02 -21.65
CA TYR D 157 -23.20 52.37 -21.09
C TYR D 157 -22.48 53.35 -21.99
N ASP D 158 -23.23 54.26 -22.61
CA ASP D 158 -22.66 55.19 -23.59
C ASP D 158 -21.95 56.35 -22.89
N TYR D 159 -20.68 56.13 -22.56
CA TYR D 159 -19.86 57.13 -21.87
C TYR D 159 -19.89 58.50 -22.55
N PRO D 160 -19.59 58.56 -23.88
CA PRO D 160 -19.60 59.85 -24.59
C PRO D 160 -20.90 60.68 -24.52
N GLN D 161 -22.05 60.04 -24.30
CA GLN D 161 -23.33 60.76 -24.18
C GLN D 161 -23.43 61.51 -22.85
N TYR D 162 -23.05 60.84 -21.77
CA TYR D 162 -23.14 61.42 -20.43
C TYR D 162 -21.88 62.18 -20.00
N SER D 163 -20.93 62.35 -20.93
CA SER D 163 -19.69 63.08 -20.66
C SER D 163 -19.74 64.46 -21.34
N ASP E 1 -3.49 58.97 -30.30
CA ASP E 1 -2.41 57.98 -30.02
C ASP E 1 -2.79 57.12 -28.81
N GLN E 2 -2.39 55.85 -28.85
CA GLN E 2 -2.69 54.92 -27.75
C GLN E 2 -1.69 53.77 -27.64
N ILE E 3 -1.53 53.28 -26.42
CA ILE E 3 -0.75 52.08 -26.16
C ILE E 3 -1.63 51.06 -25.44
N CYS E 4 -1.53 49.80 -25.86
CA CYS E 4 -2.36 48.74 -25.30
C CYS E 4 -1.49 47.66 -24.68
N ILE E 5 -2.05 46.95 -23.70
CA ILE E 5 -1.43 45.78 -23.11
C ILE E 5 -2.20 44.57 -23.54
N GLY E 6 -1.48 43.51 -23.92
CA GLY E 6 -2.11 42.31 -24.43
C GLY E 6 -1.20 41.10 -24.35
N TYR E 7 -1.69 39.99 -24.86
CA TYR E 7 -1.03 38.71 -24.68
C TYR E 7 -1.03 37.90 -25.96
N HIS E 8 -0.20 36.86 -25.97
CA HIS E 8 0.07 36.05 -27.14
C HIS E 8 -1.12 35.17 -27.51
N ALA E 9 -1.35 35.01 -28.81
CA ALA E 9 -2.25 33.98 -29.33
C ALA E 9 -1.56 33.31 -30.51
N ASN E 10 -2.04 32.15 -30.92
CA ASN E 10 -1.45 31.44 -32.04
C ASN E 10 -2.41 30.41 -32.63
N ASN E 11 -1.94 29.65 -33.62
CA ASN E 11 -2.77 28.67 -34.32
C ASN E 11 -2.79 27.29 -33.66
N SER E 12 -2.42 27.21 -32.38
CA SER E 12 -2.39 25.96 -31.62
C SER E 12 -3.80 25.48 -31.31
N THR E 13 -3.99 24.16 -31.32
CA THR E 13 -5.25 23.54 -30.93
C THR E 13 -5.07 22.59 -29.74
N GLU E 14 -3.89 22.59 -29.13
CA GLU E 14 -3.63 21.75 -27.96
C GLU E 14 -4.52 22.16 -26.79
N GLN E 15 -5.12 21.17 -26.14
CA GLN E 15 -6.02 21.42 -25.03
C GLN E 15 -5.50 20.78 -23.75
N VAL E 16 -5.89 21.35 -22.62
CA VAL E 16 -5.56 20.79 -21.32
C VAL E 16 -6.81 20.82 -20.44
N ASP E 17 -6.85 19.94 -19.45
CA ASP E 17 -7.95 19.91 -18.49
C ASP E 17 -7.53 20.61 -17.19
N THR E 18 -8.53 21.18 -16.52
CA THR E 18 -8.39 21.76 -15.20
C THR E 18 -9.55 21.25 -14.36
N ILE E 19 -9.60 21.66 -13.09
CA ILE E 19 -10.66 21.22 -12.20
C ILE E 19 -12.04 21.73 -12.69
N MET E 20 -12.11 23.03 -12.98
CA MET E 20 -13.38 23.67 -13.31
C MET E 20 -13.75 23.61 -14.79
N GLU E 21 -12.76 23.35 -15.65
CA GLU E 21 -13.00 23.37 -17.09
C GLU E 21 -12.14 22.35 -17.80
N LYS E 22 -12.75 21.66 -18.77
CA LYS E 22 -12.06 20.66 -19.55
C LYS E 22 -11.91 21.11 -20.99
N ASN E 23 -10.93 20.55 -21.69
CA ASN E 23 -10.68 20.87 -23.09
C ASN E 23 -10.43 22.36 -23.32
N VAL E 24 -9.59 22.96 -22.49
CA VAL E 24 -9.19 24.37 -22.62
C VAL E 24 -8.03 24.48 -23.63
N THR E 25 -8.26 25.20 -24.72
CA THR E 25 -7.24 25.37 -25.76
C THR E 25 -6.16 26.33 -25.30
N VAL E 26 -4.90 25.88 -25.36
CA VAL E 26 -3.77 26.69 -24.91
C VAL E 26 -2.76 26.91 -26.04
N THR E 27 -1.91 27.91 -25.86
CA THR E 27 -0.93 28.27 -26.87
C THR E 27 0.25 27.29 -26.86
N HIS E 28 0.61 26.80 -25.68
CA HIS E 28 1.70 25.82 -25.55
C HIS E 28 1.37 24.81 -24.48
N ALA E 29 1.83 23.58 -24.68
CA ALA E 29 1.58 22.50 -23.73
C ALA E 29 2.76 21.54 -23.74
N GLN E 30 2.74 20.60 -22.80
CA GLN E 30 3.76 19.57 -22.75
C GLN E 30 3.18 18.23 -22.33
N ASP E 31 3.10 17.30 -23.27
CA ASP E 31 2.72 15.93 -22.98
C ASP E 31 3.84 15.29 -22.17
N ILE E 32 3.46 14.63 -21.08
CA ILE E 32 4.42 13.96 -20.18
C ILE E 32 4.19 12.44 -20.06
N LEU E 33 3.24 11.93 -20.83
CA LEU E 33 2.89 10.52 -20.81
C LEU E 33 3.36 9.83 -22.09
N GLU E 34 4.24 8.84 -21.95
CA GLU E 34 4.68 8.04 -23.09
C GLU E 34 3.64 6.97 -23.38
N LYS E 35 3.11 6.98 -24.60
CA LYS E 35 1.98 6.12 -24.97
C LYS E 35 2.34 4.98 -25.94
N THR E 36 3.56 4.99 -26.48
CA THR E 36 3.95 4.04 -27.52
C THR E 36 5.12 3.11 -27.16
N HIS E 37 5.20 1.99 -27.88
CA HIS E 37 6.29 1.02 -27.77
C HIS E 37 6.53 0.38 -29.14
N ASN E 38 7.68 -0.27 -29.32
CA ASN E 38 7.99 -0.92 -30.61
C ASN E 38 7.32 -2.30 -30.80
N GLY E 39 6.79 -2.85 -29.72
CA GLY E 39 6.01 -4.10 -29.78
C GLY E 39 6.86 -5.35 -29.76
N LYS E 40 8.10 -5.22 -29.32
CA LYS E 40 9.09 -6.29 -29.43
C LYS E 40 9.83 -6.54 -28.12
N LEU E 41 10.24 -7.79 -27.93
CA LEU E 41 11.12 -8.18 -26.83
C LEU E 41 12.57 -8.00 -27.31
N CYS E 42 13.41 -7.40 -26.47
CA CYS E 42 14.65 -6.81 -26.93
C CYS E 42 15.81 -6.88 -25.95
N ASP E 43 17.02 -6.75 -26.48
CA ASP E 43 18.23 -6.71 -25.66
C ASP E 43 18.21 -5.49 -24.77
N LEU E 44 18.55 -5.67 -23.50
CA LEU E 44 18.59 -4.58 -22.53
C LEU E 44 20.02 -4.12 -22.32
N ASP E 45 20.31 -2.89 -22.73
CA ASP E 45 21.64 -2.31 -22.59
C ASP E 45 22.68 -3.15 -23.33
N GLY E 46 22.26 -3.74 -24.46
CA GLY E 46 23.12 -4.66 -25.24
C GLY E 46 23.00 -6.12 -24.85
N VAL E 47 22.64 -6.38 -23.58
CA VAL E 47 22.65 -7.74 -23.02
C VAL E 47 21.34 -8.47 -23.34
N LYS E 48 21.44 -9.61 -24.03
CA LYS E 48 20.27 -10.33 -24.54
C LYS E 48 19.46 -11.00 -23.43
N PRO E 49 18.12 -11.00 -23.56
CA PRO E 49 17.31 -11.77 -22.62
C PRO E 49 17.40 -13.27 -22.87
N LEU E 50 17.27 -14.05 -21.80
CA LEU E 50 17.13 -15.49 -21.92
C LEU E 50 15.68 -15.79 -22.28
N ILE E 51 15.44 -16.08 -23.56
CA ILE E 51 14.10 -16.43 -24.03
C ILE E 51 13.94 -17.94 -24.04
N LEU E 52 13.18 -18.44 -23.07
CA LEU E 52 12.95 -19.89 -22.94
C LEU E 52 12.02 -20.46 -24.02
N ARG E 53 11.39 -19.58 -24.78
CA ARG E 53 10.44 -19.97 -25.83
C ARG E 53 9.32 -20.83 -25.21
N ASP E 54 9.21 -22.10 -25.57
CA ASP E 54 8.15 -22.97 -25.05
C ASP E 54 8.59 -23.80 -23.83
N CYS E 55 9.86 -23.72 -23.47
CA CYS E 55 10.34 -24.36 -22.24
C CYS E 55 10.03 -23.48 -21.03
N SER E 56 9.82 -24.13 -19.87
CA SER E 56 9.66 -23.42 -18.60
C SER E 56 11.00 -23.33 -17.89
N VAL E 57 11.00 -22.73 -16.70
CA VAL E 57 12.21 -22.61 -15.89
C VAL E 57 12.61 -23.99 -15.36
N ALA E 58 11.61 -24.75 -14.92
CA ALA E 58 11.83 -26.12 -14.44
C ALA E 58 12.45 -26.99 -15.53
N GLY E 59 11.85 -26.96 -16.72
CA GLY E 59 12.35 -27.74 -17.85
C GLY E 59 13.78 -27.39 -18.20
N TRP E 60 14.09 -26.10 -18.22
CA TRP E 60 15.46 -25.65 -18.49
C TRP E 60 16.42 -26.17 -17.42
N LEU E 61 16.09 -25.93 -16.15
CA LEU E 61 16.99 -26.26 -15.04
C LEU E 61 17.15 -27.77 -14.79
N LEU E 62 16.07 -28.52 -14.94
CA LEU E 62 16.15 -30.00 -14.84
C LEU E 62 16.79 -30.62 -16.08
N GLY E 63 16.88 -29.85 -17.17
CA GLY E 63 17.49 -30.34 -18.39
C GLY E 63 16.55 -31.24 -19.17
N ASN E 64 15.30 -30.81 -19.29
CA ASN E 64 14.32 -31.47 -20.14
C ASN E 64 14.90 -31.56 -21.57
N PRO E 65 14.82 -32.76 -22.20
CA PRO E 65 15.46 -32.98 -23.51
C PRO E 65 14.96 -32.06 -24.64
N MET E 66 13.75 -31.52 -24.51
CA MET E 66 13.22 -30.53 -25.46
C MET E 66 13.86 -29.16 -25.26
N CYS E 67 14.51 -28.96 -24.11
CA CYS E 67 15.18 -27.70 -23.77
C CYS E 67 16.69 -27.81 -23.99
N ASP E 68 17.07 -28.51 -25.07
CA ASP E 68 18.47 -28.65 -25.45
C ASP E 68 19.09 -27.32 -25.86
N GLU E 69 18.27 -26.38 -26.32
CA GLU E 69 18.77 -25.04 -26.62
C GLU E 69 19.42 -24.40 -25.39
N PHE E 70 18.88 -24.70 -24.22
CA PHE E 70 19.25 -24.01 -22.99
C PHE E 70 20.23 -24.79 -22.11
N ILE E 71 21.03 -25.67 -22.74
CA ILE E 71 22.22 -26.23 -22.10
C ILE E 71 23.35 -25.20 -22.17
N ASN E 72 24.01 -24.95 -21.03
CA ASN E 72 25.08 -23.95 -20.93
C ASN E 72 24.70 -22.57 -21.50
N VAL E 73 23.61 -22.01 -21.00
CA VAL E 73 23.15 -20.69 -21.47
C VAL E 73 24.13 -19.57 -21.11
N PRO E 74 24.29 -18.57 -22.01
CA PRO E 74 25.10 -17.41 -21.67
C PRO E 74 24.34 -16.49 -20.71
N GLU E 75 25.03 -15.49 -20.16
CA GLU E 75 24.39 -14.58 -19.21
C GLU E 75 23.28 -13.78 -19.86
N TRP E 76 22.29 -13.42 -19.04
CA TRP E 76 21.08 -12.76 -19.53
C TRP E 76 20.80 -11.48 -18.76
N SER E 77 20.18 -10.51 -19.44
CA SER E 77 19.71 -9.29 -18.80
C SER E 77 18.46 -9.59 -17.98
N TYR E 78 17.51 -10.26 -18.62
CA TYR E 78 16.27 -10.71 -17.98
C TYR E 78 15.81 -12.02 -18.64
N ILE E 79 14.84 -12.69 -18.02
CA ILE E 79 14.32 -13.95 -18.54
C ILE E 79 12.90 -13.76 -19.06
N VAL E 80 12.57 -14.46 -20.15
CA VAL E 80 11.23 -14.41 -20.73
C VAL E 80 10.59 -15.81 -20.77
N GLU E 81 9.49 -15.96 -20.05
CA GLU E 81 8.77 -17.22 -19.95
C GLU E 81 7.32 -16.99 -20.35
N LYS E 82 6.77 -17.90 -21.14
CA LYS E 82 5.35 -17.83 -21.50
C LYS E 82 4.45 -18.13 -20.31
N ALA E 83 3.15 -17.86 -20.47
CA ALA E 83 2.17 -18.09 -19.40
C ALA E 83 1.97 -19.59 -19.15
N ASN E 84 1.77 -20.36 -20.23
CA ASN E 84 1.57 -21.81 -20.13
C ASN E 84 2.51 -22.59 -21.06
N PRO E 85 3.83 -22.59 -20.77
CA PRO E 85 4.78 -23.30 -21.62
C PRO E 85 4.53 -24.80 -21.67
N VAL E 86 4.52 -25.38 -22.87
CA VAL E 86 4.20 -26.80 -23.05
C VAL E 86 5.30 -27.73 -22.52
N ASN E 87 6.56 -27.37 -22.76
CA ASN E 87 7.70 -28.16 -22.31
C ASN E 87 8.07 -27.84 -20.86
N ASP E 88 7.28 -28.35 -19.93
CA ASP E 88 7.55 -28.17 -18.50
C ASP E 88 8.11 -29.49 -17.94
N LEU E 89 7.37 -30.15 -17.06
CA LEU E 89 7.78 -31.43 -16.51
C LEU E 89 7.29 -32.54 -17.44
N CYS E 90 8.20 -33.03 -18.30
CA CYS E 90 7.86 -34.09 -19.24
C CYS E 90 7.34 -35.32 -18.50
N TYR E 91 8.08 -35.75 -17.48
CA TYR E 91 7.59 -36.76 -16.55
C TYR E 91 6.78 -36.07 -15.43
N PRO E 92 5.51 -36.48 -15.23
CA PRO E 92 4.62 -35.82 -14.26
C PRO E 92 5.23 -35.71 -12.87
N GLY E 93 4.86 -34.64 -12.16
CA GLY E 93 5.37 -34.44 -10.80
C GLY E 93 5.16 -33.05 -10.26
N ASP E 94 5.90 -32.75 -9.19
CA ASP E 94 5.90 -31.43 -8.57
C ASP E 94 7.33 -30.95 -8.45
N PHE E 95 7.48 -29.62 -8.45
CA PHE E 95 8.76 -29.00 -8.17
C PHE E 95 8.62 -28.33 -6.80
N ASN E 96 9.40 -28.81 -5.84
CA ASN E 96 9.31 -28.32 -4.47
C ASN E 96 9.86 -26.90 -4.34
N ASP E 97 9.09 -26.01 -3.71
CA ASP E 97 9.43 -24.59 -3.58
C ASP E 97 9.89 -23.98 -4.91
N TYR E 98 9.07 -24.18 -5.94
CA TYR E 98 9.36 -23.71 -7.29
C TYR E 98 9.34 -22.18 -7.37
N GLU E 99 8.37 -21.59 -6.67
CA GLU E 99 8.18 -20.15 -6.70
C GLU E 99 9.31 -19.45 -5.96
N GLU E 100 9.72 -20.02 -4.83
CA GLU E 100 10.85 -19.49 -4.07
C GLU E 100 12.14 -19.58 -4.89
N LEU E 101 12.29 -20.63 -5.68
CA LEU E 101 13.47 -20.77 -6.55
C LEU E 101 13.40 -19.74 -7.67
N LYS E 102 12.24 -19.62 -8.29
CA LYS E 102 12.00 -18.60 -9.31
C LYS E 102 12.32 -17.19 -8.80
N HIS E 103 11.99 -16.94 -7.55
CA HIS E 103 12.30 -15.64 -6.94
C HIS E 103 13.80 -15.46 -6.82
N LEU E 104 14.52 -16.55 -6.53
CA LEU E 104 15.97 -16.51 -6.42
C LEU E 104 16.62 -16.11 -7.75
N LEU E 105 16.00 -16.49 -8.86
CA LEU E 105 16.45 -16.14 -10.22
C LEU E 105 16.35 -14.66 -10.55
N SER E 106 15.50 -13.93 -9.83
CA SER E 106 15.41 -12.48 -10.00
C SER E 106 16.69 -11.78 -9.53
N ARG E 107 17.47 -12.45 -8.68
CA ARG E 107 18.78 -11.93 -8.24
C ARG E 107 19.97 -12.53 -9.01
N ILE E 108 19.69 -13.28 -10.09
CA ILE E 108 20.73 -14.02 -10.80
C ILE E 108 20.79 -13.64 -12.28
N ASN E 109 21.98 -13.32 -12.76
CA ASN E 109 22.23 -12.98 -14.16
C ASN E 109 22.93 -14.08 -14.96
N HIS E 110 23.67 -14.97 -14.29
CA HIS E 110 24.36 -16.06 -14.99
C HIS E 110 24.62 -17.31 -14.16
N PHE E 111 24.27 -18.45 -14.74
CA PHE E 111 24.63 -19.75 -14.22
C PHE E 111 25.76 -20.33 -15.07
N GLU E 112 26.67 -21.06 -14.44
CA GLU E 112 27.63 -21.91 -15.16
C GLU E 112 27.44 -23.36 -14.69
N LYS E 113 27.20 -24.25 -15.64
CA LYS E 113 26.92 -25.64 -15.31
C LYS E 113 28.22 -26.41 -15.03
N ILE E 114 28.19 -27.28 -14.02
CA ILE E 114 29.32 -28.17 -13.72
C ILE E 114 28.86 -29.55 -13.29
N GLN E 115 29.70 -30.55 -13.54
CA GLN E 115 29.41 -31.93 -13.15
C GLN E 115 29.98 -32.20 -11.76
N ILE E 116 29.13 -32.67 -10.85
CA ILE E 116 29.56 -33.03 -9.50
C ILE E 116 29.60 -34.55 -9.29
N ILE E 117 28.59 -35.25 -9.82
CA ILE E 117 28.57 -36.71 -9.84
C ILE E 117 28.61 -37.18 -11.30
N PRO E 118 29.71 -37.84 -11.71
CA PRO E 118 29.74 -38.41 -13.06
C PRO E 118 28.74 -39.56 -13.23
N LYS E 119 28.13 -39.66 -14.40
CA LYS E 119 27.15 -40.70 -14.69
C LYS E 119 27.83 -42.08 -14.74
N SER E 120 29.06 -42.11 -15.25
CA SER E 120 29.88 -43.32 -15.25
C SER E 120 30.18 -43.80 -13.83
N SER E 121 30.38 -42.86 -12.92
CA SER E 121 30.81 -43.16 -11.55
C SER E 121 29.90 -44.13 -10.75
N TRP E 122 28.68 -44.34 -11.23
CA TRP E 122 27.78 -45.30 -10.61
C TRP E 122 28.13 -46.72 -11.05
N SER E 123 29.21 -47.24 -10.49
CA SER E 123 29.75 -48.56 -10.87
C SER E 123 28.96 -49.71 -10.24
N SER E 124 28.34 -49.45 -9.09
CA SER E 124 27.56 -50.44 -8.35
C SER E 124 26.06 -50.38 -8.66
N HIS E 125 25.65 -49.45 -9.52
CA HIS E 125 24.24 -49.28 -9.90
C HIS E 125 24.11 -49.09 -11.41
N GLU E 126 22.93 -49.42 -11.94
CA GLU E 126 22.64 -49.19 -13.35
C GLU E 126 22.13 -47.76 -13.54
N ALA E 127 22.74 -47.02 -14.46
CA ALA E 127 22.46 -45.58 -14.62
C ALA E 127 21.94 -45.17 -16.00
N SER E 128 22.06 -46.05 -17.00
CA SER E 128 21.77 -45.69 -18.40
C SER E 128 20.42 -46.19 -18.91
N LEU E 129 19.65 -46.85 -18.05
CA LEU E 129 18.30 -47.30 -18.41
C LEU E 129 17.24 -46.57 -17.58
N GLY E 130 17.58 -45.37 -17.10
CA GLY E 130 16.65 -44.55 -16.34
C GLY E 130 15.91 -43.55 -17.22
N VAL E 131 15.08 -44.07 -18.12
CA VAL E 131 14.36 -43.25 -19.09
C VAL E 131 12.86 -43.54 -19.09
N SER E 132 12.10 -42.70 -19.78
CA SER E 132 10.65 -42.86 -19.93
C SER E 132 10.19 -42.33 -21.28
N SER E 133 9.02 -42.81 -21.71
CA SER E 133 8.41 -42.35 -22.96
C SER E 133 7.86 -40.92 -22.83
N ALA E 134 7.64 -40.47 -21.60
CA ALA E 134 7.13 -39.11 -21.35
C ALA E 134 8.12 -38.01 -21.74
N CYS E 135 9.42 -38.30 -21.62
CA CYS E 135 10.47 -37.40 -22.11
C CYS E 135 11.17 -38.02 -23.33
N PRO E 136 10.64 -37.80 -24.54
CA PRO E 136 11.27 -38.32 -25.77
C PRO E 136 12.26 -37.36 -26.42
N TYR E 137 13.37 -37.89 -26.93
CA TYR E 137 14.37 -37.13 -27.69
C TYR E 137 14.75 -37.87 -28.97
N GLN E 138 14.52 -37.23 -30.11
CA GLN E 138 14.81 -37.82 -31.43
C GLN E 138 14.15 -39.20 -31.62
N GLY E 139 12.93 -39.35 -31.10
CA GLY E 139 12.16 -40.58 -31.26
C GLY E 139 12.33 -41.60 -30.15
N LYS E 140 13.47 -41.57 -29.47
CA LYS E 140 13.77 -42.52 -28.40
C LYS E 140 13.41 -41.94 -27.04
N SER E 141 13.16 -42.83 -26.09
CA SER E 141 12.85 -42.46 -24.71
C SER E 141 14.09 -41.88 -24.02
N SER E 142 13.91 -40.74 -23.36
CA SER E 142 15.02 -40.00 -22.74
C SER E 142 14.60 -39.53 -21.34
N PHE E 143 15.36 -38.60 -20.76
CA PHE E 143 15.05 -38.08 -19.43
C PHE E 143 15.70 -36.70 -19.19
N PHE E 144 15.30 -36.05 -18.10
CA PHE E 144 15.96 -34.83 -17.64
C PHE E 144 17.48 -35.02 -17.62
N ARG E 145 18.19 -34.30 -18.47
CA ARG E 145 19.63 -34.52 -18.69
C ARG E 145 20.54 -34.22 -17.49
N ASN E 146 20.07 -33.41 -16.56
CA ASN E 146 20.91 -32.98 -15.44
C ASN E 146 20.89 -33.93 -14.25
N VAL E 147 19.95 -34.86 -14.24
CA VAL E 147 19.83 -35.83 -13.15
C VAL E 147 19.77 -37.27 -13.66
N VAL E 148 20.27 -38.20 -12.85
CA VAL E 148 20.36 -39.62 -13.21
C VAL E 148 19.28 -40.44 -12.49
N TRP E 149 18.40 -41.09 -13.26
CA TRP E 149 17.41 -42.01 -12.70
C TRP E 149 18.08 -43.39 -12.48
N LEU E 150 18.42 -43.69 -11.24
CA LEU E 150 19.17 -44.90 -10.90
C LEU E 150 18.23 -46.09 -10.67
N ILE E 151 18.65 -47.26 -11.18
CA ILE E 151 17.94 -48.52 -10.98
C ILE E 151 18.92 -49.64 -10.54
N LYS E 152 18.34 -50.75 -10.10
CA LYS E 152 19.12 -51.91 -9.62
C LYS E 152 19.96 -52.58 -10.71
N LYS E 153 21.12 -53.12 -10.31
CA LYS E 153 21.98 -53.91 -11.20
C LYS E 153 21.96 -55.37 -10.78
N ASN E 154 21.57 -56.25 -11.70
CA ASN E 154 21.42 -57.68 -11.46
C ASN E 154 20.57 -57.99 -10.21
N SER E 155 19.40 -57.38 -10.14
CA SER E 155 18.40 -57.64 -9.09
C SER E 155 18.87 -57.31 -7.67
N THR E 156 19.67 -56.25 -7.53
CA THR E 156 20.08 -55.76 -6.22
C THR E 156 20.27 -54.25 -6.28
N TYR E 157 19.62 -53.52 -5.37
CA TYR E 157 19.82 -52.08 -5.24
C TYR E 157 20.53 -51.80 -3.91
N PRO E 158 21.87 -51.80 -3.92
CA PRO E 158 22.61 -51.55 -2.68
C PRO E 158 22.53 -50.10 -2.25
N THR E 159 22.77 -49.86 -0.97
CA THR E 159 22.67 -48.52 -0.40
C THR E 159 23.69 -47.59 -1.06
N ILE E 160 23.24 -46.36 -1.34
CA ILE E 160 24.08 -45.31 -1.92
C ILE E 160 24.53 -44.38 -0.81
N LYS E 161 25.83 -44.10 -0.75
CA LYS E 161 26.39 -43.12 0.20
C LYS E 161 27.36 -42.21 -0.52
N ARG E 162 26.87 -41.08 -1.00
CA ARG E 162 27.69 -40.14 -1.73
C ARG E 162 27.71 -38.76 -1.13
N SER E 163 28.88 -38.13 -1.20
CA SER E 163 29.10 -36.81 -0.66
C SER E 163 29.83 -35.94 -1.68
N TYR E 164 29.43 -34.67 -1.77
CA TYR E 164 30.15 -33.69 -2.59
C TYR E 164 30.54 -32.44 -1.81
N ASN E 165 31.83 -32.11 -1.83
CA ASN E 165 32.36 -30.92 -1.18
C ASN E 165 32.42 -29.74 -2.15
N ASN E 166 31.80 -28.62 -1.80
CA ASN E 166 31.82 -27.43 -2.64
C ASN E 166 33.13 -26.66 -2.51
N THR E 167 34.09 -27.03 -3.36
CA THR E 167 35.42 -26.40 -3.35
C THR E 167 35.49 -25.09 -4.13
N ASN E 168 34.49 -24.81 -4.97
CA ASN E 168 34.41 -23.53 -5.69
C ASN E 168 34.08 -22.45 -4.68
N GLN E 169 34.56 -21.22 -4.92
CA GLN E 169 34.21 -20.10 -4.06
C GLN E 169 32.93 -19.42 -4.56
N GLU E 170 31.87 -20.22 -4.70
CA GLU E 170 30.56 -19.77 -5.16
C GLU E 170 29.47 -20.55 -4.42
N ASP E 171 28.27 -19.98 -4.37
CA ASP E 171 27.08 -20.74 -4.01
C ASP E 171 26.80 -21.70 -5.16
N LEU E 172 26.16 -22.82 -4.85
CA LEU E 172 25.88 -23.84 -5.84
C LEU E 172 24.44 -24.33 -5.75
N LEU E 173 23.70 -24.21 -6.85
CA LEU E 173 22.34 -24.71 -6.93
C LEU E 173 22.36 -26.19 -7.28
N VAL E 174 22.01 -27.02 -6.29
CA VAL E 174 21.94 -28.47 -6.48
C VAL E 174 20.48 -28.90 -6.64
N LEU E 175 20.24 -29.81 -7.58
CA LEU E 175 18.92 -30.37 -7.83
C LEU E 175 18.96 -31.89 -7.72
N TRP E 176 17.94 -32.47 -7.08
CA TRP E 176 17.77 -33.92 -7.08
C TRP E 176 16.28 -34.25 -7.02
N GLY E 177 15.95 -35.54 -7.01
CA GLY E 177 14.56 -35.97 -7.02
C GLY E 177 14.29 -37.33 -6.42
N ILE E 178 13.01 -37.60 -6.17
CA ILE E 178 12.55 -38.90 -5.71
C ILE E 178 11.48 -39.39 -6.69
N HIS E 179 11.46 -40.70 -6.92
CA HIS E 179 10.41 -41.30 -7.77
C HIS E 179 9.33 -41.96 -6.92
N HIS E 180 8.08 -41.68 -7.27
CA HIS E 180 6.92 -42.27 -6.62
C HIS E 180 6.30 -43.28 -7.59
N PRO E 181 6.44 -44.59 -7.30
CA PRO E 181 5.93 -45.63 -8.19
C PRO E 181 4.42 -45.86 -8.02
N ASN E 182 3.82 -46.59 -8.96
CA ASN E 182 2.37 -46.79 -8.99
C ASN E 182 1.87 -47.77 -7.92
N ASP E 183 2.55 -48.90 -7.78
CA ASP E 183 2.19 -49.94 -6.80
C ASP E 183 3.42 -50.63 -6.22
N ALA E 184 3.21 -51.48 -5.21
CA ALA E 184 4.29 -52.22 -4.55
C ALA E 184 5.03 -53.16 -5.52
N ALA E 185 4.34 -53.62 -6.56
CA ALA E 185 4.93 -54.47 -7.59
C ALA E 185 5.97 -53.72 -8.44
N GLU E 186 5.68 -52.46 -8.76
CA GLU E 186 6.62 -51.63 -9.52
C GLU E 186 7.81 -51.18 -8.66
N GLN E 187 7.55 -50.91 -7.38
CA GLN E 187 8.61 -50.57 -6.42
C GLN E 187 9.68 -51.66 -6.40
N THR E 188 9.24 -52.90 -6.22
CA THR E 188 10.15 -54.04 -6.21
C THR E 188 10.80 -54.27 -7.59
N LYS E 189 10.01 -54.09 -8.65
CA LYS E 189 10.53 -54.24 -10.01
C LYS E 189 11.68 -53.27 -10.30
N LEU E 190 11.57 -52.04 -9.80
CA LEU E 190 12.57 -51.01 -10.07
C LEU E 190 13.74 -51.04 -9.10
N TYR E 191 13.43 -51.11 -7.81
CA TYR E 191 14.44 -50.96 -6.76
C TYR E 191 14.53 -52.15 -5.80
N GLN E 192 13.64 -53.13 -5.97
CA GLN E 192 13.55 -54.32 -5.11
C GLN E 192 13.19 -54.05 -3.65
N ASN E 193 14.01 -53.28 -2.95
CA ASN E 193 13.75 -52.96 -1.54
C ASN E 193 12.34 -52.39 -1.39
N PRO E 194 11.50 -53.03 -0.54
CA PRO E 194 10.10 -52.62 -0.44
C PRO E 194 9.92 -51.25 0.21
N THR E 195 10.64 -51.03 1.31
CA THR E 195 10.64 -49.76 2.01
C THR E 195 11.95 -49.05 1.70
N THR E 196 11.87 -47.82 1.20
CA THR E 196 13.06 -47.08 0.77
C THR E 196 13.04 -45.63 1.27
N TYR E 197 14.19 -44.97 1.17
CA TYR E 197 14.34 -43.60 1.64
C TYR E 197 15.47 -42.88 0.91
N ILE E 198 15.49 -41.55 1.05
CA ILE E 198 16.60 -40.71 0.59
C ILE E 198 16.89 -39.67 1.65
N SER E 199 18.07 -39.73 2.26
CA SER E 199 18.47 -38.74 3.25
C SER E 199 19.52 -37.80 2.65
N VAL E 200 19.23 -36.50 2.72
CA VAL E 200 20.12 -35.46 2.22
C VAL E 200 20.51 -34.53 3.36
N GLY E 201 21.81 -34.29 3.52
CA GLY E 201 22.31 -33.44 4.59
C GLY E 201 23.31 -32.42 4.10
N THR E 202 23.28 -31.24 4.71
CA THR E 202 24.31 -30.21 4.52
C THR E 202 24.58 -29.63 5.91
N SER E 203 25.18 -28.45 5.98
CA SER E 203 25.32 -27.75 7.26
C SER E 203 23.94 -27.34 7.77
N THR E 204 23.04 -27.00 6.86
CA THR E 204 21.69 -26.57 7.22
C THR E 204 20.65 -27.64 6.93
N LEU E 205 20.73 -28.27 5.76
CA LEU E 205 19.70 -29.22 5.32
C LEU E 205 19.71 -30.52 6.13
N ASN E 206 18.54 -30.92 6.62
CA ASN E 206 18.36 -32.20 7.30
C ASN E 206 17.08 -32.87 6.81
N GLN E 207 17.18 -33.52 5.65
CA GLN E 207 16.02 -34.04 4.94
C GLN E 207 16.05 -35.57 4.87
N ARG E 208 14.86 -36.17 4.89
CA ARG E 208 14.71 -37.59 4.64
C ARG E 208 13.39 -37.84 3.90
N LEU E 209 13.48 -38.19 2.63
CA LEU E 209 12.31 -38.42 1.78
C LEU E 209 11.96 -39.89 1.74
N VAL E 210 10.66 -40.19 1.68
CA VAL E 210 10.15 -41.55 1.49
C VAL E 210 9.14 -41.55 0.33
N PRO E 211 9.16 -42.60 -0.52
CA PRO E 211 8.20 -42.62 -1.62
C PRO E 211 6.76 -42.90 -1.16
N ARG E 212 5.82 -42.11 -1.67
CA ARG E 212 4.41 -42.26 -1.38
C ARG E 212 3.72 -42.95 -2.56
N ILE E 213 3.11 -44.11 -2.30
CA ILE E 213 2.45 -44.89 -3.33
C ILE E 213 0.96 -44.51 -3.41
N ALA E 214 0.45 -44.35 -4.63
CA ALA E 214 -0.97 -44.06 -4.85
C ALA E 214 -1.36 -44.36 -6.30
N THR E 215 -2.63 -44.69 -6.51
CA THR E 215 -3.17 -44.86 -7.85
C THR E 215 -3.49 -43.48 -8.40
N ARG E 216 -2.81 -43.10 -9.48
CA ARG E 216 -2.91 -41.75 -10.03
C ARG E 216 -3.34 -41.80 -11.49
N SER E 217 -3.92 -40.69 -11.95
CA SER E 217 -4.32 -40.56 -13.34
C SER E 217 -3.09 -40.44 -14.23
N LYS E 218 -3.21 -40.90 -15.47
CA LYS E 218 -2.11 -40.80 -16.43
C LYS E 218 -1.95 -39.36 -16.87
N VAL E 219 -0.75 -38.82 -16.64
CA VAL E 219 -0.36 -37.54 -17.16
C VAL E 219 0.84 -37.79 -18.07
N ASN E 220 0.79 -37.30 -19.29
CA ASN E 220 1.82 -37.62 -20.32
C ASN E 220 2.03 -39.13 -20.47
N GLY E 221 0.95 -39.90 -20.38
CA GLY E 221 1.00 -41.35 -20.56
C GLY E 221 1.59 -42.13 -19.39
N GLN E 222 1.77 -41.49 -18.25
CA GLN E 222 2.34 -42.14 -17.07
C GLN E 222 1.61 -41.73 -15.80
N SER E 223 1.39 -42.71 -14.93
CA SER E 223 0.73 -42.48 -13.64
C SER E 223 1.72 -42.41 -12.47
N GLY E 224 3.01 -42.62 -12.76
CA GLY E 224 4.08 -42.41 -11.79
C GLY E 224 4.41 -40.92 -11.64
N ARG E 225 5.04 -40.57 -10.53
CA ARG E 225 5.36 -39.16 -10.24
C ARG E 225 6.82 -38.97 -9.83
N MET E 226 7.35 -37.79 -10.14
CA MET E 226 8.70 -37.39 -9.72
C MET E 226 8.59 -36.10 -8.93
N GLU E 227 9.19 -36.07 -7.74
CA GLU E 227 9.14 -34.88 -6.89
C GLU E 227 10.55 -34.32 -6.74
N PHE E 228 10.77 -33.13 -7.28
CA PHE E 228 12.11 -32.55 -7.36
C PHE E 228 12.35 -31.53 -6.26
N PHE E 229 13.53 -31.63 -5.65
CA PHE E 229 13.93 -30.78 -4.54
C PHE E 229 15.24 -30.08 -4.88
N TRP E 230 15.53 -29.00 -4.16
CA TRP E 230 16.71 -28.20 -4.42
C TRP E 230 17.27 -27.57 -3.16
N THR E 231 18.53 -27.16 -3.23
CA THR E 231 19.17 -26.40 -2.18
C THR E 231 20.28 -25.53 -2.76
N ILE E 232 20.69 -24.52 -2.00
CA ILE E 232 21.90 -23.76 -2.32
C ILE E 232 23.00 -24.26 -1.41
N LEU E 233 24.05 -24.83 -1.99
CA LEU E 233 25.18 -25.34 -1.25
C LEU E 233 26.24 -24.24 -1.18
N LYS E 234 26.52 -23.78 0.03
CA LYS E 234 27.47 -22.68 0.23
C LYS E 234 28.91 -23.19 0.05
N PRO E 235 29.86 -22.27 -0.23
CA PRO E 235 31.23 -22.73 -0.45
C PRO E 235 31.82 -23.41 0.79
N ASN E 236 32.67 -24.41 0.57
CA ASN E 236 33.36 -25.10 1.65
C ASN E 236 32.41 -25.97 2.49
N ASP E 237 31.21 -26.22 1.97
CA ASP E 237 30.23 -27.08 2.64
C ASP E 237 29.98 -28.31 1.77
N ALA E 238 29.72 -29.44 2.42
CA ALA E 238 29.49 -30.69 1.73
C ALA E 238 28.01 -31.08 1.79
N ILE E 239 27.51 -31.66 0.70
CA ILE E 239 26.18 -32.27 0.68
C ILE E 239 26.33 -33.79 0.71
N ASN E 240 25.52 -34.47 1.51
CA ASN E 240 25.60 -35.92 1.67
C ASN E 240 24.28 -36.60 1.32
N PHE E 241 24.36 -37.60 0.43
CA PHE E 241 23.20 -38.40 0.03
C PHE E 241 23.33 -39.82 0.56
N GLU E 242 22.23 -40.37 1.08
CA GLU E 242 22.14 -41.79 1.41
C GLU E 242 20.76 -42.30 0.98
N SER E 243 20.74 -43.37 0.17
CA SER E 243 19.48 -43.93 -0.31
C SER E 243 19.56 -45.41 -0.66
N ASN E 244 18.50 -46.15 -0.32
CA ASN E 244 18.34 -47.56 -0.68
C ASN E 244 17.22 -47.78 -1.70
N GLY E 245 16.79 -46.69 -2.36
CA GLY E 245 15.75 -46.78 -3.38
C GLY E 245 15.12 -45.46 -3.81
N ASN E 246 14.64 -45.43 -5.05
CA ASN E 246 13.81 -44.35 -5.59
C ASN E 246 14.49 -42.98 -5.73
N PHE E 247 15.82 -43.00 -5.94
CA PHE E 247 16.64 -41.78 -5.90
C PHE E 247 16.98 -41.27 -7.30
N ILE E 248 16.75 -39.98 -7.52
CA ILE E 248 17.16 -39.32 -8.75
C ILE E 248 18.40 -38.49 -8.44
N ALA E 249 19.57 -39.01 -8.83
CA ALA E 249 20.84 -38.41 -8.46
C ALA E 249 21.18 -37.18 -9.30
N PRO E 250 21.90 -36.21 -8.72
CA PRO E 250 22.41 -35.08 -9.49
C PRO E 250 23.65 -35.43 -10.30
N GLU E 251 23.57 -35.26 -11.62
CA GLU E 251 24.76 -35.32 -12.48
C GLU E 251 25.42 -33.95 -12.48
N TYR E 252 24.63 -32.93 -12.82
CA TYR E 252 25.08 -31.54 -12.91
C TYR E 252 24.38 -30.64 -11.88
N ALA E 253 25.12 -29.63 -11.42
CA ALA E 253 24.59 -28.61 -10.54
C ALA E 253 25.03 -27.24 -11.07
N TYR E 254 24.09 -26.30 -11.14
CA TYR E 254 24.36 -24.97 -11.69
C TYR E 254 25.14 -24.12 -10.70
N LYS E 255 26.16 -23.42 -11.22
CA LYS E 255 27.04 -22.58 -10.41
C LYS E 255 26.65 -21.13 -10.64
N ILE E 256 26.50 -20.37 -9.56
CA ILE E 256 25.98 -18.99 -9.63
C ILE E 256 27.14 -18.00 -9.71
N VAL E 257 27.60 -17.71 -10.92
CA VAL E 257 28.77 -16.84 -11.10
C VAL E 257 28.45 -15.35 -10.90
N LYS E 258 27.34 -14.89 -11.46
CA LYS E 258 26.94 -13.48 -11.36
C LYS E 258 25.57 -13.30 -10.70
N LYS E 259 25.51 -12.39 -9.73
CA LYS E 259 24.25 -11.97 -9.11
C LYS E 259 23.99 -10.51 -9.43
N GLY E 260 22.90 -10.24 -10.14
CA GLY E 260 22.53 -8.88 -10.50
C GLY E 260 21.03 -8.67 -10.55
N ASP E 261 20.62 -7.49 -10.98
CA ASP E 261 19.20 -7.20 -11.17
C ASP E 261 18.69 -7.95 -12.39
N SER E 262 17.70 -8.80 -12.18
CA SER E 262 17.07 -9.56 -13.25
C SER E 262 15.58 -9.68 -12.95
N THR E 263 14.84 -10.31 -13.85
CA THR E 263 13.41 -10.51 -13.66
C THR E 263 12.90 -11.59 -14.60
N ILE E 264 11.91 -12.35 -14.14
CA ILE E 264 11.23 -13.32 -15.00
C ILE E 264 9.98 -12.66 -15.57
N MET E 265 10.10 -12.24 -16.83
CA MET E 265 9.03 -11.58 -17.55
C MET E 265 8.08 -12.61 -18.13
N LYS E 266 6.78 -12.33 -18.05
CA LYS E 266 5.75 -13.22 -18.57
C LYS E 266 5.22 -12.65 -19.88
N SER E 267 5.50 -13.34 -20.97
CA SER E 267 5.14 -12.84 -22.30
C SER E 267 5.08 -13.95 -23.36
N GLU E 268 4.08 -13.86 -24.22
CA GLU E 268 3.93 -14.80 -25.34
C GLU E 268 4.81 -14.38 -26.51
N LEU E 269 5.27 -13.13 -26.50
CA LEU E 269 6.06 -12.57 -27.61
C LEU E 269 7.43 -13.22 -27.72
N GLU E 270 8.01 -13.13 -28.91
CA GLU E 270 9.28 -13.81 -29.22
C GLU E 270 10.47 -12.83 -29.13
N TYR E 271 11.15 -12.54 -30.24
CA TYR E 271 12.39 -11.74 -30.20
C TYR E 271 12.48 -10.82 -31.43
N GLY E 272 12.55 -9.51 -31.18
CA GLY E 272 12.62 -8.52 -32.25
C GLY E 272 14.01 -8.24 -32.80
N ASN E 273 15.04 -8.74 -32.11
CA ASN E 273 16.44 -8.45 -32.43
C ASN E 273 16.72 -6.94 -32.38
N CYS E 274 16.15 -6.30 -31.37
CA CYS E 274 16.29 -4.87 -31.18
C CYS E 274 17.00 -4.64 -29.84
N ASN E 275 17.48 -3.42 -29.64
CA ASN E 275 18.13 -3.03 -28.38
C ASN E 275 17.33 -1.91 -27.70
N THR E 276 17.30 -1.92 -26.37
CA THR E 276 16.58 -0.90 -25.61
C THR E 276 17.25 -0.64 -24.26
N LYS E 277 16.73 0.33 -23.52
CA LYS E 277 17.17 0.60 -22.17
C LYS E 277 16.00 0.55 -21.17
N CYS E 278 14.82 0.18 -21.67
CA CYS E 278 13.62 0.03 -20.85
C CYS E 278 12.72 -0.97 -21.55
N GLN E 279 12.47 -2.10 -20.91
CA GLN E 279 11.72 -3.18 -21.54
C GLN E 279 10.44 -3.50 -20.77
N THR E 280 9.37 -3.79 -21.53
CA THR E 280 8.12 -4.29 -20.99
C THR E 280 7.76 -5.61 -21.66
N PRO E 281 6.84 -6.40 -21.04
CA PRO E 281 6.31 -7.61 -21.68
C PRO E 281 5.55 -7.35 -22.99
N MET E 282 5.06 -6.13 -23.18
CA MET E 282 4.33 -5.71 -24.38
C MET E 282 5.28 -5.25 -25.50
N GLY E 283 6.43 -4.74 -25.10
CA GLY E 283 7.43 -4.21 -26.03
C GLY E 283 8.46 -3.35 -25.31
N ALA E 284 9.30 -2.67 -26.09
CA ALA E 284 10.34 -1.82 -25.51
C ALA E 284 9.96 -0.34 -25.56
N ILE E 285 10.58 0.45 -24.69
CA ILE E 285 10.30 1.88 -24.56
C ILE E 285 11.56 2.72 -24.81
N ASN E 286 11.40 3.76 -25.63
CA ASN E 286 12.46 4.72 -25.90
C ASN E 286 11.86 6.13 -25.88
N SER E 287 11.87 6.75 -24.71
CA SER E 287 11.37 8.11 -24.57
C SER E 287 12.03 8.85 -23.41
N SER E 288 11.85 10.16 -23.40
CA SER E 288 12.33 11.01 -22.31
C SER E 288 11.18 11.46 -21.41
N MET E 289 9.96 11.00 -21.70
CA MET E 289 8.79 11.33 -20.89
C MET E 289 9.00 10.87 -19.45
N PRO E 290 8.45 11.61 -18.48
CA PRO E 290 8.53 11.14 -17.08
C PRO E 290 7.57 9.99 -16.76
N PHE E 291 6.58 9.75 -17.63
CA PHE E 291 5.57 8.72 -17.41
C PHE E 291 5.33 7.88 -18.65
N HIS E 292 4.74 6.70 -18.44
CA HIS E 292 4.20 5.88 -19.51
C HIS E 292 2.97 5.12 -19.01
N ASN E 293 2.23 4.51 -19.93
CA ASN E 293 1.04 3.75 -19.58
C ASN E 293 0.97 2.39 -20.27
N ILE E 294 2.14 1.83 -20.58
CA ILE E 294 2.22 0.59 -21.36
C ILE E 294 1.92 -0.64 -20.50
N HIS E 295 2.72 -0.84 -19.45
CA HIS E 295 2.62 -2.03 -18.61
C HIS E 295 3.39 -1.83 -17.29
N PRO E 296 2.79 -2.19 -16.14
CA PRO E 296 3.40 -1.94 -14.83
C PRO E 296 4.77 -2.62 -14.62
N LEU E 297 4.87 -3.88 -15.00
CA LEU E 297 6.12 -4.64 -14.83
C LEU E 297 7.15 -4.31 -15.91
N THR E 298 8.13 -3.47 -15.56
CA THR E 298 9.20 -3.12 -16.48
C THR E 298 10.55 -3.44 -15.86
N ILE E 299 11.57 -3.42 -16.69
CA ILE E 299 12.95 -3.66 -16.27
C ILE E 299 13.82 -2.59 -16.94
N GLY E 300 14.76 -2.04 -16.18
CA GLY E 300 15.71 -1.05 -16.69
C GLY E 300 15.40 0.37 -16.28
N GLU E 301 16.00 1.32 -16.98
CA GLU E 301 15.82 2.75 -16.73
C GLU E 301 14.53 3.21 -17.42
N CYS E 302 13.45 3.25 -16.65
CA CYS E 302 12.12 3.50 -17.20
C CYS E 302 11.41 4.71 -16.58
N PRO E 303 10.51 5.34 -17.34
CA PRO E 303 9.59 6.30 -16.74
C PRO E 303 8.60 5.57 -15.82
N LYS E 304 7.87 6.32 -15.01
CA LYS E 304 6.94 5.70 -14.06
C LYS E 304 5.65 5.31 -14.74
N TYR E 305 5.12 4.16 -14.35
CA TYR E 305 3.87 3.68 -14.91
C TYR E 305 2.69 4.35 -14.24
N VAL E 306 1.73 4.79 -15.06
CA VAL E 306 0.44 5.22 -14.58
C VAL E 306 -0.64 4.65 -15.48
N LYS E 307 -1.86 4.56 -14.97
CA LYS E 307 -2.99 4.04 -15.73
C LYS E 307 -3.67 5.08 -16.64
N SER E 308 -3.15 6.31 -16.65
CA SER E 308 -3.78 7.39 -17.41
C SER E 308 -3.73 7.13 -18.91
N ASN E 309 -4.75 7.63 -19.61
CA ASN E 309 -4.73 7.73 -21.06
C ASN E 309 -4.09 9.03 -21.51
N ARG E 310 -4.09 10.03 -20.63
CA ARG E 310 -3.68 11.38 -21.00
C ARG E 310 -3.12 12.19 -19.81
N LEU E 311 -1.90 12.71 -19.99
CA LEU E 311 -1.31 13.68 -19.04
C LEU E 311 -0.61 14.79 -19.81
N VAL E 312 -1.24 15.96 -19.87
CA VAL E 312 -0.72 17.12 -20.60
C VAL E 312 -0.70 18.34 -19.69
N LEU E 313 0.47 18.95 -19.55
CA LEU E 313 0.63 20.16 -18.76
C LEU E 313 0.54 21.40 -19.63
N ALA E 314 -0.25 22.37 -19.20
CA ALA E 314 -0.25 23.69 -19.83
C ALA E 314 1.07 24.36 -19.50
N THR E 315 1.75 24.85 -20.54
CA THR E 315 2.91 25.70 -20.38
C THR E 315 2.56 27.13 -20.79
N GLY E 316 1.83 27.26 -21.89
CA GLY E 316 1.39 28.57 -22.35
C GLY E 316 0.09 28.99 -21.70
N LEU E 317 -0.60 29.92 -22.32
CA LEU E 317 -1.78 30.54 -21.76
C LEU E 317 -3.01 30.22 -22.60
N ARG E 318 -4.18 30.59 -22.10
CA ARG E 318 -5.42 30.31 -22.79
C ARG E 318 -5.40 30.94 -24.18
N ASN E 319 -5.56 30.11 -25.19
CA ASN E 319 -5.50 30.55 -26.57
C ASN E 319 -6.87 31.00 -27.06
N SER E 320 -6.87 32.02 -27.91
CA SER E 320 -8.08 32.75 -28.28
C SER E 320 -8.79 32.16 -29.51
N PRO E 321 -10.13 32.21 -29.53
CA PRO E 321 -10.91 31.79 -30.71
C PRO E 321 -11.03 32.91 -31.74
N GLY F 1 -10.92 33.96 -16.11
CA GLY F 1 -9.76 33.71 -15.20
C GLY F 1 -9.83 34.56 -13.96
N LEU F 2 -9.11 34.13 -12.92
CA LEU F 2 -9.18 34.75 -11.60
C LEU F 2 -8.86 36.23 -11.59
N PHE F 3 -7.94 36.66 -12.47
CA PHE F 3 -7.42 38.02 -12.42
C PHE F 3 -8.06 38.96 -13.42
N GLY F 4 -8.97 38.42 -14.24
CA GLY F 4 -9.89 39.22 -15.05
C GLY F 4 -9.32 39.85 -16.30
N ALA F 5 -8.06 39.59 -16.61
CA ALA F 5 -7.39 40.22 -17.75
C ALA F 5 -7.55 39.39 -19.00
N ILE F 6 -7.01 38.17 -18.98
CA ILE F 6 -7.10 37.27 -20.13
C ILE F 6 -8.54 36.83 -20.34
N ALA F 7 -9.03 37.01 -21.58
CA ALA F 7 -10.42 36.72 -21.92
C ALA F 7 -11.38 37.45 -21.00
N GLY F 8 -10.97 38.64 -20.55
CA GLY F 8 -11.73 39.40 -19.57
C GLY F 8 -11.95 40.81 -20.08
N PHE F 9 -11.23 41.76 -19.51
CA PHE F 9 -11.30 43.13 -20.00
C PHE F 9 -10.38 43.27 -21.22
N ILE F 10 -9.41 42.36 -21.37
CA ILE F 10 -8.68 42.18 -22.62
C ILE F 10 -9.30 40.98 -23.33
N GLU F 11 -10.16 41.25 -24.29
CA GLU F 11 -11.05 40.22 -24.84
C GLU F 11 -10.35 39.05 -25.53
N GLY F 12 -9.19 39.32 -26.13
CA GLY F 12 -8.47 38.28 -26.88
C GLY F 12 -6.97 38.55 -27.04
N GLY F 13 -6.24 37.50 -27.41
CA GLY F 13 -4.80 37.57 -27.61
C GLY F 13 -4.40 38.14 -28.95
N TRP F 14 -3.10 38.24 -29.19
CA TRP F 14 -2.55 38.82 -30.40
C TRP F 14 -1.73 37.81 -31.19
N GLN F 15 -2.28 37.37 -32.32
CA GLN F 15 -1.54 36.55 -33.28
C GLN F 15 -0.27 37.29 -33.74
N GLY F 16 -0.35 38.62 -33.83
CA GLY F 16 0.76 39.45 -34.29
C GLY F 16 1.93 39.65 -33.35
N MET F 17 1.80 39.21 -32.10
CA MET F 17 2.92 39.27 -31.15
C MET F 17 3.54 37.88 -30.97
N VAL F 18 4.69 37.68 -31.61
CA VAL F 18 5.31 36.35 -31.69
C VAL F 18 6.56 36.19 -30.82
N ASP F 19 7.18 37.30 -30.41
CA ASP F 19 8.45 37.26 -29.69
C ASP F 19 8.29 37.31 -28.16
N GLY F 20 7.07 37.10 -27.67
CA GLY F 20 6.84 37.05 -26.23
C GLY F 20 5.43 36.67 -25.85
N TRP F 21 5.23 36.42 -24.56
CA TRP F 21 3.91 36.03 -24.04
C TRP F 21 3.04 37.26 -23.72
N TYR F 22 3.65 38.28 -23.15
CA TYR F 22 2.95 39.52 -22.80
C TYR F 22 3.69 40.69 -23.43
N GLY F 23 2.95 41.73 -23.79
CA GLY F 23 3.59 42.91 -24.34
C GLY F 23 2.63 44.03 -24.67
N TYR F 24 3.11 44.97 -25.47
CA TYR F 24 2.39 46.19 -25.81
C TYR F 24 2.12 46.29 -27.31
N HIS F 25 1.02 46.95 -27.65
CA HIS F 25 0.78 47.38 -29.02
C HIS F 25 0.49 48.88 -29.03
N HIS F 26 1.27 49.62 -29.81
CA HIS F 26 1.14 51.07 -29.90
C HIS F 26 0.59 51.47 -31.26
N SER F 27 -0.07 52.62 -31.32
CA SER F 27 -0.51 53.19 -32.60
C SER F 27 -0.49 54.72 -32.52
N ASN F 28 0.27 55.34 -33.42
CA ASN F 28 0.42 56.79 -33.47
C ASN F 28 0.59 57.26 -34.92
N GLU F 29 0.95 58.52 -35.12
CA GLU F 29 1.12 59.07 -36.48
C GLU F 29 2.17 58.31 -37.30
N GLN F 30 3.26 57.92 -36.65
CA GLN F 30 4.37 57.24 -37.32
C GLN F 30 4.07 55.78 -37.70
N GLY F 31 3.18 55.14 -36.95
CA GLY F 31 2.79 53.77 -37.27
C GLY F 31 2.26 53.00 -36.07
N SER F 32 2.22 51.69 -36.19
CA SER F 32 1.82 50.81 -35.10
C SER F 32 2.71 49.57 -35.04
N GLY F 33 2.69 48.87 -33.92
CA GLY F 33 3.50 47.67 -33.79
C GLY F 33 3.40 46.95 -32.46
N TYR F 34 3.82 45.69 -32.45
CA TYR F 34 3.85 44.86 -31.25
C TYR F 34 5.26 44.83 -30.68
N ALA F 35 5.37 44.96 -29.35
CA ALA F 35 6.64 44.84 -28.66
C ALA F 35 6.45 43.99 -27.42
N ALA F 36 7.15 42.85 -27.38
CA ALA F 36 7.04 41.94 -26.25
C ALA F 36 7.76 42.50 -25.03
N ASP F 37 7.11 42.41 -23.87
CA ASP F 37 7.74 42.76 -22.60
C ASP F 37 8.62 41.59 -22.14
N LYS F 38 9.93 41.79 -22.18
CA LYS F 38 10.90 40.73 -21.88
C LYS F 38 10.89 40.29 -20.42
N GLU F 39 10.92 41.26 -19.52
CA GLU F 39 10.97 40.98 -18.07
C GLU F 39 9.84 40.06 -17.61
N SER F 40 8.60 40.46 -17.85
CA SER F 40 7.45 39.65 -17.42
C SER F 40 7.40 38.31 -18.14
N THR F 41 7.83 38.29 -19.40
CA THR F 41 7.86 37.06 -20.19
C THR F 41 8.88 36.06 -19.67
N GLN F 42 10.10 36.53 -19.41
CA GLN F 42 11.17 35.66 -18.92
C GLN F 42 10.85 35.13 -17.53
N LYS F 43 10.17 35.95 -16.73
CA LYS F 43 9.73 35.55 -15.40
C LYS F 43 8.70 34.43 -15.46
N ALA F 44 7.81 34.51 -16.46
CA ALA F 44 6.82 33.46 -16.69
C ALA F 44 7.47 32.19 -17.19
N ILE F 45 8.43 32.33 -18.10
CA ILE F 45 9.17 31.17 -18.61
C ILE F 45 9.88 30.42 -17.47
N ASP F 46 10.47 31.17 -16.55
CA ASP F 46 11.17 30.57 -15.40
C ASP F 46 10.21 29.86 -14.46
N GLY F 47 9.10 30.51 -14.15
CA GLY F 47 8.11 29.92 -13.25
C GLY F 47 7.52 28.61 -13.77
N VAL F 48 7.23 28.57 -15.07
CA VAL F 48 6.65 27.38 -15.69
C VAL F 48 7.69 26.25 -15.83
N THR F 49 8.92 26.61 -16.17
CA THR F 49 9.99 25.62 -16.30
C THR F 49 10.22 24.91 -14.96
N ASN F 50 10.40 25.70 -13.90
CA ASN F 50 10.60 25.14 -12.56
C ASN F 50 9.45 24.24 -12.15
N LYS F 51 8.24 24.70 -12.43
CA LYS F 51 7.02 23.94 -12.14
C LYS F 51 6.99 22.57 -12.80
N VAL F 52 7.39 22.52 -14.06
CA VAL F 52 7.39 21.27 -14.81
C VAL F 52 8.44 20.33 -14.22
N ASN F 53 9.62 20.85 -13.90
CA ASN F 53 10.70 20.07 -13.29
C ASN F 53 10.35 19.63 -11.87
N SER F 54 9.71 20.53 -11.12
CA SER F 54 9.23 20.23 -9.78
C SER F 54 8.24 19.08 -9.80
N ILE F 55 7.33 19.12 -10.77
CA ILE F 55 6.34 18.06 -10.95
C ILE F 55 7.01 16.74 -11.32
N ILE F 56 7.87 16.79 -12.34
CA ILE F 56 8.63 15.61 -12.76
C ILE F 56 9.35 14.96 -11.57
N ASP F 57 10.07 15.76 -10.79
CA ASP F 57 10.92 15.25 -9.71
C ASP F 57 10.14 14.65 -8.54
N LYS F 58 9.01 15.24 -8.20
CA LYS F 58 8.17 14.68 -7.14
C LYS F 58 7.61 13.30 -7.48
N MET F 59 7.38 13.06 -8.77
CA MET F 59 6.88 11.77 -9.24
C MET F 59 8.02 10.78 -9.51
N ASN F 60 9.23 11.31 -9.69
CA ASN F 60 10.43 10.49 -10.01
C ASN F 60 10.66 9.27 -9.09
N THR F 61 10.45 9.42 -7.78
CA THR F 61 10.44 8.24 -6.87
C THR F 61 8.99 7.87 -6.59
N GLN F 62 8.59 6.69 -7.05
CA GLN F 62 7.22 6.22 -6.87
C GLN F 62 7.20 4.70 -7.01
N PHE F 63 6.07 4.09 -6.65
CA PHE F 63 5.97 2.62 -6.59
C PHE F 63 6.36 1.95 -7.91
N GLU F 64 7.07 0.83 -7.79
CA GLU F 64 7.42 -0.01 -8.95
C GLU F 64 6.91 -1.42 -8.72
N ALA F 65 6.21 -1.97 -9.69
CA ALA F 65 5.69 -3.33 -9.59
C ALA F 65 6.82 -4.35 -9.79
N VAL F 66 6.69 -5.49 -9.12
CA VAL F 66 7.63 -6.61 -9.30
C VAL F 66 6.84 -7.91 -9.45
N GLY F 67 7.36 -8.81 -10.30
CA GLY F 67 6.71 -10.07 -10.58
C GLY F 67 6.97 -11.08 -9.49
N ARG F 68 5.88 -11.65 -8.96
CA ARG F 68 5.96 -12.65 -7.89
C ARG F 68 4.96 -13.75 -8.16
N GLU F 69 5.42 -15.00 -8.04
CA GLU F 69 4.64 -16.17 -8.43
C GLU F 69 4.15 -16.93 -7.19
N PHE F 70 2.94 -17.46 -7.28
CA PHE F 70 2.35 -18.24 -6.18
C PHE F 70 1.66 -19.49 -6.72
N ASN F 71 1.75 -20.58 -5.97
CA ASN F 71 1.13 -21.83 -6.41
C ASN F 71 -0.38 -21.86 -6.12
N ASN F 72 -1.01 -23.01 -6.34
CA ASN F 72 -2.46 -23.13 -6.32
C ASN F 72 -3.10 -23.08 -4.93
N LEU F 73 -2.31 -23.35 -3.90
CA LEU F 73 -2.76 -23.23 -2.51
C LEU F 73 -2.05 -22.08 -1.80
N GLU F 74 -1.79 -21.02 -2.56
CA GLU F 74 -1.29 -19.74 -2.04
C GLU F 74 -2.10 -18.60 -2.64
N ARG F 75 -3.41 -18.82 -2.77
CA ARG F 75 -4.29 -17.88 -3.46
C ARG F 75 -4.54 -16.62 -2.65
N ARG F 76 -4.58 -16.75 -1.33
CA ARG F 76 -4.78 -15.60 -0.46
C ARG F 76 -3.65 -14.57 -0.60
N ILE F 77 -2.40 -15.04 -0.48
CA ILE F 77 -1.25 -14.13 -0.61
C ILE F 77 -1.05 -13.65 -2.05
N GLU F 78 -1.43 -14.45 -3.02
CA GLU F 78 -1.43 -14.02 -4.42
C GLU F 78 -2.39 -12.85 -4.58
N ASN F 79 -3.55 -12.95 -3.94
CA ASN F 79 -4.56 -11.92 -4.03
C ASN F 79 -4.18 -10.67 -3.24
N LEU F 80 -3.58 -10.87 -2.08
CA LEU F 80 -3.03 -9.78 -1.27
C LEU F 80 -2.00 -9.04 -2.10
N ASN F 81 -1.10 -9.80 -2.72
CA ASN F 81 -0.09 -9.23 -3.59
C ASN F 81 -0.66 -8.39 -4.73
N LYS F 82 -1.71 -8.90 -5.38
CA LYS F 82 -2.32 -8.18 -6.51
C LYS F 82 -2.91 -6.87 -6.05
N LYS F 83 -3.71 -6.93 -4.98
CA LYS F 83 -4.34 -5.74 -4.41
C LYS F 83 -3.32 -4.70 -3.95
N MET F 84 -2.21 -5.17 -3.40
CA MET F 84 -1.14 -4.27 -2.98
C MET F 84 -0.58 -3.53 -4.19
N GLU F 85 -0.21 -4.28 -5.24
CA GLU F 85 0.38 -3.67 -6.43
C GLU F 85 -0.61 -2.75 -7.13
N ASP F 86 -1.83 -3.24 -7.34
CA ASP F 86 -2.89 -2.42 -7.94
C ASP F 86 -3.25 -1.19 -7.13
N GLY F 87 -3.28 -1.35 -5.81
CA GLY F 87 -3.62 -0.26 -4.91
C GLY F 87 -2.68 0.93 -5.02
N PHE F 88 -1.38 0.64 -5.11
CA PHE F 88 -0.36 1.67 -5.28
C PHE F 88 -0.44 2.35 -6.65
N LEU F 89 -0.78 1.59 -7.69
CA LEU F 89 -0.97 2.17 -9.02
C LEU F 89 -2.13 3.17 -9.05
N ASP F 90 -3.20 2.89 -8.33
CA ASP F 90 -4.33 3.80 -8.23
C ASP F 90 -3.97 5.06 -7.48
N VAL F 91 -3.18 4.91 -6.42
CA VAL F 91 -2.70 6.04 -5.64
C VAL F 91 -1.81 6.94 -6.49
N TRP F 92 -0.84 6.35 -7.18
CA TRP F 92 0.09 7.14 -7.99
C TRP F 92 -0.56 7.67 -9.27
N THR F 93 -1.50 6.93 -9.84
CA THR F 93 -2.28 7.43 -10.97
C THR F 93 -3.09 8.66 -10.54
N TYR F 94 -3.74 8.55 -9.39
CA TYR F 94 -4.55 9.64 -8.84
C TYR F 94 -3.70 10.89 -8.59
N ASN F 95 -2.53 10.70 -7.99
CA ASN F 95 -1.62 11.80 -7.69
C ASN F 95 -1.20 12.57 -8.93
N ALA F 96 -0.81 11.83 -9.96
CA ALA F 96 -0.39 12.40 -11.24
C ALA F 96 -1.51 13.18 -11.91
N GLU F 97 -2.68 12.57 -12.03
CA GLU F 97 -3.80 13.21 -12.72
C GLU F 97 -4.32 14.44 -11.98
N LEU F 98 -4.35 14.37 -10.65
CA LEU F 98 -4.80 15.47 -9.82
C LEU F 98 -3.81 16.63 -9.88
N LEU F 99 -2.52 16.32 -9.74
CA LEU F 99 -1.50 17.35 -9.78
C LEU F 99 -1.53 18.13 -11.08
N VAL F 100 -1.65 17.40 -12.19
CA VAL F 100 -1.75 18.04 -13.50
C VAL F 100 -2.98 18.97 -13.55
N LEU F 101 -4.15 18.45 -13.17
CA LEU F 101 -5.38 19.24 -13.11
C LEU F 101 -5.25 20.52 -12.27
N MET F 102 -4.72 20.37 -11.07
CA MET F 102 -4.60 21.49 -10.14
C MET F 102 -3.58 22.52 -10.60
N GLU F 103 -2.44 22.04 -11.08
CA GLU F 103 -1.37 22.91 -11.50
C GLU F 103 -1.60 23.52 -12.89
N ASN F 104 -2.33 22.84 -13.76
CA ASN F 104 -2.80 23.44 -15.02
C ASN F 104 -3.67 24.65 -14.75
N GLU F 105 -4.58 24.53 -13.79
CA GLU F 105 -5.45 25.63 -13.44
C GLU F 105 -4.68 26.80 -12.88
N ARG F 106 -3.67 26.49 -12.07
CA ARG F 106 -2.82 27.52 -11.51
C ARG F 106 -1.96 28.18 -12.58
N THR F 107 -1.52 27.41 -13.56
CA THR F 107 -0.70 27.93 -14.65
C THR F 107 -1.45 28.96 -15.49
N LEU F 108 -2.71 28.69 -15.80
CA LEU F 108 -3.50 29.62 -16.59
C LEU F 108 -3.80 30.91 -15.81
N ASP F 109 -4.07 30.77 -14.52
CA ASP F 109 -4.28 31.92 -13.67
C ASP F 109 -2.99 32.72 -13.44
N PHE F 110 -1.85 32.04 -13.48
CA PHE F 110 -0.54 32.68 -13.39
C PHE F 110 -0.34 33.63 -14.57
N HIS F 111 -0.62 33.14 -15.78
CA HIS F 111 -0.56 33.96 -16.98
C HIS F 111 -1.52 35.14 -16.91
N ASP F 112 -2.71 34.90 -16.39
CA ASP F 112 -3.70 35.94 -16.23
C ASP F 112 -3.19 37.02 -15.26
N SER F 113 -2.57 36.57 -14.17
CA SER F 113 -1.97 37.45 -13.19
C SER F 113 -0.86 38.33 -13.77
N ASN F 114 0.00 37.73 -14.59
CA ASN F 114 1.14 38.45 -15.18
C ASN F 114 0.71 39.56 -16.14
N VAL F 115 -0.35 39.31 -16.89
CA VAL F 115 -0.91 40.29 -17.82
C VAL F 115 -1.50 41.47 -17.03
N LYS F 116 -2.22 41.15 -15.96
CA LYS F 116 -2.88 42.14 -15.14
C LYS F 116 -1.88 43.03 -14.41
N ASN F 117 -0.82 42.43 -13.91
CA ASN F 117 0.21 43.18 -13.22
C ASN F 117 0.97 44.09 -14.16
N LEU F 118 1.16 43.64 -15.39
CA LEU F 118 1.79 44.44 -16.44
C LEU F 118 0.86 45.60 -16.84
N TYR F 119 -0.44 45.33 -16.91
CA TYR F 119 -1.40 46.36 -17.26
C TYR F 119 -1.46 47.42 -16.17
N ASP F 120 -1.48 46.98 -14.91
CA ASP F 120 -1.50 47.92 -13.80
C ASP F 120 -0.21 48.73 -13.72
N LYS F 121 0.91 48.10 -14.01
CA LYS F 121 2.21 48.76 -14.03
C LYS F 121 2.19 49.98 -14.94
N VAL F 122 1.64 49.81 -16.13
CA VAL F 122 1.50 50.87 -17.10
C VAL F 122 0.48 51.90 -16.60
N ARG F 123 -0.64 51.43 -16.08
CA ARG F 123 -1.69 52.29 -15.57
C ARG F 123 -1.13 53.25 -14.52
N LEU F 124 -0.32 52.71 -13.61
CA LEU F 124 0.26 53.49 -12.51
C LEU F 124 1.27 54.53 -12.96
N GLN F 125 1.92 54.30 -14.10
CA GLN F 125 2.82 55.27 -14.70
C GLN F 125 2.06 56.41 -15.33
N LEU F 126 1.11 56.07 -16.19
CA LEU F 126 0.38 57.05 -16.96
C LEU F 126 -0.49 57.93 -16.07
N ARG F 127 -1.08 57.36 -15.03
CA ARG F 127 -1.93 58.13 -14.11
C ARG F 127 -3.03 58.87 -14.90
N ASP F 128 -3.26 60.16 -14.64
CA ASP F 128 -4.33 60.88 -15.32
C ASP F 128 -3.88 61.56 -16.63
N ASN F 129 -2.70 61.18 -17.15
CA ASN F 129 -2.21 61.67 -18.44
C ASN F 129 -2.74 60.91 -19.68
N ALA F 130 -3.56 59.89 -19.47
CA ALA F 130 -4.19 59.14 -20.57
C ALA F 130 -5.58 58.65 -20.18
N LYS F 131 -6.42 58.33 -21.16
CA LYS F 131 -7.76 57.76 -20.92
C LYS F 131 -7.70 56.24 -20.78
N GLU F 132 -8.18 55.71 -19.67
CA GLU F 132 -8.33 54.27 -19.51
C GLU F 132 -9.57 53.81 -20.29
N LEU F 133 -9.35 53.26 -21.49
CA LEU F 133 -10.45 52.90 -22.39
C LEU F 133 -11.32 51.73 -21.92
N GLY F 134 -10.73 50.82 -21.15
CA GLY F 134 -11.48 49.66 -20.61
C GLY F 134 -11.20 48.34 -21.31
N ASN F 135 -10.34 48.36 -22.32
CA ASN F 135 -10.09 47.18 -23.15
C ASN F 135 -8.63 46.73 -23.15
N GLY F 136 -7.83 47.29 -22.24
CA GLY F 136 -6.40 47.06 -22.20
C GLY F 136 -5.60 48.22 -22.78
N CYS F 137 -6.31 49.19 -23.37
CA CYS F 137 -5.66 50.30 -24.05
C CYS F 137 -5.75 51.59 -23.25
N PHE F 138 -4.71 52.40 -23.40
CA PHE F 138 -4.65 53.73 -22.83
C PHE F 138 -4.49 54.72 -23.96
N GLU F 139 -5.38 55.70 -24.02
CA GLU F 139 -5.39 56.70 -25.08
C GLU F 139 -4.86 58.02 -24.54
N PHE F 140 -3.78 58.51 -25.14
CA PHE F 140 -3.04 59.65 -24.59
C PHE F 140 -3.71 61.00 -24.88
N TYR F 141 -3.64 61.91 -23.92
CA TYR F 141 -4.11 63.28 -24.13
C TYR F 141 -3.13 64.07 -24.97
N HIS F 142 -1.85 63.78 -24.80
CA HIS F 142 -0.78 64.37 -25.59
C HIS F 142 -0.43 63.45 -26.75
N LYS F 143 0.21 64.01 -27.77
CA LYS F 143 0.73 63.21 -28.87
C LYS F 143 1.91 62.41 -28.33
N CYS F 144 1.94 61.12 -28.62
CA CYS F 144 2.96 60.21 -28.07
C CYS F 144 3.72 59.51 -29.20
N ASP F 145 4.90 60.03 -29.52
CA ASP F 145 5.74 59.46 -30.58
C ASP F 145 6.40 58.15 -30.14
N ASN F 146 7.26 57.58 -30.99
CA ASN F 146 7.87 56.28 -30.69
C ASN F 146 8.84 56.29 -29.51
N GLU F 147 9.42 57.45 -29.21
CA GLU F 147 10.24 57.60 -28.01
C GLU F 147 9.33 57.68 -26.78
N CYS F 148 8.24 58.42 -26.90
CA CYS F 148 7.22 58.49 -25.86
C CYS F 148 6.65 57.10 -25.56
N MET F 149 6.36 56.35 -26.61
CA MET F 149 5.89 54.97 -26.45
C MET F 149 6.95 54.12 -25.77
N GLU F 150 8.20 54.33 -26.16
CA GLU F 150 9.32 53.58 -25.58
C GLU F 150 9.51 53.86 -24.09
N SER F 151 9.25 55.10 -23.67
CA SER F 151 9.39 55.47 -22.25
C SER F 151 8.38 54.73 -21.38
N VAL F 152 7.21 54.43 -21.95
CA VAL F 152 6.16 53.68 -21.26
C VAL F 152 6.61 52.23 -21.09
N ARG F 153 7.18 51.65 -22.14
CA ARG F 153 7.72 50.29 -22.07
C ARG F 153 8.98 50.25 -21.19
N ASN F 154 9.83 51.27 -21.33
CA ASN F 154 10.99 51.49 -20.44
C ASN F 154 10.66 51.35 -18.96
N GLY F 155 9.53 51.94 -18.55
CA GLY F 155 9.23 52.21 -17.15
C GLY F 155 9.58 53.64 -16.78
N THR F 156 9.98 54.41 -17.79
CA THR F 156 10.56 55.75 -17.60
C THR F 156 9.63 56.86 -18.09
N TYR F 157 8.34 56.58 -18.22
CA TYR F 157 7.40 57.58 -18.71
C TYR F 157 7.41 58.80 -17.80
N ASP F 158 7.90 59.92 -18.32
CA ASP F 158 8.06 61.14 -17.52
C ASP F 158 6.73 61.87 -17.39
N TYR F 159 5.96 61.47 -16.37
CA TYR F 159 4.64 62.05 -16.10
C TYR F 159 4.67 63.58 -16.01
N PRO F 160 5.56 64.17 -15.18
CA PRO F 160 5.65 65.62 -15.06
C PRO F 160 5.87 66.43 -16.35
N GLN F 161 6.47 65.80 -17.37
CA GLN F 161 6.71 66.49 -18.65
C GLN F 161 5.40 66.64 -19.45
N TYR F 162 4.62 65.57 -19.49
CA TYR F 162 3.38 65.56 -20.27
C TYR F 162 2.16 66.01 -19.44
N SER F 163 2.41 66.52 -18.23
CA SER F 163 1.35 67.08 -17.38
C SER F 163 1.35 68.59 -17.49
#